data_5ESS
#
_entry.id   5ESS
#
_cell.length_a   101.144
_cell.length_b   143.551
_cell.length_c   174.289
_cell.angle_alpha   90.000
_cell.angle_beta   90.000
_cell.angle_gamma   90.000
#
_symmetry.space_group_name_H-M   'P 21 21 21'
#
loop_
_entity.id
_entity.type
_entity.pdbx_description
1 polymer '2-succinyl-5-enolpyruvyl-6-hydroxy-3-cyclohexene-1-carboxylate synthase'
2 non-polymer 'MAGNESIUM ION'
3 non-polymer 'FORMIC ACID'
4 non-polymer DIPHOSPHATE
5 non-polymer GLYCEROL
6 non-polymer '4-[3-[(4-azanyl-2-methyl-pyrimidin-5-yl)methyl]-4-methyl-5-[2-[oxidanyl(phosphonooxy)phosphoryl]oxyethyl]-1,3-thiazol-3 -ium-2-yl]-4-oxidanyl-butanoic acid'
7 non-polymer 'ACETATE ION'
8 water water
#
_entity_poly.entity_id   1
_entity_poly.type   'polypeptide(L)'
_entity_poly.pdbx_seq_one_letter_code
;MGSSHHHHHHSSGLVPRGSHMNPSTTQARVVVDELIRGGVRDVVLCPGSRNAPLAFALQDADRSGRIRLHVRIDERTAGY
LAIGLAIGAGAPVCVAMTSGTAVANLGPAVVEANYARVPLIVLSANRPYELLGTGANQTMEQLGYFGTQVRASISLGLAE
DAPERTSALNATWRSATCRVLAAATGARTANAGPVHFDIPLREPLVPDPEPLGAVTPPGRPAGKPWTYTPPVTFDQPLDI
DLSVDTVVISGHGAGVHPNLAALPTVAEPTAPRSGDNPLHPLALPLLRPQQVIMLGRPTLHRPVSVLLADAEVPVFALTT
GPRWPDVSGNSQATGTRAVTTGAPRPAWLDRCAAMNRHAIAAVREQLAAHPLTTGLHVAAAVSHALRPGDQLVLGASNPV
RDVALAGLDTRGIRVRSNRGVAGIDGTVSTAIGAALAYEGAHERTGSPDSPPRTIALIGDLTFVHDSSGLLIGPTEPIPR
SLTIVVSNDNGGGIFELLEQGDPRFSDVSSRIFGTPHDVDVGALCRAYHVESRQIEVDELGPTLDQPGAGMRVLEVKADR
SSLRQLHAAIKAAL
;
_entity_poly.pdbx_strand_id   A,B,C,D
#
loop_
_chem_comp.id
_chem_comp.type
_chem_comp.name
_chem_comp.formula
ACT non-polymer 'ACETATE ION' 'C2 H3 O2 -1'
DPO non-polymer DIPHOSPHATE 'O7 P2 -4'
FMT non-polymer 'FORMIC ACID' 'C H2 O2'
GOL non-polymer GLYCEROL 'C3 H8 O3'
MG non-polymer 'MAGNESIUM ION' 'Mg 2'
TOG non-polymer '4-[3-[(4-azanyl-2-methyl-pyrimidin-5-yl)methyl]-4-methyl-5-[2-[oxidanyl(phosphonooxy)phosphoryl]oxyethyl]-1,3-thiazol-3 -ium-2-yl]-4-oxidanyl-butanoic acid' 'C16 H24 N4 O10 P2 S'
#
# COMPACT_ATOMS: atom_id res chain seq x y z
N MET A 21 27.79 11.20 -22.38
CA MET A 21 27.28 9.99 -21.75
C MET A 21 25.77 10.07 -21.50
N ASN A 22 25.01 9.09 -22.00
CA ASN A 22 23.56 9.18 -21.96
C ASN A 22 23.04 9.13 -20.51
N PRO A 23 21.83 9.64 -20.27
CA PRO A 23 21.36 9.76 -18.88
C PRO A 23 21.36 8.46 -18.09
N SER A 24 20.89 7.34 -18.69
CA SER A 24 20.83 6.08 -17.97
C SER A 24 22.22 5.61 -17.53
N THR A 25 23.20 5.66 -18.45
CA THR A 25 24.56 5.23 -18.12
C THR A 25 25.16 6.11 -17.04
N THR A 26 24.94 7.43 -17.14
CA THR A 26 25.47 8.36 -16.14
C THR A 26 24.89 8.08 -14.77
N GLN A 27 23.56 7.97 -14.68
CA GLN A 27 22.92 7.70 -13.41
C GLN A 27 23.45 6.39 -12.81
N ALA A 28 23.48 5.32 -13.63
CA ALA A 28 23.93 4.02 -13.13
C ALA A 28 25.36 4.07 -12.60
N ARG A 29 26.23 4.79 -13.29
CA ARG A 29 27.63 4.87 -12.85
C ARG A 29 27.75 5.67 -11.56
N VAL A 30 26.97 6.74 -11.41
CA VAL A 30 27.00 7.51 -10.16
C VAL A 30 26.51 6.65 -8.99
N VAL A 31 25.40 5.94 -9.18
CA VAL A 31 24.86 5.10 -8.10
C VAL A 31 25.85 4.00 -7.72
N VAL A 32 26.39 3.28 -8.71
CA VAL A 32 27.35 2.21 -8.43
C VAL A 32 28.56 2.77 -7.68
N ASP A 33 29.02 3.97 -8.09
CA ASP A 33 30.16 4.59 -7.43
C ASP A 33 29.86 4.87 -5.96
N GLU A 34 28.74 5.54 -5.69
CA GLU A 34 28.38 5.86 -4.32
C GLU A 34 28.14 4.60 -3.48
N LEU A 35 27.57 3.54 -4.06
CA LEU A 35 27.44 2.28 -3.30
C LEU A 35 28.80 1.75 -2.86
N ILE A 36 29.80 1.78 -3.74
CA ILE A 36 31.15 1.35 -3.37
C ILE A 36 31.74 2.24 -2.28
N ARG A 37 31.55 3.57 -2.40
CA ARG A 37 32.03 4.47 -1.34
C ARG A 37 31.36 4.18 -0.01
N GLY A 38 30.12 3.70 -0.04
CA GLY A 38 29.37 3.39 1.15
C GLY A 38 29.73 2.10 1.83
N GLY A 39 30.69 1.35 1.28
CA GLY A 39 31.14 0.12 1.89
C GLY A 39 30.61 -1.15 1.28
N VAL A 40 29.94 -1.08 0.13
CA VAL A 40 29.46 -2.29 -0.53
C VAL A 40 30.64 -2.93 -1.27
N ARG A 41 30.92 -4.20 -0.93
CA ARG A 41 32.02 -4.94 -1.54
C ARG A 41 31.56 -6.03 -2.49
N ASP A 42 30.34 -6.54 -2.33
CA ASP A 42 29.80 -7.60 -3.18
C ASP A 42 28.43 -7.21 -3.70
N VAL A 43 28.16 -7.55 -4.96
CA VAL A 43 26.89 -7.23 -5.60
C VAL A 43 26.43 -8.46 -6.35
N VAL A 44 25.22 -8.91 -6.08
CA VAL A 44 24.63 -10.00 -6.84
C VAL A 44 23.81 -9.39 -7.96
N LEU A 45 23.97 -9.92 -9.18
CA LEU A 45 23.28 -9.38 -10.35
C LEU A 45 22.54 -10.49 -11.07
N CYS A 46 21.26 -10.23 -11.42
CA CYS A 46 20.55 -11.18 -12.27
C CYS A 46 20.29 -10.52 -13.62
N PRO A 47 20.18 -11.30 -14.69
CA PRO A 47 20.16 -10.71 -16.05
C PRO A 47 18.83 -10.10 -16.42
N GLY A 48 18.92 -9.10 -17.30
CA GLY A 48 17.76 -8.48 -17.90
C GLY A 48 18.19 -7.36 -18.84
N SER A 49 17.23 -6.89 -19.62
CA SER A 49 17.50 -5.73 -20.45
C SER A 49 17.25 -4.42 -19.70
N ARG A 50 16.17 -4.33 -18.91
CA ARG A 50 15.84 -3.07 -18.25
C ARG A 50 16.90 -2.66 -17.23
N ASN A 51 17.58 -3.62 -16.60
CA ASN A 51 18.67 -3.28 -15.70
C ASN A 51 20.03 -3.22 -16.39
N ALA A 52 20.07 -3.17 -17.72
CA ALA A 52 21.36 -3.10 -18.42
C ALA A 52 22.23 -1.93 -17.95
N PRO A 53 21.71 -0.74 -17.61
CA PRO A 53 22.60 0.31 -17.12
C PRO A 53 23.28 -0.05 -15.83
N LEU A 54 22.58 -0.75 -14.94
CA LEU A 54 23.20 -1.23 -13.73
C LEU A 54 24.22 -2.32 -14.01
N ALA A 55 23.91 -3.25 -14.92
CA ALA A 55 24.79 -4.38 -15.17
C ALA A 55 26.13 -3.94 -15.75
N PHE A 56 26.09 -3.06 -16.76
CA PHE A 56 27.32 -2.49 -17.34
C PHE A 56 28.14 -1.77 -16.28
N ALA A 57 27.49 -0.91 -15.47
CA ALA A 57 28.22 -0.15 -14.46
C ALA A 57 28.86 -1.07 -13.43
N LEU A 58 28.13 -2.10 -12.98
CA LEU A 58 28.68 -3.01 -11.98
C LEU A 58 29.83 -3.85 -12.55
N GLN A 59 29.71 -4.29 -13.80
CA GLN A 59 30.77 -5.09 -14.36
C GLN A 59 32.05 -4.28 -14.53
N ASP A 60 31.91 -2.98 -14.84
CA ASP A 60 33.07 -2.09 -14.86
C ASP A 60 33.74 -2.01 -13.49
N ALA A 61 32.95 -1.86 -12.42
CA ALA A 61 33.54 -1.82 -11.09
C ALA A 61 34.21 -3.15 -10.74
N ASP A 62 33.61 -4.26 -11.18
CA ASP A 62 34.21 -5.57 -10.94
C ASP A 62 35.55 -5.66 -11.66
N ARG A 63 35.58 -5.27 -12.94
CA ARG A 63 36.77 -5.41 -13.76
C ARG A 63 37.94 -4.63 -13.20
N SER A 64 37.69 -3.48 -12.58
CA SER A 64 38.72 -2.69 -11.95
C SER A 64 38.87 -2.99 -10.47
N GLY A 65 38.22 -4.04 -9.98
CA GLY A 65 38.47 -4.50 -8.62
C GLY A 65 37.92 -3.64 -7.51
N ARG A 66 36.91 -2.81 -7.76
CA ARG A 66 36.30 -2.05 -6.66
C ARG A 66 35.26 -2.87 -5.93
N ILE A 67 34.60 -3.81 -6.61
CA ILE A 67 33.65 -4.75 -6.03
C ILE A 67 33.89 -6.10 -6.67
N ARG A 68 33.26 -7.11 -6.08
CA ARG A 68 33.22 -8.46 -6.61
C ARG A 68 31.78 -8.77 -7.03
N LEU A 69 31.61 -9.02 -8.33
CA LEU A 69 30.29 -9.23 -8.90
C LEU A 69 29.96 -10.72 -8.88
N HIS A 70 28.70 -11.05 -8.60
CA HIS A 70 28.22 -12.43 -8.63
C HIS A 70 26.94 -12.49 -9.46
N VAL A 71 26.99 -13.13 -10.61
CA VAL A 71 25.83 -13.24 -11.49
C VAL A 71 25.09 -14.54 -11.17
N ARG A 72 23.76 -14.47 -11.08
CA ARG A 72 22.93 -15.66 -10.89
C ARG A 72 21.71 -15.60 -11.81
N ILE A 73 21.04 -16.74 -11.96
CA ILE A 73 19.89 -16.88 -12.84
C ILE A 73 18.58 -16.64 -12.10
N ASP A 74 18.49 -17.15 -10.87
CA ASP A 74 17.23 -17.24 -10.14
C ASP A 74 17.25 -16.17 -9.06
N GLU A 75 16.49 -15.10 -9.28
CA GLU A 75 16.40 -13.99 -8.34
C GLU A 75 16.13 -14.46 -6.91
N ARG A 76 15.31 -15.51 -6.74
CA ARG A 76 14.92 -15.87 -5.38
C ARG A 76 16.12 -16.37 -4.59
N THR A 77 16.78 -17.40 -5.10
CA THR A 77 17.94 -17.90 -4.41
C THR A 77 19.09 -16.88 -4.46
N ALA A 78 19.11 -15.99 -5.47
CA ALA A 78 20.11 -14.92 -5.49
C ALA A 78 19.97 -13.96 -4.31
N GLY A 79 18.77 -13.77 -3.78
CA GLY A 79 18.64 -12.89 -2.62
C GLY A 79 19.26 -13.51 -1.38
N TYR A 80 19.11 -14.83 -1.23
CA TYR A 80 19.76 -15.51 -0.11
C TYR A 80 21.27 -15.58 -0.29
N LEU A 81 21.76 -15.65 -1.52
CA LEU A 81 23.20 -15.48 -1.76
C LEU A 81 23.67 -14.12 -1.23
N ALA A 82 22.94 -13.04 -1.57
CA ALA A 82 23.31 -11.73 -1.05
C ALA A 82 23.26 -11.70 0.48
N ILE A 83 22.22 -12.31 1.06
CA ILE A 83 22.15 -12.46 2.51
C ILE A 83 23.44 -13.10 3.05
N GLY A 84 23.83 -14.24 2.46
CA GLY A 84 25.07 -14.88 2.86
C GLY A 84 26.28 -13.96 2.77
N LEU A 85 26.42 -13.26 1.64
CA LEU A 85 27.46 -12.26 1.50
C LEU A 85 27.38 -11.18 2.57
N ALA A 86 26.18 -10.90 3.11
CA ALA A 86 26.13 -9.85 4.12
C ALA A 86 26.49 -10.39 5.49
N ILE A 87 25.99 -11.57 5.85
CA ILE A 87 26.26 -12.08 7.19
C ILE A 87 27.67 -12.64 7.31
N GLY A 88 28.30 -13.01 6.19
CA GLY A 88 29.62 -13.62 6.26
C GLY A 88 30.67 -12.68 6.82
N ALA A 89 30.59 -11.39 6.44
CA ALA A 89 31.55 -10.40 6.92
C ALA A 89 30.93 -9.15 7.53
N GLY A 90 29.60 -8.98 7.49
CA GLY A 90 28.98 -7.85 8.16
C GLY A 90 28.78 -6.61 7.34
N ALA A 91 28.79 -6.72 6.01
CA ALA A 91 28.77 -5.56 5.12
C ALA A 91 27.45 -5.47 4.36
N PRO A 92 27.02 -4.26 3.98
CA PRO A 92 25.81 -4.13 3.15
C PRO A 92 26.07 -4.75 1.79
N VAL A 93 25.06 -5.43 1.26
CA VAL A 93 25.19 -6.16 -0.01
C VAL A 93 23.99 -5.80 -0.88
N CYS A 94 24.24 -5.51 -2.16
CA CYS A 94 23.20 -5.21 -3.14
CA CYS A 94 23.18 -5.21 -3.11
C CYS A 94 22.91 -6.41 -4.02
N VAL A 95 21.64 -6.59 -4.36
CA VAL A 95 21.23 -7.54 -5.40
C VAL A 95 20.46 -6.72 -6.43
N ALA A 96 20.84 -6.87 -7.69
CA ALA A 96 20.28 -6.03 -8.75
C ALA A 96 19.56 -6.93 -9.74
N MET A 97 18.38 -6.51 -10.18
CA MET A 97 17.58 -7.36 -11.08
C MET A 97 16.74 -6.47 -11.99
N THR A 98 16.08 -7.11 -12.95
CA THR A 98 15.24 -6.40 -13.92
C THR A 98 13.85 -6.15 -13.32
N SER A 99 13.00 -5.47 -14.10
CA SER A 99 11.65 -5.16 -13.64
C SER A 99 10.74 -6.37 -13.76
N GLY A 100 9.65 -6.35 -12.99
CA GLY A 100 8.59 -7.33 -13.07
C GLY A 100 8.73 -8.42 -12.03
N THR A 101 8.44 -9.67 -12.38
CA THR A 101 8.45 -10.74 -11.36
C THR A 101 9.82 -10.97 -10.78
N ALA A 102 10.88 -10.64 -11.52
CA ALA A 102 12.23 -10.67 -10.96
C ALA A 102 12.29 -9.94 -9.62
N VAL A 103 11.62 -8.79 -9.52
CA VAL A 103 11.60 -8.07 -8.25
C VAL A 103 10.77 -8.83 -7.22
N ALA A 104 9.60 -9.36 -7.63
CA ALA A 104 8.75 -10.10 -6.69
C ALA A 104 9.46 -11.34 -6.14
N ASN A 105 10.40 -11.91 -6.90
CA ASN A 105 11.13 -13.09 -6.45
C ASN A 105 12.06 -12.80 -5.28
N LEU A 106 12.30 -11.52 -4.96
CA LEU A 106 13.12 -11.14 -3.81
C LEU A 106 12.34 -11.15 -2.51
N GLY A 107 11.02 -11.30 -2.58
CA GLY A 107 10.17 -11.29 -1.40
C GLY A 107 10.67 -12.20 -0.31
N PRO A 108 10.91 -13.48 -0.63
CA PRO A 108 11.35 -14.40 0.44
C PRO A 108 12.60 -13.93 1.14
N ALA A 109 13.61 -13.49 0.38
CA ALA A 109 14.83 -13.04 1.03
C ALA A 109 14.63 -11.72 1.74
N VAL A 110 13.74 -10.87 1.24
CA VAL A 110 13.44 -9.63 1.97
C VAL A 110 12.82 -9.93 3.34
N VAL A 111 11.93 -10.93 3.40
CA VAL A 111 11.30 -11.26 4.69
C VAL A 111 12.36 -11.75 5.68
N GLU A 112 13.26 -12.65 5.23
CA GLU A 112 14.34 -13.13 6.10
C GLU A 112 15.24 -11.98 6.55
N ALA A 113 15.65 -11.15 5.60
CA ALA A 113 16.53 -10.03 5.93
C ALA A 113 15.89 -9.09 6.94
N ASN A 114 14.55 -8.97 6.90
CA ASN A 114 13.86 -8.08 7.84
C ASN A 114 13.96 -8.61 9.25
N TYR A 115 13.59 -9.87 9.47
CA TYR A 115 13.56 -10.42 10.81
C TYR A 115 14.94 -10.75 11.35
N ALA A 116 15.90 -11.05 10.47
CA ALA A 116 17.28 -11.28 10.88
C ALA A 116 18.12 -10.01 10.84
N ARG A 117 17.54 -8.87 10.47
CA ARG A 117 18.24 -7.58 10.49
C ARG A 117 19.49 -7.60 9.61
N VAL A 118 19.30 -7.98 8.35
CA VAL A 118 20.39 -8.14 7.39
C VAL A 118 20.41 -6.95 6.44
N PRO A 119 21.55 -6.29 6.25
CA PRO A 119 21.58 -5.11 5.37
C PRO A 119 21.55 -5.47 3.89
N LEU A 120 20.35 -5.84 3.41
CA LEU A 120 20.13 -6.32 2.05
C LEU A 120 19.51 -5.20 1.21
N ILE A 121 20.24 -4.76 0.19
CA ILE A 121 19.76 -3.69 -0.70
C ILE A 121 19.23 -4.34 -1.96
N VAL A 122 17.92 -4.28 -2.14
CA VAL A 122 17.26 -4.71 -3.37
C VAL A 122 17.26 -3.52 -4.33
N LEU A 123 18.02 -3.63 -5.40
CA LEU A 123 18.24 -2.54 -6.33
C LEU A 123 17.60 -2.95 -7.66
N SER A 124 16.36 -2.51 -7.88
CA SER A 124 15.58 -2.98 -9.02
C SER A 124 15.55 -1.91 -10.10
N ALA A 125 15.62 -2.36 -11.36
CA ALA A 125 15.28 -1.51 -12.48
C ALA A 125 13.77 -1.47 -12.67
N ASN A 126 13.29 -0.35 -13.17
CA ASN A 126 11.88 -0.20 -13.49
C ASN A 126 11.75 0.55 -14.81
N ARG A 127 10.57 0.47 -15.41
CA ARG A 127 10.16 1.42 -16.42
C ARG A 127 9.81 2.76 -15.77
N PRO A 128 9.70 3.85 -16.55
CA PRO A 128 9.18 5.10 -15.99
C PRO A 128 7.81 4.87 -15.35
N TYR A 129 7.63 5.46 -14.16
CA TYR A 129 6.41 5.24 -13.37
C TYR A 129 5.13 5.61 -14.13
N GLU A 130 5.18 6.60 -15.02
CA GLU A 130 3.98 6.95 -15.79
C GLU A 130 3.55 5.86 -16.76
N LEU A 131 4.37 4.84 -17.00
CA LEU A 131 3.98 3.71 -17.83
C LEU A 131 3.17 2.66 -17.08
N LEU A 132 3.04 2.78 -15.77
CA LEU A 132 2.22 1.85 -15.00
C LEU A 132 0.78 1.92 -15.48
N GLY A 133 0.21 0.77 -15.80
CA GLY A 133 -1.18 0.76 -16.21
C GLY A 133 -1.43 1.02 -17.68
N THR A 134 -0.40 0.97 -18.53
CA THR A 134 -0.56 1.23 -19.96
C THR A 134 -0.46 -0.03 -20.79
N GLY A 135 -0.20 -1.17 -20.16
CA GLY A 135 -0.03 -2.40 -20.89
C GLY A 135 1.40 -2.70 -21.26
N ALA A 136 2.34 -1.85 -20.84
CA ALA A 136 3.75 -2.06 -21.13
C ALA A 136 4.21 -3.44 -20.68
N ASN A 137 5.01 -4.08 -21.54
CA ASN A 137 5.48 -5.42 -21.27
C ASN A 137 6.31 -5.46 -19.98
N GLN A 138 6.09 -6.50 -19.18
CA GLN A 138 6.92 -6.79 -18.00
C GLN A 138 6.97 -5.59 -17.03
N THR A 139 5.80 -5.03 -16.73
CA THR A 139 5.70 -3.90 -15.83
C THR A 139 4.67 -4.20 -14.73
N MET A 140 4.96 -3.75 -13.52
CA MET A 140 4.06 -3.99 -12.39
C MET A 140 4.29 -2.90 -11.35
N GLU A 141 3.40 -2.85 -10.36
CA GLU A 141 3.54 -1.94 -9.23
C GLU A 141 4.72 -2.38 -8.39
N GLN A 142 5.88 -1.75 -8.57
CA GLN A 142 7.11 -2.16 -7.91
C GLN A 142 7.40 -1.40 -6.63
N LEU A 143 7.20 -0.10 -6.65
CA LEU A 143 7.44 0.73 -5.48
C LEU A 143 6.39 0.39 -4.42
N GLY A 144 6.86 0.06 -3.22
CA GLY A 144 5.98 -0.41 -2.16
C GLY A 144 5.54 -1.86 -2.28
N TYR A 145 6.07 -2.61 -3.26
CA TYR A 145 5.73 -4.03 -3.37
C TYR A 145 5.98 -4.79 -2.06
N PHE A 146 7.03 -4.41 -1.32
CA PHE A 146 7.40 -5.15 -0.11
C PHE A 146 6.68 -4.65 1.14
N GLY A 147 6.01 -3.49 1.06
CA GLY A 147 5.27 -2.99 2.21
C GLY A 147 6.16 -2.69 3.39
N THR A 148 5.78 -3.20 4.56
CA THR A 148 6.48 -2.88 5.81
C THR A 148 7.67 -3.81 6.09
N GLN A 149 8.00 -4.72 5.17
CA GLN A 149 9.16 -5.59 5.37
C GLN A 149 10.48 -4.84 5.24
N VAL A 150 10.53 -3.75 4.44
CA VAL A 150 11.79 -3.04 4.22
C VAL A 150 11.90 -1.85 5.16
N ARG A 151 13.15 -1.49 5.49
CA ARG A 151 13.44 -0.31 6.28
C ARG A 151 13.08 0.97 5.53
N ALA A 152 13.08 0.93 4.20
CA ALA A 152 12.77 2.11 3.41
C ALA A 152 12.55 1.65 1.97
N SER A 153 11.74 2.43 1.26
CA SER A 153 11.51 2.30 -0.18
C SER A 153 11.88 3.63 -0.82
N ILE A 154 12.92 3.63 -1.63
CA ILE A 154 13.45 4.86 -2.19
C ILE A 154 13.50 4.74 -3.70
N SER A 155 13.15 5.82 -4.37
CA SER A 155 13.11 5.90 -5.81
C SER A 155 14.05 7.02 -6.27
N LEU A 156 14.74 6.80 -7.39
CA LEU A 156 15.43 7.90 -8.05
C LEU A 156 14.51 8.54 -9.07
N GLY A 157 14.72 9.83 -9.34
CA GLY A 157 14.02 10.46 -10.43
C GLY A 157 14.54 9.99 -11.77
N LEU A 158 13.63 9.83 -12.74
CA LEU A 158 14.03 9.45 -14.08
C LEU A 158 15.08 10.42 -14.61
N ALA A 159 16.18 9.86 -15.13
CA ALA A 159 17.32 10.70 -15.50
C ALA A 159 16.99 11.53 -16.73
N GLU A 160 17.09 12.85 -16.60
CA GLU A 160 16.84 13.72 -17.72
C GLU A 160 18.12 14.04 -18.47
N ASP A 161 17.98 14.32 -19.77
CA ASP A 161 19.05 14.87 -20.59
C ASP A 161 19.10 16.39 -20.36
N ALA A 162 19.94 16.81 -19.43
CA ALA A 162 20.06 18.23 -19.07
C ALA A 162 21.41 18.44 -18.43
N PRO A 163 22.46 18.56 -19.25
CA PRO A 163 23.83 18.74 -18.69
C PRO A 163 24.01 19.96 -17.81
N GLU A 164 23.20 21.01 -18.00
CA GLU A 164 23.35 22.20 -17.19
C GLU A 164 23.17 21.91 -15.70
N ARG A 165 22.34 20.93 -15.33
CA ARG A 165 22.18 20.56 -13.94
C ARG A 165 22.72 19.16 -13.64
N THR A 166 23.80 18.78 -14.33
CA THR A 166 24.45 17.52 -14.05
C THR A 166 24.93 17.45 -12.60
N SER A 167 25.50 18.53 -12.09
CA SER A 167 26.03 18.48 -10.74
C SER A 167 24.90 18.44 -9.71
N ALA A 168 23.77 19.07 -10.03
CA ALA A 168 22.63 19.02 -9.11
C ALA A 168 22.02 17.63 -9.07
N LEU A 169 21.90 16.98 -10.24
CA LEU A 169 21.43 15.60 -10.29
C LEU A 169 22.41 14.66 -9.60
N ASN A 170 23.71 14.90 -9.77
CA ASN A 170 24.70 14.08 -9.07
C ASN A 170 24.49 14.13 -7.56
N ALA A 171 24.24 15.33 -7.00
CA ALA A 171 24.01 15.43 -5.56
C ALA A 171 22.77 14.67 -5.12
N THR A 172 21.67 14.77 -5.88
CA THR A 172 20.45 14.07 -5.45
C THR A 172 20.60 12.56 -5.56
N TRP A 173 21.34 12.08 -6.57
CA TRP A 173 21.52 10.63 -6.72
C TRP A 173 22.37 10.07 -5.59
N ARG A 174 23.44 10.76 -5.22
CA ARG A 174 24.34 10.23 -4.20
C ARG A 174 23.73 10.34 -2.81
N SER A 175 22.98 11.41 -2.56
CA SER A 175 22.24 11.53 -1.33
C SER A 175 21.26 10.38 -1.17
N ALA A 176 20.46 10.13 -2.20
CA ALA A 176 19.53 9.01 -2.16
C ALA A 176 20.25 7.70 -1.88
N THR A 177 21.38 7.48 -2.57
CA THR A 177 22.15 6.27 -2.33
C THR A 177 22.64 6.21 -0.89
N CYS A 178 23.00 7.36 -0.31
CA CYS A 178 23.40 7.37 1.10
C CYS A 178 22.23 7.11 2.03
N ARG A 179 21.01 7.50 1.65
CA ARG A 179 19.87 7.18 2.49
C ARG A 179 19.61 5.69 2.47
N VAL A 180 19.74 5.08 1.30
CA VAL A 180 19.56 3.64 1.17
C VAL A 180 20.53 2.89 2.09
N LEU A 181 21.82 3.22 2.01
CA LEU A 181 22.84 2.54 2.81
C LEU A 181 22.61 2.74 4.30
N ALA A 182 22.21 3.95 4.71
CA ALA A 182 22.01 4.20 6.13
C ALA A 182 20.82 3.42 6.67
N ALA A 183 19.74 3.32 5.89
CA ALA A 183 18.58 2.57 6.35
C ALA A 183 18.90 1.09 6.43
N ALA A 184 19.67 0.59 5.46
CA ALA A 184 19.98 -0.84 5.39
C ALA A 184 20.94 -1.27 6.50
N THR A 185 21.99 -0.48 6.77
CA THR A 185 22.90 -0.80 7.86
C THR A 185 22.39 -0.32 9.21
N GLY A 186 21.28 0.41 9.24
CA GLY A 186 20.81 0.96 10.50
C GLY A 186 21.75 1.99 11.09
N ALA A 187 22.40 2.78 10.23
CA ALA A 187 23.41 3.75 10.71
C ALA A 187 22.80 4.74 11.70
N ARG A 188 21.55 5.14 11.47
CA ARG A 188 20.88 6.07 12.37
C ARG A 188 19.89 5.38 13.29
N THR A 189 19.42 4.20 12.92
CA THR A 189 18.35 3.51 13.65
C THR A 189 18.84 2.41 14.57
N ALA A 190 20.03 1.85 14.33
CA ALA A 190 20.52 0.65 15.03
C ALA A 190 19.67 -0.57 14.72
N ASN A 191 18.95 -0.55 13.60
CA ASN A 191 18.06 -1.64 13.21
C ASN A 191 18.27 -1.91 11.72
N ALA A 192 19.35 -2.62 11.40
CA ALA A 192 19.64 -2.96 10.01
C ALA A 192 18.54 -3.85 9.44
N GLY A 193 18.42 -3.82 8.11
CA GLY A 193 17.38 -4.56 7.43
C GLY A 193 17.38 -4.27 5.95
N PRO A 194 16.41 -4.83 5.21
CA PRO A 194 16.41 -4.70 3.77
C PRO A 194 15.82 -3.38 3.32
N VAL A 195 16.28 -2.93 2.16
CA VAL A 195 15.85 -1.65 1.60
C VAL A 195 15.54 -1.86 0.13
N HIS A 196 14.39 -1.34 -0.32
CA HIS A 196 14.05 -1.35 -1.73
C HIS A 196 14.47 -0.03 -2.38
N PHE A 197 15.34 -0.13 -3.40
CA PHE A 197 15.92 0.99 -4.14
C PHE A 197 15.49 0.79 -5.60
N ASP A 198 14.46 1.51 -6.03
CA ASP A 198 13.87 1.34 -7.36
C ASP A 198 14.35 2.46 -8.28
N ILE A 199 14.79 2.13 -9.48
CA ILE A 199 15.35 3.09 -10.41
C ILE A 199 14.61 3.00 -11.74
N PRO A 200 13.70 3.93 -12.02
CA PRO A 200 13.07 3.98 -13.35
C PRO A 200 14.09 4.36 -14.40
N LEU A 201 14.11 3.60 -15.50
CA LEU A 201 15.15 3.71 -16.52
C LEU A 201 14.50 3.64 -17.90
N ARG A 202 14.93 4.53 -18.79
CA ARG A 202 14.41 4.52 -20.15
C ARG A 202 15.54 4.61 -21.16
N GLU A 203 15.24 4.17 -22.38
CA GLU A 203 16.18 4.14 -23.47
C GLU A 203 16.77 5.52 -23.78
N PRO A 204 18.04 5.57 -24.22
CA PRO A 204 18.88 4.37 -24.42
C PRO A 204 19.40 3.76 -23.12
N LEU A 205 19.39 2.43 -23.05
CA LEU A 205 19.80 1.70 -21.85
C LEU A 205 21.25 1.22 -21.87
N VAL A 206 21.90 1.16 -23.04
CA VAL A 206 23.29 0.70 -23.12
C VAL A 206 24.21 1.90 -23.29
N PRO A 207 25.50 1.80 -22.93
CA PRO A 207 26.40 2.94 -23.13
C PRO A 207 26.56 3.27 -24.60
N ASP A 208 26.59 4.56 -24.90
CA ASP A 208 26.65 5.03 -26.27
C ASP A 208 28.01 4.75 -26.89
N PRO A 209 28.08 4.61 -28.22
CA PRO A 209 29.40 4.45 -28.84
C PRO A 209 30.25 5.70 -28.60
N GLU A 210 29.57 6.85 -28.46
CA GLU A 210 30.13 8.14 -28.31
C GLU A 210 29.24 8.92 -27.40
N PRO A 211 29.85 9.60 -26.47
CA PRO A 211 31.27 9.95 -26.33
C PRO A 211 32.02 8.74 -25.78
N LEU A 212 33.16 8.61 -26.39
CA LEU A 212 34.19 7.84 -25.79
C LEU A 212 34.80 8.66 -24.68
N GLY A 213 35.31 7.97 -23.67
CA GLY A 213 35.93 8.63 -22.55
C GLY A 213 35.15 9.81 -21.98
N ALA A 214 33.90 9.57 -21.57
CA ALA A 214 33.21 10.55 -20.74
C ALA A 214 33.66 10.37 -19.29
N VAL A 215 33.38 11.38 -18.48
CA VAL A 215 33.74 11.37 -17.07
C VAL A 215 32.46 11.26 -16.25
N THR A 216 32.42 10.31 -15.32
CA THR A 216 31.26 10.20 -14.45
C THR A 216 31.32 11.31 -13.39
N PRO A 217 30.20 11.96 -13.10
CA PRO A 217 30.22 13.09 -12.15
C PRO A 217 30.82 12.65 -10.83
N PRO A 218 31.76 13.42 -10.30
CA PRO A 218 32.57 12.94 -9.19
C PRO A 218 31.84 13.00 -7.86
N GLY A 219 32.16 12.03 -7.00
CA GLY A 219 31.76 12.07 -5.61
C GLY A 219 32.64 13.00 -4.81
N ARG A 220 32.67 12.77 -3.49
CA ARG A 220 33.48 13.59 -2.61
C ARG A 220 34.97 13.28 -2.80
N PRO A 221 35.84 14.21 -2.42
CA PRO A 221 37.27 13.91 -2.44
C PRO A 221 37.63 12.84 -1.43
N ALA A 222 38.70 12.10 -1.75
CA ALA A 222 39.28 11.06 -0.92
C ALA A 222 38.38 9.83 -0.78
N GLY A 223 37.50 9.58 -1.75
CA GLY A 223 36.60 8.44 -1.67
C GLY A 223 35.58 8.47 -0.56
N LYS A 224 35.34 9.61 0.07
CA LYS A 224 34.38 9.69 1.15
C LYS A 224 32.95 9.57 0.63
N PRO A 225 32.04 9.03 1.44
CA PRO A 225 30.62 9.00 1.06
C PRO A 225 30.07 10.40 0.90
N TRP A 226 29.10 10.55 -0.02
CA TRP A 226 28.57 11.88 -0.34
C TRP A 226 27.98 12.56 0.89
N THR A 227 27.08 11.89 1.58
CA THR A 227 26.65 12.30 2.90
C THR A 227 27.13 11.25 3.89
N TYR A 228 28.03 11.63 4.77
CA TYR A 228 28.63 10.69 5.68
C TYR A 228 27.80 10.60 6.95
N THR A 229 27.38 9.40 7.30
CA THR A 229 26.62 9.13 8.53
C THR A 229 27.32 7.99 9.25
N PRO A 230 27.96 8.27 10.39
CA PRO A 230 28.67 7.20 11.13
C PRO A 230 27.69 6.29 11.84
N PRO A 231 28.12 5.07 12.19
CA PRO A 231 27.21 4.13 12.87
C PRO A 231 26.84 4.62 14.26
N VAL A 232 25.53 4.71 14.51
CA VAL A 232 25.04 5.17 15.80
C VAL A 232 25.51 4.23 16.91
N THR A 233 25.76 4.81 18.07
CA THR A 233 25.87 4.07 19.30
C THR A 233 24.54 4.22 20.03
N PHE A 234 23.83 3.10 20.19
CA PHE A 234 22.51 3.05 20.78
C PHE A 234 22.63 2.41 22.16
N ASP A 235 22.25 3.14 23.20
CA ASP A 235 22.54 2.71 24.56
C ASP A 235 21.31 2.86 25.45
N GLN A 236 21.05 1.82 26.24
CA GLN A 236 19.91 1.82 27.17
C GLN A 236 20.27 0.98 28.37
N PRO A 237 20.94 1.57 29.36
CA PRO A 237 21.33 0.81 30.55
C PRO A 237 20.13 0.40 31.38
N LEU A 238 20.22 -0.80 31.94
CA LEU A 238 19.15 -1.39 32.73
C LEU A 238 19.75 -2.02 33.98
N ASP A 239 19.18 -1.72 35.15
CA ASP A 239 19.64 -2.28 36.42
C ASP A 239 19.18 -3.73 36.59
N ILE A 240 20.09 -4.61 36.98
CA ILE A 240 19.77 -6.01 37.23
C ILE A 240 20.56 -6.50 38.43
N ASP A 241 19.86 -7.19 39.35
CA ASP A 241 20.45 -7.81 40.52
C ASP A 241 20.77 -9.26 40.22
N LEU A 242 22.05 -9.61 40.28
CA LEU A 242 22.50 -10.96 39.96
C LEU A 242 22.35 -11.95 41.11
N SER A 243 22.17 -11.45 42.35
CA SER A 243 22.02 -12.34 43.49
C SER A 243 20.78 -13.22 43.37
N VAL A 244 19.72 -12.71 42.73
CA VAL A 244 18.58 -13.55 42.41
C VAL A 244 19.01 -14.61 41.41
N ASP A 245 18.60 -15.86 41.65
CA ASP A 245 18.99 -16.99 40.80
C ASP A 245 18.65 -16.73 39.33
N THR A 246 19.68 -16.56 38.50
CA THR A 246 19.51 -16.05 37.14
C THR A 246 20.04 -17.04 36.11
N VAL A 247 19.26 -17.22 35.04
CA VAL A 247 19.71 -17.92 33.83
C VAL A 247 19.72 -16.92 32.66
N VAL A 248 20.73 -17.02 31.80
CA VAL A 248 20.80 -16.19 30.60
C VAL A 248 20.37 -17.04 29.41
N ILE A 249 19.51 -16.48 28.57
CA ILE A 249 19.07 -17.14 27.35
C ILE A 249 19.35 -16.19 26.20
N SER A 250 20.23 -16.60 25.29
CA SER A 250 20.66 -15.74 24.21
C SER A 250 20.30 -16.38 22.88
N GLY A 251 19.60 -15.64 22.05
CA GLY A 251 19.21 -16.12 20.75
C GLY A 251 19.81 -15.34 19.61
N HIS A 252 19.19 -15.42 18.43
CA HIS A 252 19.73 -14.78 17.25
C HIS A 252 19.85 -13.28 17.44
N GLY A 253 20.99 -12.72 17.05
CA GLY A 253 21.25 -11.30 17.17
C GLY A 253 21.67 -10.80 18.54
N ALA A 254 21.97 -11.69 19.49
CA ALA A 254 22.32 -11.26 20.84
C ALA A 254 23.66 -10.54 20.84
N GLY A 255 23.85 -9.65 21.81
CA GLY A 255 25.13 -9.01 22.00
C GLY A 255 26.02 -9.77 22.98
N VAL A 256 27.22 -9.25 23.19
CA VAL A 256 28.15 -9.81 24.15
C VAL A 256 28.16 -8.94 25.40
N HIS A 257 28.12 -9.59 26.56
CA HIS A 257 27.98 -8.92 27.85
C HIS A 257 29.02 -9.50 28.81
N PRO A 258 30.22 -8.90 28.85
CA PRO A 258 31.24 -9.36 29.82
C PRO A 258 30.76 -9.43 31.26
N ASN A 259 29.93 -8.49 31.71
CA ASN A 259 29.49 -8.53 33.11
C ASN A 259 28.44 -9.60 33.35
N LEU A 260 28.02 -10.35 32.32
CA LEU A 260 27.14 -11.51 32.47
C LEU A 260 27.87 -12.81 32.21
N ALA A 261 29.19 -12.74 32.01
CA ALA A 261 29.94 -13.88 31.49
C ALA A 261 29.91 -15.07 32.44
N ALA A 262 29.68 -14.85 33.72
CA ALA A 262 29.72 -15.95 34.68
C ALA A 262 28.37 -16.65 34.84
N LEU A 263 27.30 -16.06 34.35
CA LEU A 263 25.99 -16.62 34.58
C LEU A 263 25.79 -17.89 33.75
N PRO A 264 24.99 -18.83 34.24
CA PRO A 264 24.62 -19.97 33.38
C PRO A 264 23.84 -19.47 32.17
N THR A 265 24.29 -19.88 30.99
CA THR A 265 23.81 -19.32 29.73
C THR A 265 23.40 -20.46 28.79
N VAL A 266 22.10 -20.53 28.50
CA VAL A 266 21.58 -21.29 27.37
C VAL A 266 21.69 -20.42 26.13
N ALA A 267 22.66 -20.73 25.26
CA ALA A 267 22.93 -19.93 24.07
C ALA A 267 22.63 -20.72 22.80
N GLU A 268 21.75 -20.18 21.96
CA GLU A 268 21.51 -20.75 20.64
C GLU A 268 22.81 -20.75 19.84
N PRO A 269 22.94 -21.66 18.85
CA PRO A 269 24.20 -21.75 18.10
C PRO A 269 24.65 -20.45 17.47
N THR A 270 23.72 -19.57 17.07
CA THR A 270 24.08 -18.32 16.42
C THR A 270 24.36 -17.20 17.41
N ALA A 271 24.15 -17.42 18.67
CA ALA A 271 24.40 -16.37 19.65
C ALA A 271 25.88 -16.31 20.00
N PRO A 272 26.50 -15.13 19.98
CA PRO A 272 27.88 -15.01 20.47
C PRO A 272 27.96 -15.24 21.97
N ARG A 273 28.95 -16.04 22.39
CA ARG A 273 29.16 -16.31 23.81
C ARG A 273 29.87 -15.15 24.49
N SER A 274 29.31 -14.73 25.61
CA SER A 274 29.95 -13.73 26.44
C SER A 274 30.87 -14.34 27.48
N GLY A 275 30.66 -15.61 27.83
CA GLY A 275 31.37 -16.24 28.92
C GLY A 275 31.61 -17.73 28.74
N ASP A 276 31.79 -18.42 29.87
CA ASP A 276 32.28 -19.79 29.85
C ASP A 276 31.53 -20.67 30.83
N ASN A 277 30.25 -20.41 31.04
CA ASN A 277 29.41 -21.17 31.96
C ASN A 277 28.18 -21.66 31.23
N PRO A 278 28.36 -22.62 30.31
CA PRO A 278 27.24 -23.02 29.45
C PRO A 278 26.20 -23.82 30.20
N LEU A 279 24.96 -23.71 29.76
CA LEU A 279 23.85 -24.50 30.29
C LEU A 279 23.13 -25.13 29.11
N HIS A 280 23.14 -26.45 29.06
CA HIS A 280 22.53 -27.17 27.94
C HIS A 280 21.03 -26.91 27.94
N PRO A 281 20.41 -26.70 26.77
CA PRO A 281 18.95 -26.51 26.73
C PRO A 281 18.14 -27.58 27.45
N LEU A 282 18.58 -28.85 27.44
CA LEU A 282 17.82 -29.89 28.13
C LEU A 282 17.87 -29.71 29.64
N ALA A 283 18.90 -29.04 30.15
CA ALA A 283 19.02 -28.89 31.60
C ALA A 283 18.04 -27.87 32.14
N LEU A 284 17.66 -26.88 31.32
CA LEU A 284 16.85 -25.75 31.78
C LEU A 284 15.51 -26.15 32.38
N PRO A 285 14.70 -27.01 31.77
CA PRO A 285 13.44 -27.41 32.44
C PRO A 285 13.63 -28.13 33.76
N LEU A 286 14.83 -28.65 34.06
CA LEU A 286 15.07 -29.28 35.34
C LEU A 286 15.67 -28.35 36.38
N LEU A 287 15.78 -27.07 36.07
CA LEU A 287 16.25 -26.07 37.01
C LEU A 287 15.11 -25.10 37.30
N ARG A 288 15.34 -24.25 38.29
CA ARG A 288 14.31 -23.32 38.77
C ARG A 288 14.88 -21.92 38.82
N PRO A 289 15.14 -21.32 37.66
CA PRO A 289 15.60 -19.93 37.67
C PRO A 289 14.54 -19.03 38.30
N GLN A 290 15.01 -18.04 39.05
CA GLN A 290 14.12 -17.05 39.63
C GLN A 290 14.00 -15.80 38.77
N GLN A 291 14.94 -15.59 37.85
CA GLN A 291 14.79 -14.55 36.84
C GLN A 291 15.58 -14.96 35.59
N VAL A 292 15.19 -14.37 34.47
CA VAL A 292 15.79 -14.65 33.17
C VAL A 292 16.30 -13.35 32.59
N ILE A 293 17.52 -13.38 32.05
CA ILE A 293 18.02 -12.32 31.19
C ILE A 293 18.02 -12.89 29.78
N MET A 294 17.26 -12.25 28.89
CA MET A 294 17.05 -12.72 27.52
C MET A 294 17.86 -11.84 26.58
N LEU A 295 18.80 -12.45 25.89
CA LEU A 295 19.68 -11.74 24.99
C LEU A 295 19.22 -11.98 23.57
N GLY A 296 19.02 -10.90 22.82
CA GLY A 296 18.64 -11.08 21.43
C GLY A 296 17.26 -11.69 21.31
N ARG A 297 17.06 -12.49 20.26
CA ARG A 297 15.75 -13.03 19.92
C ARG A 297 15.82 -14.55 19.91
N PRO A 298 15.48 -15.21 21.04
CA PRO A 298 15.51 -16.67 21.07
C PRO A 298 14.22 -17.32 20.59
N THR A 299 14.30 -18.08 19.51
CA THR A 299 13.17 -18.80 18.93
C THR A 299 13.34 -20.33 18.91
N LEU A 300 14.53 -20.85 19.17
CA LEU A 300 14.88 -22.19 18.70
C LEU A 300 14.40 -23.30 19.63
N HIS A 301 14.60 -23.17 20.94
CA HIS A 301 14.46 -24.28 21.87
C HIS A 301 13.05 -24.30 22.49
N ARG A 302 12.41 -25.47 22.40
CA ARG A 302 11.14 -25.68 23.11
C ARG A 302 11.26 -25.48 24.62
N PRO A 303 12.28 -26.00 25.32
CA PRO A 303 12.39 -25.68 26.75
C PRO A 303 12.44 -24.19 27.01
N VAL A 304 13.14 -23.44 26.16
CA VAL A 304 13.18 -21.99 26.28
C VAL A 304 11.77 -21.41 26.14
N SER A 305 11.07 -21.79 25.06
CA SER A 305 9.73 -21.26 24.83
C SER A 305 8.81 -21.56 26.01
N VAL A 306 8.84 -22.80 26.52
CA VAL A 306 8.01 -23.15 27.67
C VAL A 306 8.30 -22.23 28.84
N LEU A 307 9.58 -22.02 29.15
CA LEU A 307 9.94 -21.18 30.28
C LEU A 307 9.49 -19.73 30.08
N LEU A 308 9.71 -19.17 28.88
CA LEU A 308 9.34 -17.78 28.61
C LEU A 308 7.83 -17.58 28.57
N ALA A 309 7.08 -18.62 28.13
CA ALA A 309 5.62 -18.56 28.14
C ALA A 309 5.05 -18.51 29.55
N ASP A 310 5.76 -19.07 30.52
CA ASP A 310 5.37 -18.93 31.92
C ASP A 310 5.48 -17.47 32.32
N ALA A 311 4.33 -16.82 32.57
CA ALA A 311 4.28 -15.40 32.90
C ALA A 311 4.81 -15.09 34.29
N GLU A 312 5.23 -16.10 35.07
CA GLU A 312 5.57 -15.87 36.47
C GLU A 312 7.02 -15.47 36.69
N VAL A 313 7.94 -15.93 35.85
CA VAL A 313 9.36 -15.63 36.06
C VAL A 313 9.69 -14.28 35.43
N PRO A 314 10.32 -13.36 36.16
CA PRO A 314 10.67 -12.06 35.58
C PRO A 314 11.74 -12.22 34.50
N VAL A 315 11.53 -11.51 33.39
CA VAL A 315 12.42 -11.54 32.24
C VAL A 315 12.90 -10.13 31.94
N PHE A 316 14.21 -9.99 31.72
CA PHE A 316 14.81 -8.73 31.27
C PHE A 316 15.39 -8.92 29.88
N ALA A 317 14.99 -8.06 28.94
CA ALA A 317 15.36 -8.23 27.53
C ALA A 317 16.47 -7.25 27.18
N LEU A 318 17.67 -7.78 26.92
CA LEU A 318 18.80 -6.97 26.43
C LEU A 318 19.01 -7.25 24.95
N THR A 319 18.97 -6.19 24.14
CA THR A 319 19.02 -6.28 22.69
C THR A 319 20.00 -5.23 22.13
N THR A 320 20.54 -5.49 20.94
CA THR A 320 21.44 -4.51 20.37
C THR A 320 20.71 -3.35 19.70
N GLY A 321 19.45 -3.54 19.32
CA GLY A 321 18.71 -2.50 18.63
C GLY A 321 17.41 -2.20 19.32
N PRO A 322 16.57 -1.36 18.69
CA PRO A 322 15.30 -0.98 19.35
C PRO A 322 14.29 -2.11 19.41
N ARG A 323 14.42 -3.15 18.61
CA ARG A 323 13.45 -4.23 18.68
C ARG A 323 13.71 -5.11 19.91
N TRP A 324 12.64 -5.68 20.45
CA TRP A 324 12.79 -6.69 21.48
C TRP A 324 11.73 -7.78 21.28
N PRO A 325 12.03 -9.02 21.67
CA PRO A 325 11.16 -10.13 21.30
C PRO A 325 9.88 -10.17 22.12
N ASP A 326 8.83 -10.73 21.51
CA ASP A 326 7.54 -10.89 22.15
C ASP A 326 7.33 -12.28 22.76
N VAL A 327 8.41 -13.07 22.89
CA VAL A 327 8.26 -14.48 23.26
C VAL A 327 7.82 -14.64 24.71
N SER A 328 8.11 -13.66 25.57
CA SER A 328 7.68 -13.70 26.96
C SER A 328 6.60 -12.66 27.22
N GLY A 329 5.54 -13.08 27.91
CA GLY A 329 4.55 -12.13 28.38
C GLY A 329 4.96 -11.35 29.61
N ASN A 330 6.10 -11.69 30.21
CA ASN A 330 6.53 -11.04 31.44
C ASN A 330 7.94 -10.47 31.29
N SER A 331 8.15 -9.66 30.25
CA SER A 331 9.37 -8.87 30.17
C SER A 331 9.17 -7.60 30.98
N GLN A 332 9.93 -7.48 32.07
CA GLN A 332 9.79 -6.33 32.96
C GLN A 332 10.42 -5.07 32.38
N ALA A 333 11.47 -5.20 31.59
CA ALA A 333 12.16 -4.03 31.11
C ALA A 333 13.00 -4.42 29.91
N THR A 334 13.42 -3.41 29.16
CA THR A 334 14.29 -3.56 28.02
C THR A 334 15.58 -2.80 28.27
N GLY A 335 16.62 -3.22 27.58
CA GLY A 335 17.89 -2.50 27.65
C GLY A 335 18.78 -2.97 26.54
N THR A 336 19.95 -2.32 26.45
CA THR A 336 21.08 -2.76 25.65
C THR A 336 22.17 -3.41 26.47
N ARG A 337 22.27 -3.05 27.75
CA ARG A 337 23.31 -3.59 28.61
C ARG A 337 22.78 -3.56 30.03
N ALA A 338 23.31 -4.47 30.86
CA ALA A 338 22.94 -4.50 32.25
C ALA A 338 23.92 -3.68 33.07
N VAL A 339 23.41 -3.03 34.09
CA VAL A 339 24.24 -2.49 35.15
C VAL A 339 24.01 -3.40 36.35
N THR A 340 24.98 -4.26 36.65
CA THR A 340 24.75 -5.34 37.58
C THR A 340 25.08 -4.91 38.99
N THR A 341 24.19 -5.24 39.92
CA THR A 341 24.50 -5.22 41.34
C THR A 341 24.68 -6.66 41.81
N GLY A 342 25.69 -6.89 42.64
CA GLY A 342 25.83 -8.19 43.27
C GLY A 342 26.42 -9.26 42.37
N ALA A 343 26.29 -10.51 42.82
CA ALA A 343 26.83 -11.66 42.13
C ALA A 343 25.97 -12.87 42.43
N PRO A 344 26.00 -13.87 41.56
CA PRO A 344 25.17 -15.07 41.77
C PRO A 344 25.66 -15.94 42.93
N ARG A 345 24.72 -16.64 43.56
CA ARG A 345 25.06 -17.58 44.62
C ARG A 345 25.99 -18.66 44.08
N PRO A 346 27.13 -18.92 44.71
CA PRO A 346 27.94 -20.07 44.28
C PRO A 346 27.15 -21.37 44.21
N ALA A 347 26.22 -21.60 45.14
CA ALA A 347 25.42 -22.82 45.12
C ALA A 347 24.56 -22.92 43.87
N TRP A 348 24.05 -21.79 43.39
CA TRP A 348 23.24 -21.77 42.18
C TRP A 348 24.09 -22.10 40.96
N LEU A 349 25.28 -21.50 40.86
CA LEU A 349 26.19 -21.86 39.76
C LEU A 349 26.61 -23.31 39.84
N ASP A 350 26.91 -23.79 41.06
CA ASP A 350 27.20 -25.22 41.24
C ASP A 350 26.07 -26.08 40.70
N ARG A 351 24.84 -25.74 41.07
CA ARG A 351 23.69 -26.53 40.65
C ARG A 351 23.56 -26.56 39.14
N CYS A 352 23.64 -25.40 38.49
CA CYS A 352 23.48 -25.34 37.04
C CYS A 352 24.61 -26.07 36.33
N ALA A 353 25.84 -25.86 36.77
CA ALA A 353 26.97 -26.53 36.14
C ALA A 353 26.83 -28.04 36.22
N ALA A 354 26.30 -28.55 37.34
CA ALA A 354 26.07 -29.99 37.49
C ALA A 354 24.99 -30.49 36.53
N MET A 355 23.89 -29.75 36.38
CA MET A 355 22.86 -30.20 35.44
C MET A 355 23.36 -30.11 34.00
N ASN A 356 24.18 -29.09 33.69
CA ASN A 356 24.78 -29.02 32.37
C ASN A 356 25.60 -30.26 32.06
N ARG A 357 26.53 -30.60 32.96
CA ARG A 357 27.36 -31.79 32.74
C ARG A 357 26.48 -33.03 32.59
N HIS A 358 25.47 -33.14 33.45
CA HIS A 358 24.53 -34.25 33.39
C HIS A 358 23.80 -34.30 32.05
N ALA A 359 23.28 -33.16 31.59
CA ALA A 359 22.51 -33.10 30.35
C ALA A 359 23.32 -33.57 29.15
N ILE A 360 24.57 -33.07 29.01
CA ILE A 360 25.35 -33.44 27.85
C ILE A 360 25.89 -34.85 27.97
N ALA A 361 26.20 -35.29 29.20
CA ALA A 361 26.60 -36.67 29.40
C ALA A 361 25.50 -37.63 28.94
N ALA A 362 24.24 -37.33 29.28
CA ALA A 362 23.13 -38.15 28.80
C ALA A 362 23.12 -38.21 27.28
N VAL A 363 23.37 -37.08 26.62
CA VAL A 363 23.34 -37.06 25.17
C VAL A 363 24.49 -37.88 24.59
N ARG A 364 25.72 -37.63 25.04
CA ARG A 364 26.87 -38.31 24.47
C ARG A 364 26.79 -39.82 24.71
N GLU A 365 26.32 -40.23 25.90
CA GLU A 365 26.19 -41.64 26.20
C GLU A 365 25.14 -42.30 25.32
N GLN A 366 23.92 -41.73 25.26
CA GLN A 366 22.88 -42.33 24.44
C GLN A 366 23.24 -42.31 22.96
N LEU A 367 23.94 -41.27 22.54
CA LEU A 367 24.44 -41.22 21.16
C LEU A 367 25.36 -42.40 20.88
N ALA A 368 26.30 -42.68 21.80
CA ALA A 368 27.25 -43.76 21.58
C ALA A 368 26.57 -45.12 21.64
N ALA A 369 25.53 -45.26 22.46
CA ALA A 369 24.84 -46.53 22.58
C ALA A 369 23.82 -46.79 21.48
N HIS A 370 23.56 -45.82 20.62
CA HIS A 370 22.62 -46.02 19.52
C HIS A 370 23.32 -46.72 18.36
N PRO A 371 22.71 -47.74 17.75
CA PRO A 371 23.44 -48.53 16.73
C PRO A 371 23.41 -47.94 15.33
N LEU A 372 22.60 -46.91 15.08
CA LEU A 372 22.42 -46.34 13.76
C LEU A 372 22.89 -44.88 13.72
N THR A 373 23.53 -44.51 12.61
CA THR A 373 23.90 -43.13 12.37
C THR A 373 22.65 -42.31 12.03
N THR A 374 22.28 -41.39 12.92
CA THR A 374 21.19 -40.45 12.69
C THR A 374 21.75 -39.07 12.33
N GLY A 375 20.84 -38.15 12.01
CA GLY A 375 21.26 -36.77 11.79
C GLY A 375 21.92 -36.17 13.01
N LEU A 376 21.57 -36.64 14.19
CA LEU A 376 22.23 -36.16 15.39
C LEU A 376 23.69 -36.58 15.42
N HIS A 377 23.98 -37.83 15.02
CA HIS A 377 25.36 -38.30 14.90
C HIS A 377 26.15 -37.45 13.91
N VAL A 378 25.55 -37.14 12.76
CA VAL A 378 26.23 -36.27 11.80
C VAL A 378 26.54 -34.92 12.43
N ALA A 379 25.59 -34.36 13.17
CA ALA A 379 25.80 -33.06 13.81
C ALA A 379 26.88 -33.13 14.88
N ALA A 380 26.89 -34.22 15.65
CA ALA A 380 27.96 -34.41 16.64
C ALA A 380 29.31 -34.48 15.95
N ALA A 381 29.41 -35.24 14.86
CA ALA A 381 30.69 -35.39 14.16
C ALA A 381 31.16 -34.07 13.57
N VAL A 382 30.25 -33.34 12.91
CA VAL A 382 30.59 -32.02 12.38
C VAL A 382 31.06 -31.10 13.49
N SER A 383 30.33 -31.06 14.62
CA SER A 383 30.72 -30.19 15.72
C SER A 383 32.11 -30.53 16.24
N HIS A 384 32.45 -31.83 16.27
CA HIS A 384 33.75 -32.26 16.76
C HIS A 384 34.88 -31.94 15.79
N ALA A 385 34.57 -31.76 14.50
CA ALA A 385 35.58 -31.46 13.50
C ALA A 385 36.00 -29.98 13.49
N LEU A 386 35.21 -29.09 14.06
CA LEU A 386 35.46 -27.66 13.91
C LEU A 386 36.59 -27.20 14.83
N ARG A 387 37.25 -26.12 14.42
CA ARG A 387 38.28 -25.47 15.21
C ARG A 387 38.10 -23.96 15.16
N PRO A 388 38.72 -23.21 16.07
CA PRO A 388 38.57 -21.75 16.05
C PRO A 388 38.98 -21.16 14.70
N GLY A 389 38.18 -20.19 14.24
CA GLY A 389 38.38 -19.57 12.95
C GLY A 389 37.49 -20.11 11.84
N ASP A 390 36.92 -21.30 12.03
CA ASP A 390 35.97 -21.84 11.07
C ASP A 390 34.69 -21.01 11.03
N GLN A 391 34.02 -21.03 9.89
CA GLN A 391 32.64 -20.56 9.78
C GLN A 391 31.74 -21.77 9.60
N LEU A 392 30.64 -21.81 10.35
CA LEU A 392 29.69 -22.90 10.29
C LEU A 392 28.33 -22.34 9.87
N VAL A 393 27.75 -22.89 8.81
CA VAL A 393 26.43 -22.50 8.33
C VAL A 393 25.46 -23.64 8.57
N LEU A 394 24.36 -23.36 9.25
CA LEU A 394 23.36 -24.35 9.62
C LEU A 394 22.04 -24.09 8.91
N GLY A 395 21.49 -25.12 8.28
CA GLY A 395 20.10 -25.08 7.87
C GLY A 395 19.19 -24.85 9.08
N ALA A 396 18.19 -23.99 8.91
CA ALA A 396 17.55 -23.38 10.08
C ALA A 396 16.50 -24.26 10.75
N SER A 397 16.32 -25.51 10.29
CA SER A 397 15.39 -26.36 11.03
C SER A 397 16.17 -27.27 11.98
N ASN A 398 16.40 -28.49 11.58
CA ASN A 398 16.96 -29.51 12.44
CA ASN A 398 16.95 -29.52 12.44
C ASN A 398 18.48 -29.44 12.58
N PRO A 399 19.22 -29.04 11.54
CA PRO A 399 20.68 -28.94 11.76
C PRO A 399 21.04 -28.01 12.89
N VAL A 400 20.33 -26.89 13.03
CA VAL A 400 20.65 -25.97 14.13
C VAL A 400 20.13 -26.54 15.45
N ARG A 401 19.01 -27.26 15.43
CA ARG A 401 18.56 -27.96 16.64
C ARG A 401 19.53 -29.07 17.05
N ASP A 402 20.04 -29.84 16.08
CA ASP A 402 20.86 -31.00 16.43
C ASP A 402 22.23 -30.58 16.93
N VAL A 403 22.85 -29.59 16.28
CA VAL A 403 24.13 -29.09 16.72
C VAL A 403 24.06 -28.58 18.15
N ALA A 404 22.97 -27.89 18.51
CA ALA A 404 22.78 -27.45 19.89
C ALA A 404 22.54 -28.64 20.81
N LEU A 405 21.77 -29.63 20.35
CA LEU A 405 21.54 -30.82 21.14
C LEU A 405 22.85 -31.53 21.47
N ALA A 406 23.77 -31.62 20.50
CA ALA A 406 25.08 -32.25 20.67
C ALA A 406 26.06 -31.39 21.47
N GLY A 407 25.68 -30.17 21.84
CA GLY A 407 26.47 -29.39 22.77
C GLY A 407 27.64 -28.67 22.15
N LEU A 408 27.50 -28.21 20.91
CA LEU A 408 28.60 -27.53 20.23
C LEU A 408 29.07 -26.30 21.01
N ASP A 409 30.38 -26.25 21.24
CA ASP A 409 31.04 -25.09 21.84
C ASP A 409 31.37 -24.12 20.72
N THR A 410 30.72 -22.96 20.71
CA THR A 410 30.84 -22.03 19.60
C THR A 410 31.92 -20.97 19.82
N ARG A 411 32.64 -20.99 20.93
CA ARG A 411 33.66 -19.99 21.17
C ARG A 411 34.74 -20.04 20.10
N GLY A 412 35.03 -18.88 19.51
CA GLY A 412 36.02 -18.78 18.47
C GLY A 412 35.58 -19.18 17.08
N ILE A 413 34.29 -19.48 16.87
CA ILE A 413 33.80 -19.80 15.54
C ILE A 413 32.56 -18.98 15.22
N ARG A 414 32.32 -18.79 13.92
CA ARG A 414 31.17 -18.03 13.44
C ARG A 414 30.08 -18.97 12.98
N VAL A 415 28.91 -18.85 13.60
CA VAL A 415 27.75 -19.66 13.27
C VAL A 415 26.74 -18.75 12.60
N ARG A 416 26.38 -19.09 11.37
CA ARG A 416 25.40 -18.39 10.56
C ARG A 416 24.22 -19.31 10.36
N SER A 417 23.01 -18.76 10.41
CA SER A 417 21.78 -19.50 10.12
C SER A 417 20.70 -18.48 9.78
N ASN A 418 19.77 -18.84 8.90
CA ASN A 418 18.72 -17.90 8.50
C ASN A 418 17.56 -17.97 9.51
N ARG A 419 17.83 -17.44 10.70
CA ARG A 419 16.90 -17.54 11.84
C ARG A 419 15.87 -16.42 11.87
N GLY A 420 15.84 -15.56 10.85
CA GLY A 420 14.82 -14.53 10.78
C GLY A 420 13.46 -15.19 10.73
N VAL A 421 13.20 -15.94 9.66
CA VAL A 421 11.97 -16.71 9.56
C VAL A 421 12.24 -18.21 9.46
N ALA A 422 13.52 -18.62 9.47
CA ALA A 422 13.86 -20.03 9.52
C ALA A 422 13.18 -20.80 8.40
N GLY A 423 13.09 -20.18 7.24
CA GLY A 423 12.49 -20.85 6.11
C GLY A 423 13.45 -21.84 5.46
N ILE A 424 12.94 -22.52 4.45
CA ILE A 424 13.72 -23.54 3.77
C ILE A 424 14.42 -23.00 2.52
N ASP A 425 13.95 -21.88 1.95
CA ASP A 425 14.50 -21.34 0.71
C ASP A 425 15.93 -20.83 0.93
N GLY A 426 16.78 -21.08 -0.07
CA GLY A 426 18.04 -20.36 -0.15
C GLY A 426 19.13 -20.78 0.81
N THR A 427 18.99 -21.91 1.50
CA THR A 427 20.01 -22.30 2.46
C THR A 427 21.35 -22.55 1.78
N VAL A 428 21.35 -23.21 0.63
CA VAL A 428 22.61 -23.44 -0.08
C VAL A 428 23.23 -22.11 -0.48
N SER A 429 22.47 -21.26 -1.18
CA SER A 429 23.00 -19.97 -1.62
C SER A 429 23.54 -19.15 -0.45
N THR A 430 22.87 -19.22 0.72
CA THR A 430 23.38 -18.51 1.88
C THR A 430 24.73 -19.04 2.33
N ALA A 431 24.90 -20.38 2.37
CA ALA A 431 26.20 -20.96 2.70
C ALA A 431 27.27 -20.49 1.72
N ILE A 432 26.97 -20.53 0.42
CA ILE A 432 27.94 -20.08 -0.57
C ILE A 432 28.30 -18.61 -0.33
N GLY A 433 27.28 -17.77 -0.09
CA GLY A 433 27.54 -16.36 0.09
C GLY A 433 28.31 -16.05 1.36
N ALA A 434 27.99 -16.78 2.44
CA ALA A 434 28.76 -16.63 3.68
C ALA A 434 30.23 -17.00 3.46
N ALA A 435 30.48 -18.10 2.74
CA ALA A 435 31.85 -18.52 2.49
C ALA A 435 32.63 -17.46 1.71
N LEU A 436 32.04 -16.96 0.61
CA LEU A 436 32.73 -15.98 -0.22
C LEU A 436 33.05 -14.71 0.57
N ALA A 437 32.11 -14.21 1.36
CA ALA A 437 32.37 -13.00 2.14
C ALA A 437 33.43 -13.25 3.22
N TYR A 438 33.37 -14.39 3.89
CA TYR A 438 34.34 -14.68 4.94
C TYR A 438 35.76 -14.86 4.39
N GLU A 439 35.89 -15.55 3.26
CA GLU A 439 37.20 -15.66 2.60
C GLU A 439 37.70 -14.29 2.16
N GLY A 440 36.82 -13.48 1.55
CA GLY A 440 37.19 -12.14 1.15
C GLY A 440 37.67 -11.29 2.32
N ALA A 441 36.96 -11.36 3.46
CA ALA A 441 37.38 -10.58 4.61
C ALA A 441 38.78 -10.98 5.04
N HIS A 442 39.12 -12.26 4.86
CA HIS A 442 40.46 -12.72 5.17
C HIS A 442 41.42 -12.52 3.99
N GLU A 443 40.96 -12.28 2.78
CA GLU A 443 41.98 -11.90 1.80
C GLU A 443 42.56 -10.54 2.17
N ARG A 444 41.72 -9.67 2.75
CA ARG A 444 42.12 -8.30 3.06
C ARG A 444 43.06 -8.23 4.27
N THR A 445 42.95 -9.16 5.24
CA THR A 445 43.93 -9.20 6.31
C THR A 445 45.35 -9.09 5.78
N GLY A 446 45.65 -9.72 4.65
CA GLY A 446 47.02 -9.87 4.21
C GLY A 446 47.72 -11.14 4.65
N SER A 447 47.10 -11.95 5.51
CA SER A 447 47.72 -13.22 5.87
C SER A 447 47.92 -14.07 4.61
N PRO A 448 49.09 -14.68 4.43
CA PRO A 448 49.31 -15.53 3.26
C PRO A 448 48.84 -16.96 3.45
N ASP A 449 48.36 -17.30 4.65
CA ASP A 449 47.85 -18.63 4.94
C ASP A 449 46.60 -18.93 4.13
N SER A 450 46.23 -20.20 4.11
CA SER A 450 45.07 -20.63 3.35
C SER A 450 43.80 -20.03 3.95
N PRO A 451 42.75 -19.85 3.16
CA PRO A 451 41.55 -19.20 3.68
C PRO A 451 40.89 -20.03 4.74
N PRO A 452 40.13 -19.41 5.65
CA PRO A 452 39.40 -20.18 6.67
C PRO A 452 38.39 -21.11 6.04
N ARG A 453 38.07 -22.19 6.76
CA ARG A 453 37.09 -23.15 6.27
C ARG A 453 35.67 -22.67 6.57
N THR A 454 34.76 -22.90 5.63
CA THR A 454 33.33 -22.77 5.88
C THR A 454 32.71 -24.14 5.70
N ILE A 455 32.07 -24.64 6.76
CA ILE A 455 31.38 -25.91 6.75
C ILE A 455 29.90 -25.64 6.91
N ALA A 456 29.09 -26.13 5.97
CA ALA A 456 27.65 -26.03 6.05
C ALA A 456 27.07 -27.40 6.39
N LEU A 457 26.07 -27.41 7.27
CA LEU A 457 25.32 -28.62 7.61
C LEU A 457 23.85 -28.38 7.25
N ILE A 458 23.38 -29.11 6.24
CA ILE A 458 22.05 -28.95 5.65
C ILE A 458 21.39 -30.31 5.60
N GLY A 459 20.10 -30.37 5.95
CA GLY A 459 19.34 -31.59 5.74
C GLY A 459 18.98 -31.80 4.29
N ASP A 460 18.63 -33.05 3.95
CA ASP A 460 18.48 -33.43 2.55
C ASP A 460 17.28 -32.75 1.88
N LEU A 461 16.17 -32.57 2.61
CA LEU A 461 15.03 -31.85 2.01
C LEU A 461 15.41 -30.40 1.70
N THR A 462 16.11 -29.76 2.62
CA THR A 462 16.54 -28.38 2.40
C THR A 462 17.52 -28.29 1.24
N PHE A 463 18.47 -29.24 1.17
CA PHE A 463 19.44 -29.25 0.07
C PHE A 463 18.76 -29.48 -1.28
N VAL A 464 17.81 -30.42 -1.34
CA VAL A 464 17.12 -30.65 -2.61
C VAL A 464 16.35 -29.41 -2.99
N HIS A 465 15.62 -28.85 -2.03
CA HIS A 465 14.78 -27.68 -2.26
C HIS A 465 15.56 -26.51 -2.86
N ASP A 466 16.71 -26.17 -2.28
CA ASP A 466 17.56 -25.10 -2.82
C ASP A 466 18.75 -25.64 -3.62
N SER A 467 18.61 -26.80 -4.27
CA SER A 467 19.75 -27.37 -4.99
C SER A 467 20.25 -26.44 -6.09
N SER A 468 19.34 -25.71 -6.75
CA SER A 468 19.74 -24.78 -7.81
C SER A 468 20.58 -23.62 -7.27
N GLY A 469 20.59 -23.41 -5.95
CA GLY A 469 21.48 -22.44 -5.36
C GLY A 469 22.93 -22.85 -5.45
N LEU A 470 23.17 -24.14 -5.71
CA LEU A 470 24.52 -24.64 -5.97
C LEU A 470 25.11 -24.03 -7.25
N LEU A 471 24.26 -23.59 -8.16
CA LEU A 471 24.70 -23.27 -9.51
C LEU A 471 25.54 -21.98 -9.50
N ILE A 472 26.80 -22.09 -9.92
CA ILE A 472 27.69 -20.96 -10.13
C ILE A 472 28.20 -21.06 -11.56
N GLY A 473 27.98 -20.00 -12.33
CA GLY A 473 28.40 -20.01 -13.71
C GLY A 473 29.90 -20.05 -13.80
N PRO A 474 30.42 -20.63 -14.90
CA PRO A 474 31.88 -20.71 -15.08
C PRO A 474 32.63 -19.40 -14.85
N THR A 475 32.03 -18.27 -15.20
CA THR A 475 32.69 -16.96 -15.06
C THR A 475 32.57 -16.36 -13.67
N GLU A 476 31.85 -17.01 -12.75
CA GLU A 476 31.51 -16.37 -11.49
C GLU A 476 32.35 -16.87 -10.33
N PRO A 477 32.47 -16.08 -9.26
CA PRO A 477 33.31 -16.46 -8.11
C PRO A 477 32.85 -17.74 -7.40
N ILE A 478 33.82 -18.58 -7.06
CA ILE A 478 33.56 -19.89 -6.43
C ILE A 478 34.19 -19.84 -5.05
N PRO A 479 33.52 -20.36 -4.01
CA PRO A 479 34.14 -20.35 -2.68
C PRO A 479 35.46 -21.11 -2.69
N ARG A 480 36.45 -20.57 -2.00
CA ARG A 480 37.75 -21.24 -1.96
C ARG A 480 37.76 -22.41 -0.98
N SER A 481 36.94 -22.37 0.08
CA SER A 481 36.99 -23.47 1.04
C SER A 481 35.63 -23.66 1.72
N LEU A 482 34.63 -24.05 0.94
CA LEU A 482 33.32 -24.38 1.47
C LEU A 482 33.04 -25.87 1.30
N THR A 483 32.69 -26.54 2.38
CA THR A 483 32.22 -27.92 2.35
C THR A 483 30.80 -27.96 2.88
N ILE A 484 29.89 -28.49 2.07
CA ILE A 484 28.49 -28.60 2.42
C ILE A 484 28.23 -30.04 2.83
N VAL A 485 28.05 -30.28 4.13
CA VAL A 485 27.70 -31.62 4.59
C VAL A 485 26.19 -31.77 4.47
N VAL A 486 25.74 -32.79 3.75
CA VAL A 486 24.32 -33.10 3.65
C VAL A 486 24.02 -34.31 4.51
N SER A 487 23.24 -34.10 5.57
CA SER A 487 22.75 -35.18 6.41
C SER A 487 21.46 -35.71 5.81
N ASN A 488 21.56 -36.83 5.08
CA ASN A 488 20.49 -37.34 4.23
C ASN A 488 19.79 -38.51 4.92
N ASP A 489 18.64 -38.25 5.53
CA ASP A 489 17.78 -39.32 6.03
C ASP A 489 16.56 -39.52 5.15
N ASN A 490 16.64 -39.12 3.87
CA ASN A 490 15.67 -39.47 2.83
C ASN A 490 14.24 -39.15 3.26
N GLY A 491 14.01 -37.90 3.62
CA GLY A 491 12.78 -37.48 4.25
C GLY A 491 13.11 -36.64 5.47
N GLY A 492 12.14 -35.89 5.93
CA GLY A 492 12.42 -34.90 6.95
C GLY A 492 12.59 -35.48 8.34
N GLY A 493 13.23 -34.67 9.19
CA GLY A 493 13.10 -34.81 10.62
C GLY A 493 11.79 -34.15 11.02
N ILE A 494 10.68 -34.79 10.64
CA ILE A 494 9.34 -34.23 10.70
C ILE A 494 8.47 -35.01 11.70
N PHE A 495 7.84 -36.07 11.21
CA PHE A 495 6.92 -36.89 12.00
C PHE A 495 7.63 -37.69 13.08
N GLU A 496 8.94 -37.70 13.06
CA GLU A 496 9.70 -38.08 14.23
C GLU A 496 9.87 -36.84 15.10
N LEU A 497 9.81 -37.03 16.42
CA LEU A 497 10.03 -36.02 17.47
C LEU A 497 8.78 -35.19 17.81
N LEU A 498 7.61 -35.51 17.26
CA LEU A 498 6.41 -34.72 17.53
C LEU A 498 5.70 -35.17 18.81
N GLY A 501 3.12 -32.16 17.67
CA GLY A 501 2.68 -31.92 16.31
C GLY A 501 1.51 -32.78 15.87
N ASP A 502 0.54 -32.97 16.77
CA ASP A 502 -0.73 -33.63 16.48
C ASP A 502 -1.41 -33.05 15.25
N PRO A 503 -1.41 -31.72 15.05
CA PRO A 503 -2.03 -31.18 13.83
C PRO A 503 -1.47 -31.75 12.54
N ARG A 504 -0.16 -32.04 12.51
CA ARG A 504 0.51 -32.39 11.25
C ARG A 504 0.06 -33.73 10.69
N PHE A 505 -0.21 -34.73 11.54
CA PHE A 505 -0.69 -36.02 11.04
C PHE A 505 -2.06 -35.90 10.37
N SER A 506 -2.86 -34.94 10.81
CA SER A 506 -4.18 -34.75 10.22
C SER A 506 -4.09 -34.01 8.90
N ASP A 507 -3.20 -33.01 8.80
CA ASP A 507 -3.11 -32.15 7.63
C ASP A 507 -2.74 -32.96 6.40
N VAL A 508 -3.56 -32.85 5.36
CA VAL A 508 -3.36 -33.63 4.14
C VAL A 508 -2.08 -33.25 3.39
N SER A 509 -1.58 -32.02 3.54
CA SER A 509 -0.37 -31.67 2.81
C SER A 509 0.84 -32.45 3.31
N SER A 510 0.75 -33.10 4.47
CA SER A 510 1.84 -33.92 4.99
C SER A 510 2.03 -35.20 4.20
N ARG A 511 1.06 -35.58 3.37
CA ARG A 511 1.15 -36.83 2.65
C ARG A 511 2.36 -36.91 1.73
N ILE A 512 2.94 -35.77 1.33
CA ILE A 512 4.18 -35.82 0.54
C ILE A 512 5.37 -36.27 1.38
N PHE A 513 5.25 -36.25 2.71
CA PHE A 513 6.30 -36.70 3.61
C PHE A 513 6.17 -38.17 3.99
N GLY A 514 5.10 -38.84 3.56
CA GLY A 514 4.93 -40.24 3.88
C GLY A 514 5.77 -41.18 3.03
N THR A 515 6.22 -40.72 1.86
CA THR A 515 7.05 -41.52 0.97
C THR A 515 8.43 -40.89 0.86
N PRO A 516 9.51 -41.62 1.16
CA PRO A 516 10.86 -41.10 0.88
C PRO A 516 10.98 -40.55 -0.53
N HIS A 517 11.60 -39.38 -0.64
CA HIS A 517 11.65 -38.69 -1.93
C HIS A 517 12.61 -39.37 -2.89
N ASP A 518 13.72 -39.93 -2.38
CA ASP A 518 14.67 -40.70 -3.17
C ASP A 518 15.39 -39.86 -4.22
N VAL A 519 15.40 -38.54 -4.08
CA VAL A 519 16.15 -37.70 -4.99
C VAL A 519 17.64 -38.00 -4.85
N ASP A 520 18.30 -38.22 -5.99
CA ASP A 520 19.71 -38.60 -6.03
C ASP A 520 20.57 -37.34 -5.81
N VAL A 521 21.18 -37.24 -4.62
CA VAL A 521 21.99 -36.06 -4.30
C VAL A 521 23.17 -35.92 -5.27
N GLY A 522 23.80 -37.05 -5.62
CA GLY A 522 24.94 -36.98 -6.51
C GLY A 522 24.55 -36.53 -7.91
N ALA A 523 23.36 -36.91 -8.36
CA ALA A 523 22.86 -36.42 -9.63
C ALA A 523 22.65 -34.90 -9.58
N LEU A 524 22.07 -34.39 -8.49
CA LEU A 524 21.94 -32.94 -8.34
C LEU A 524 23.30 -32.25 -8.38
N CYS A 525 24.29 -32.78 -7.64
CA CYS A 525 25.60 -32.14 -7.66
C CYS A 525 26.25 -32.24 -9.02
N ARG A 526 25.92 -33.30 -9.76
CA ARG A 526 26.38 -33.41 -11.14
C ARG A 526 25.71 -32.35 -12.00
N ALA A 527 24.40 -32.13 -11.76
CA ALA A 527 23.63 -31.20 -12.58
C ALA A 527 24.15 -29.78 -12.48
N TYR A 528 24.75 -29.42 -11.35
CA TYR A 528 25.30 -28.08 -11.17
C TYR A 528 26.83 -28.10 -11.10
N HIS A 529 27.45 -29.15 -11.63
CA HIS A 529 28.90 -29.33 -11.67
C HIS A 529 29.57 -28.92 -10.36
N VAL A 530 29.19 -29.64 -9.29
CA VAL A 530 29.81 -29.49 -7.98
C VAL A 530 30.36 -30.84 -7.52
N GLU A 531 31.62 -30.85 -7.10
CA GLU A 531 32.25 -32.07 -6.58
C GLU A 531 31.48 -32.60 -5.38
N SER A 532 31.12 -33.87 -5.42
CA SER A 532 30.38 -34.49 -4.33
C SER A 532 30.92 -35.89 -4.08
N ARG A 533 31.04 -36.22 -2.81
CA ARG A 533 31.38 -37.56 -2.35
C ARG A 533 30.33 -38.01 -1.35
N GLN A 534 30.06 -39.31 -1.33
CA GLN A 534 29.21 -39.93 -0.33
C GLN A 534 30.09 -40.73 0.62
N ILE A 535 30.00 -40.44 1.92
CA ILE A 535 30.93 -40.99 2.90
C ILE A 535 30.16 -41.39 4.16
N GLU A 536 30.87 -42.12 5.03
CA GLU A 536 30.39 -42.57 6.32
C GLU A 536 30.76 -41.56 7.39
N VAL A 537 29.98 -41.57 8.47
CA VAL A 537 30.12 -40.52 9.47
C VAL A 537 31.53 -40.52 10.08
N ASP A 538 32.19 -41.68 10.12
CA ASP A 538 33.53 -41.77 10.68
C ASP A 538 34.58 -41.10 9.80
N GLU A 539 34.37 -41.08 8.47
CA GLU A 539 35.29 -40.40 7.56
C GLU A 539 35.11 -38.89 7.55
N LEU A 540 34.07 -38.38 8.22
CA LEU A 540 33.68 -36.99 8.07
C LEU A 540 34.77 -36.06 8.60
N GLY A 541 35.16 -36.25 9.86
CA GLY A 541 36.27 -35.54 10.46
C GLY A 541 37.56 -35.54 9.64
N PRO A 542 38.03 -36.73 9.22
CA PRO A 542 39.24 -36.73 8.37
C PRO A 542 39.04 -36.06 7.03
N THR A 543 37.89 -36.28 6.38
CA THR A 543 37.65 -35.69 5.06
C THR A 543 37.67 -34.17 5.13
N LEU A 544 37.16 -33.59 6.22
CA LEU A 544 37.09 -32.14 6.37
C LEU A 544 38.45 -31.52 6.65
N ASP A 545 39.31 -32.22 7.43
CA ASP A 545 40.68 -31.75 7.61
C ASP A 545 41.45 -31.75 6.31
N GLN A 546 40.96 -32.52 5.31
CA GLN A 546 41.65 -32.84 4.06
C GLN A 546 41.15 -31.95 2.93
N PRO A 547 41.89 -30.96 2.55
CA PRO A 547 41.26 -30.72 1.27
C PRO A 547 42.22 -31.24 0.23
N ALA A 549 39.75 -27.55 -1.25
CA ALA A 549 39.54 -27.91 -2.66
C ALA A 549 38.29 -27.23 -3.21
N GLY A 550 38.30 -25.90 -3.18
CA GLY A 550 37.19 -25.13 -3.72
C GLY A 550 35.89 -25.35 -3.00
N MET A 551 34.91 -25.93 -3.69
CA MET A 551 33.58 -26.14 -3.17
C MET A 551 33.21 -27.60 -3.39
N ARG A 552 32.65 -28.23 -2.37
CA ARG A 552 32.32 -29.64 -2.49
C ARG A 552 31.16 -29.98 -1.56
N VAL A 553 30.52 -31.10 -1.84
CA VAL A 553 29.42 -31.60 -1.05
C VAL A 553 29.81 -32.96 -0.51
N LEU A 554 29.65 -33.15 0.80
CA LEU A 554 29.80 -34.46 1.42
C LEU A 554 28.43 -34.92 1.87
N GLU A 555 27.95 -36.02 1.30
CA GLU A 555 26.67 -36.60 1.67
C GLU A 555 26.89 -37.75 2.65
N VAL A 556 26.30 -37.65 3.84
CA VAL A 556 26.32 -38.72 4.83
C VAL A 556 24.91 -39.26 4.94
N LYS A 557 24.71 -40.51 4.50
CA LYS A 557 23.43 -41.18 4.69
C LYS A 557 23.12 -41.33 6.17
N ALA A 558 21.85 -41.42 6.49
CA ALA A 558 21.46 -41.40 7.89
C ALA A 558 20.08 -42.01 8.05
N ASP A 559 19.87 -42.61 9.22
CA ASP A 559 18.62 -43.26 9.55
C ASP A 559 17.70 -42.28 10.25
N ARG A 560 16.42 -42.32 9.88
CA ARG A 560 15.39 -41.56 10.58
C ARG A 560 14.40 -42.43 11.33
N SER A 561 14.37 -43.74 11.08
CA SER A 561 13.40 -44.62 11.75
C SER A 561 13.65 -44.68 13.25
N SER A 562 14.89 -44.92 13.65
CA SER A 562 15.26 -45.02 15.06
C SER A 562 15.35 -43.67 15.75
N LEU A 563 15.13 -42.57 15.02
CA LEU A 563 15.38 -41.24 15.55
C LEU A 563 14.53 -40.97 16.80
N ARG A 564 13.26 -41.35 16.77
CA ARG A 564 12.41 -41.14 17.94
C ARG A 564 12.86 -42.02 19.12
N GLN A 565 13.31 -43.23 18.83
CA GLN A 565 13.88 -44.08 19.87
C GLN A 565 15.09 -43.41 20.51
N LEU A 566 15.93 -42.76 19.71
CA LEU A 566 17.13 -42.10 20.23
C LEU A 566 16.79 -40.95 21.17
N HIS A 567 15.80 -40.12 20.80
CA HIS A 567 15.43 -38.99 21.64
C HIS A 567 14.76 -39.44 22.93
N ALA A 568 13.95 -40.50 22.88
CA ALA A 568 13.38 -41.05 24.10
C ALA A 568 14.46 -41.54 25.06
N ALA A 569 15.50 -42.19 24.53
CA ALA A 569 16.60 -42.64 25.37
C ALA A 569 17.31 -41.48 26.04
N ILE A 570 17.54 -40.37 25.31
CA ILE A 570 18.17 -39.20 25.91
C ILE A 570 17.28 -38.63 27.01
N LYS A 571 15.98 -38.49 26.73
CA LYS A 571 15.06 -37.97 27.73
C LYS A 571 15.04 -38.84 28.98
N ALA A 572 15.10 -40.17 28.80
CA ALA A 572 15.11 -41.07 29.95
C ALA A 572 16.37 -40.89 30.79
N ALA A 573 17.51 -40.63 30.13
CA ALA A 573 18.79 -40.56 30.83
C ALA A 573 18.90 -39.35 31.76
N LEU A 574 18.05 -38.35 31.61
CA LEU A 574 18.09 -37.18 32.49
C LEU A 574 17.47 -37.50 33.86
N MET B 21 6.80 28.49 -23.76
CA MET B 21 6.04 28.30 -22.52
C MET B 21 6.68 27.17 -21.71
N ASN B 22 6.93 27.41 -20.42
CA ASN B 22 7.66 26.44 -19.60
C ASN B 22 6.90 25.12 -19.51
N PRO B 23 7.59 24.03 -19.12
CA PRO B 23 6.90 22.71 -19.06
C PRO B 23 5.64 22.68 -18.20
N SER B 24 5.67 23.23 -16.99
CA SER B 24 4.52 23.15 -16.07
C SER B 24 3.26 23.73 -16.71
N THR B 25 3.36 24.94 -17.28
CA THR B 25 2.20 25.56 -17.92
C THR B 25 1.73 24.76 -19.12
N THR B 26 2.68 24.28 -19.93
CA THR B 26 2.32 23.47 -21.10
C THR B 26 1.53 22.24 -20.70
N GLN B 27 2.02 21.52 -19.68
CA GLN B 27 1.37 20.29 -19.25
C GLN B 27 -0.01 20.59 -18.67
N ALA B 28 -0.10 21.60 -17.80
CA ALA B 28 -1.38 21.95 -17.18
C ALA B 28 -2.42 22.31 -18.24
N ARG B 29 -2.00 23.08 -19.24
CA ARG B 29 -2.95 23.50 -20.27
C ARG B 29 -3.41 22.32 -21.10
N VAL B 30 -2.50 21.38 -21.37
CA VAL B 30 -2.88 20.19 -22.13
C VAL B 30 -3.89 19.34 -21.35
N VAL B 31 -3.63 19.09 -20.06
CA VAL B 31 -4.54 18.28 -19.23
C VAL B 31 -5.92 18.94 -19.13
N VAL B 32 -5.97 20.23 -18.81
CA VAL B 32 -7.25 20.92 -18.69
C VAL B 32 -8.02 20.88 -20.02
N ASP B 33 -7.33 21.08 -21.14
CA ASP B 33 -8.02 21.02 -22.43
C ASP B 33 -8.58 19.62 -22.67
N GLU B 34 -7.81 18.59 -22.33
CA GLU B 34 -8.28 17.23 -22.55
C GLU B 34 -9.42 16.90 -21.59
N LEU B 35 -9.35 17.37 -20.34
CA LEU B 35 -10.49 17.20 -19.46
C LEU B 35 -11.75 17.82 -20.06
N ILE B 36 -11.60 19.00 -20.70
CA ILE B 36 -12.75 19.67 -21.26
C ILE B 36 -13.32 18.88 -22.41
N ARG B 37 -12.45 18.42 -23.32
CA ARG B 37 -12.89 17.53 -24.39
C ARG B 37 -13.58 16.28 -23.86
N GLY B 38 -13.21 15.83 -22.67
CA GLY B 38 -13.82 14.65 -22.13
C GLY B 38 -15.15 14.86 -21.44
N GLY B 39 -15.73 16.05 -21.50
CA GLY B 39 -17.02 16.28 -20.91
C GLY B 39 -17.05 16.95 -19.54
N VAL B 40 -15.90 17.39 -19.02
CA VAL B 40 -15.90 18.13 -17.76
C VAL B 40 -16.37 19.56 -17.99
N ARG B 41 -17.38 19.97 -17.23
CA ARG B 41 -17.94 21.31 -17.32
C ARG B 41 -17.74 22.15 -16.07
N ASP B 42 -17.58 21.51 -14.91
CA ASP B 42 -17.38 22.20 -13.66
C ASP B 42 -16.12 21.67 -12.99
N VAL B 43 -15.29 22.57 -12.46
CA VAL B 43 -14.09 22.21 -11.71
C VAL B 43 -14.09 22.97 -10.40
N VAL B 44 -13.79 22.27 -9.31
CA VAL B 44 -13.64 22.88 -8.01
C VAL B 44 -12.15 23.06 -7.73
N LEU B 45 -11.76 24.26 -7.30
CA LEU B 45 -10.35 24.58 -7.10
C LEU B 45 -10.11 25.06 -5.67
N CYS B 46 -9.05 24.54 -5.08
CA CYS B 46 -8.62 24.97 -3.77
C CYS B 46 -7.25 25.61 -3.86
N PRO B 47 -7.00 26.68 -3.09
CA PRO B 47 -5.79 27.46 -3.30
C PRO B 47 -4.52 26.77 -2.84
N GLY B 48 -3.44 27.01 -3.56
CA GLY B 48 -2.13 26.59 -3.12
C GLY B 48 -1.10 27.06 -4.12
N SER B 49 0.16 26.91 -3.74
CA SER B 49 1.26 27.29 -4.63
C SER B 49 1.66 26.16 -5.57
N ARG B 50 1.67 24.91 -5.10
CA ARG B 50 2.15 23.81 -5.92
C ARG B 50 1.20 23.48 -7.06
N ASN B 51 -0.10 23.72 -6.89
CA ASN B 51 -1.04 23.54 -8.00
C ASN B 51 -1.23 24.80 -8.83
N ALA B 52 -0.36 25.80 -8.69
CA ALA B 52 -0.47 27.01 -9.51
C ALA B 52 -0.59 26.71 -10.99
N PRO B 53 0.16 25.77 -11.58
CA PRO B 53 -0.04 25.50 -13.00
C PRO B 53 -1.46 25.14 -13.33
N LEU B 54 -2.07 24.28 -12.52
CA LEU B 54 -3.46 23.89 -12.74
C LEU B 54 -4.39 25.08 -12.52
N ALA B 55 -4.13 25.89 -11.49
CA ALA B 55 -5.00 27.02 -11.17
C ALA B 55 -5.07 28.00 -12.34
N PHE B 56 -3.91 28.39 -12.88
CA PHE B 56 -3.88 29.32 -14.01
C PHE B 56 -4.60 28.76 -15.23
N ALA B 57 -4.33 27.49 -15.57
CA ALA B 57 -4.95 26.92 -16.77
C ALA B 57 -6.45 26.82 -16.62
N LEU B 58 -6.92 26.54 -15.39
CA LEU B 58 -8.35 26.41 -15.16
C LEU B 58 -9.02 27.78 -15.23
N GLN B 59 -8.36 28.80 -14.70
CA GLN B 59 -8.87 30.16 -14.79
C GLN B 59 -9.04 30.60 -16.25
N ASP B 60 -8.03 30.30 -17.08
CA ASP B 60 -8.15 30.55 -18.52
C ASP B 60 -9.42 29.93 -19.10
N ALA B 61 -9.65 28.66 -18.80
CA ALA B 61 -10.77 27.95 -19.39
C ALA B 61 -12.10 28.51 -18.88
N ASP B 62 -12.13 28.95 -17.62
CA ASP B 62 -13.30 29.61 -17.08
C ASP B 62 -13.56 30.91 -17.82
N ARG B 63 -12.52 31.73 -17.97
CA ARG B 63 -12.69 33.01 -18.65
C ARG B 63 -13.16 32.82 -20.09
N SER B 64 -12.71 31.75 -20.73
CA SER B 64 -13.20 31.50 -22.08
C SER B 64 -14.59 30.89 -22.09
N GLY B 65 -15.18 30.67 -20.92
CA GLY B 65 -16.45 29.99 -20.89
C GLY B 65 -16.44 28.53 -21.29
N ARG B 66 -15.28 27.87 -21.29
CA ARG B 66 -15.27 26.43 -21.61
C ARG B 66 -15.69 25.57 -20.41
N ILE B 67 -15.41 26.04 -19.18
CA ILE B 67 -15.85 25.40 -17.95
C ILE B 67 -16.27 26.51 -16.99
N ARG B 68 -16.99 26.11 -15.96
CA ARG B 68 -17.28 27.00 -14.85
C ARG B 68 -16.42 26.56 -13.67
N LEU B 69 -15.64 27.49 -13.13
CA LEU B 69 -14.71 27.25 -12.05
C LEU B 69 -15.33 27.65 -10.71
N HIS B 70 -15.10 26.84 -9.68
CA HIS B 70 -15.62 27.11 -8.34
C HIS B 70 -14.47 27.06 -7.35
N VAL B 71 -14.09 28.20 -6.78
CA VAL B 71 -13.01 28.25 -5.80
C VAL B 71 -13.59 28.04 -4.41
N ARG B 72 -12.90 27.23 -3.58
CA ARG B 72 -13.29 27.00 -2.19
C ARG B 72 -12.04 26.91 -1.34
N ILE B 73 -12.22 27.09 -0.04
CA ILE B 73 -11.10 27.18 0.89
C ILE B 73 -10.84 25.82 1.54
N ASP B 74 -11.88 25.13 1.94
CA ASP B 74 -11.77 23.91 2.71
C ASP B 74 -11.91 22.73 1.75
N GLU B 75 -10.82 21.99 1.53
CA GLU B 75 -10.81 20.91 0.56
C GLU B 75 -11.85 19.82 0.88
N ARG B 76 -12.06 19.52 2.16
CA ARG B 76 -12.97 18.43 2.50
C ARG B 76 -14.38 18.71 1.99
N THR B 77 -14.95 19.86 2.37
CA THR B 77 -16.29 20.23 1.88
C THR B 77 -16.27 20.58 0.39
N ALA B 78 -15.13 21.03 -0.14
CA ALA B 78 -14.98 21.19 -1.59
C ALA B 78 -15.20 19.86 -2.34
N GLY B 79 -14.73 18.75 -1.78
CA GLY B 79 -15.00 17.46 -2.41
C GLY B 79 -16.50 17.18 -2.54
N TYR B 80 -17.27 17.49 -1.48
CA TYR B 80 -18.71 17.27 -1.55
C TYR B 80 -19.41 18.24 -2.48
N LEU B 81 -18.91 19.49 -2.56
CA LEU B 81 -19.32 20.40 -3.63
C LEU B 81 -19.10 19.78 -4.99
N ALA B 82 -17.94 19.17 -5.21
CA ALA B 82 -17.69 18.49 -6.48
C ALA B 82 -18.64 17.31 -6.66
N ILE B 83 -18.95 16.57 -5.59
CA ILE B 83 -19.92 15.49 -5.70
C ILE B 83 -21.27 16.04 -6.12
N GLY B 84 -21.70 17.14 -5.50
CA GLY B 84 -22.95 17.78 -5.90
C GLY B 84 -22.95 18.20 -7.36
N LEU B 85 -21.85 18.79 -7.82
CA LEU B 85 -21.78 19.17 -9.22
C LEU B 85 -21.90 17.97 -10.13
N ALA B 86 -21.43 16.81 -9.68
CA ALA B 86 -21.50 15.65 -10.55
C ALA B 86 -22.89 15.03 -10.53
N ILE B 87 -23.54 14.99 -9.36
CA ILE B 87 -24.84 14.30 -9.30
C ILE B 87 -26.00 15.20 -9.75
N GLY B 88 -25.83 16.52 -9.74
CA GLY B 88 -26.89 17.39 -10.23
C GLY B 88 -27.23 17.15 -11.69
N ALA B 89 -26.24 16.80 -12.52
CA ALA B 89 -26.45 16.65 -13.95
C ALA B 89 -25.84 15.40 -14.55
N GLY B 90 -25.02 14.65 -13.82
CA GLY B 90 -24.50 13.40 -14.32
C GLY B 90 -23.23 13.48 -15.14
N ALA B 91 -22.36 14.43 -14.86
CA ALA B 91 -21.12 14.64 -15.57
C ALA B 91 -19.93 14.38 -14.66
N PRO B 92 -18.76 14.05 -15.22
CA PRO B 92 -17.55 13.96 -14.38
C PRO B 92 -17.14 15.33 -13.89
N VAL B 93 -16.63 15.40 -12.67
CA VAL B 93 -16.22 16.67 -12.09
C VAL B 93 -14.86 16.51 -11.45
N CYS B 94 -13.99 17.49 -11.67
CA CYS B 94 -12.66 17.51 -11.08
CA CYS B 94 -12.67 17.51 -11.08
C CYS B 94 -12.63 18.46 -9.89
N VAL B 95 -11.89 18.08 -8.87
CA VAL B 95 -11.53 18.96 -7.78
C VAL B 95 -10.00 18.99 -7.73
N ALA B 96 -9.42 20.18 -7.83
CA ALA B 96 -7.97 20.34 -7.94
C ALA B 96 -7.45 21.04 -6.69
N MET B 97 -6.39 20.49 -6.08
CA MET B 97 -5.86 21.05 -4.84
C MET B 97 -4.34 20.92 -4.85
N THR B 98 -3.70 21.47 -3.82
CA THR B 98 -2.25 21.42 -3.70
C THR B 98 -1.82 20.16 -2.94
N SER B 99 -0.51 19.97 -2.85
CA SER B 99 0.05 18.79 -2.23
C SER B 99 -0.09 18.86 -0.71
N GLY B 100 -0.01 17.70 -0.08
CA GLY B 100 -0.04 17.59 1.37
C GLY B 100 -1.39 17.22 1.96
N THR B 101 -1.69 17.75 3.15
CA THR B 101 -2.95 17.39 3.80
C THR B 101 -4.16 17.84 2.99
N ALA B 102 -3.98 18.80 2.07
CA ALA B 102 -5.08 19.18 1.19
C ALA B 102 -5.60 17.98 0.41
N VAL B 103 -4.71 17.07 -0.01
CA VAL B 103 -5.14 15.87 -0.72
C VAL B 103 -5.83 14.91 0.26
N ALA B 104 -5.25 14.72 1.45
CA ALA B 104 -5.85 13.87 2.47
C ALA B 104 -7.28 14.31 2.84
N ASN B 105 -7.54 15.62 2.83
CA ASN B 105 -8.88 16.13 3.14
C ASN B 105 -9.91 15.71 2.10
N LEU B 106 -9.51 15.14 0.96
CA LEU B 106 -10.47 14.61 0.01
C LEU B 106 -10.94 13.20 0.36
N GLY B 107 -10.36 12.57 1.39
CA GLY B 107 -10.72 11.22 1.77
C GLY B 107 -12.21 10.95 1.94
N PRO B 108 -12.88 11.76 2.77
CA PRO B 108 -14.32 11.52 3.00
C PRO B 108 -15.17 11.61 1.73
N ALA B 109 -14.94 12.62 0.88
CA ALA B 109 -15.71 12.67 -0.36
C ALA B 109 -15.37 11.51 -1.30
N VAL B 110 -14.11 11.05 -1.28
CA VAL B 110 -13.71 9.93 -2.12
C VAL B 110 -14.46 8.65 -1.73
N VAL B 111 -14.56 8.39 -0.43
CA VAL B 111 -15.31 7.22 0.05
C VAL B 111 -16.78 7.33 -0.35
N GLU B 112 -17.39 8.50 -0.13
CA GLU B 112 -18.77 8.69 -0.55
C GLU B 112 -18.94 8.46 -2.05
N ALA B 113 -18.04 9.02 -2.85
CA ALA B 113 -18.11 8.86 -4.29
C ALA B 113 -17.92 7.41 -4.71
N ASN B 114 -17.06 6.67 -4.00
CA ASN B 114 -16.84 5.26 -4.33
C ASN B 114 -18.15 4.47 -4.23
N TYR B 115 -18.78 4.50 -3.05
CA TYR B 115 -19.98 3.69 -2.83
C TYR B 115 -21.22 4.26 -3.50
N ALA B 116 -21.28 5.57 -3.77
CA ALA B 116 -22.39 6.13 -4.53
C ALA B 116 -22.14 6.14 -6.03
N ARG B 117 -20.96 5.69 -6.48
CA ARG B 117 -20.60 5.59 -7.91
C ARG B 117 -20.69 6.95 -8.61
N VAL B 118 -19.95 7.91 -8.05
CA VAL B 118 -19.92 9.29 -8.54
C VAL B 118 -18.58 9.53 -9.23
N PRO B 119 -18.56 10.02 -10.47
CA PRO B 119 -17.30 10.28 -11.19
C PRO B 119 -16.54 11.49 -10.66
N LEU B 120 -15.89 11.33 -9.50
CA LEU B 120 -15.15 12.40 -8.86
C LEU B 120 -13.67 12.25 -9.22
N ILE B 121 -13.11 13.25 -9.89
CA ILE B 121 -11.70 13.21 -10.27
C ILE B 121 -10.93 14.08 -9.29
N VAL B 122 -10.08 13.46 -8.48
CA VAL B 122 -9.22 14.19 -7.56
C VAL B 122 -7.91 14.48 -8.27
N LEU B 123 -7.72 15.75 -8.65
CA LEU B 123 -6.59 16.17 -9.49
C LEU B 123 -5.63 16.91 -8.57
N SER B 124 -4.60 16.22 -8.11
CA SER B 124 -3.72 16.74 -7.09
C SER B 124 -2.38 17.16 -7.69
N ALA B 125 -1.89 18.30 -7.23
CA ALA B 125 -0.52 18.68 -7.54
C ALA B 125 0.40 18.02 -6.54
N ASN B 126 1.62 17.75 -6.97
CA ASN B 126 2.60 17.09 -6.13
C ASN B 126 3.97 17.64 -6.47
N ARG B 127 4.92 17.43 -5.56
CA ARG B 127 6.33 17.58 -5.90
C ARG B 127 6.87 16.35 -6.60
N PRO B 128 8.00 16.48 -7.29
CA PRO B 128 8.62 15.28 -7.90
C PRO B 128 8.75 14.17 -6.86
N TYR B 129 8.51 12.93 -7.30
CA TYR B 129 8.43 11.82 -6.35
C TYR B 129 9.76 11.53 -5.67
N GLU B 130 10.88 11.84 -6.32
CA GLU B 130 12.19 11.59 -5.72
C GLU B 130 12.47 12.51 -4.54
N LEU B 131 11.59 13.49 -4.27
CA LEU B 131 11.69 14.31 -3.08
C LEU B 131 10.98 13.72 -1.87
N LEU B 132 10.21 12.66 -2.07
CA LEU B 132 9.56 11.98 -0.97
C LEU B 132 10.61 11.45 0.00
N GLY B 133 10.45 11.76 1.28
CA GLY B 133 11.42 11.34 2.27
C GLY B 133 12.66 12.20 2.41
N THR B 134 12.69 13.38 1.81
CA THR B 134 13.83 14.28 1.98
C THR B 134 13.57 15.40 2.97
N GLY B 135 12.38 15.44 3.58
CA GLY B 135 12.04 16.56 4.42
C GLY B 135 11.54 17.77 3.65
N ALA B 136 11.21 17.61 2.38
CA ALA B 136 10.60 18.69 1.62
C ALA B 136 9.32 19.18 2.30
N ASN B 137 9.13 20.50 2.30
CA ASN B 137 7.96 21.11 2.94
C ASN B 137 6.68 20.64 2.27
N GLN B 138 5.68 20.28 3.09
CA GLN B 138 4.34 19.95 2.60
C GLN B 138 4.36 18.82 1.56
N THR B 139 5.02 17.72 1.91
CA THR B 139 5.17 16.57 1.01
C THR B 139 4.83 15.29 1.76
N MET B 140 4.07 14.42 1.11
CA MET B 140 3.62 13.16 1.71
C MET B 140 3.41 12.14 0.60
N GLU B 141 3.20 10.88 1.01
CA GLU B 141 2.90 9.77 0.11
C GLU B 141 1.50 9.97 -0.46
N GLN B 142 1.41 10.55 -1.66
CA GLN B 142 0.12 10.91 -2.23
C GLN B 142 -0.44 9.84 -3.14
N LEU B 143 0.39 9.28 -4.00
CA LEU B 143 -0.05 8.24 -4.91
C LEU B 143 -0.32 6.97 -4.13
N GLY B 144 -1.54 6.42 -4.29
CA GLY B 144 -2.00 5.32 -3.46
C GLY B 144 -2.64 5.71 -2.14
N TYR B 145 -2.71 7.02 -1.84
CA TYR B 145 -3.25 7.44 -0.55
C TYR B 145 -4.66 6.92 -0.32
N PHE B 146 -5.49 6.93 -1.34
CA PHE B 146 -6.87 6.46 -1.22
C PHE B 146 -7.02 4.94 -1.27
N GLY B 147 -5.93 4.19 -1.46
CA GLY B 147 -6.04 2.73 -1.44
C GLY B 147 -7.01 2.21 -2.48
N THR B 148 -7.89 1.27 -2.06
CA THR B 148 -8.82 0.63 -2.97
C THR B 148 -10.11 1.41 -3.21
N GLN B 149 -10.27 2.57 -2.56
CA GLN B 149 -11.48 3.38 -2.71
C GLN B 149 -11.62 4.01 -4.09
N VAL B 150 -10.54 4.17 -4.86
CA VAL B 150 -10.63 4.84 -6.16
C VAL B 150 -10.66 3.81 -7.27
N ARG B 151 -11.27 4.17 -8.40
CA ARG B 151 -11.30 3.31 -9.57
C ARG B 151 -9.94 3.20 -10.25
N ALA B 152 -9.08 4.17 -10.05
CA ALA B 152 -7.74 4.14 -10.61
C ALA B 152 -6.92 5.20 -9.89
N SER B 153 -5.62 4.98 -9.91
CA SER B 153 -4.63 5.91 -9.41
C SER B 153 -3.62 6.11 -10.54
N ILE B 154 -3.58 7.30 -11.12
CA ILE B 154 -2.81 7.55 -12.32
C ILE B 154 -1.95 8.80 -12.11
N SER B 155 -0.70 8.76 -12.55
CA SER B 155 0.13 9.96 -12.48
C SER B 155 0.75 10.26 -13.84
N LEU B 156 1.13 11.52 -14.00
CA LEU B 156 1.86 12.00 -15.17
C LEU B 156 3.35 12.05 -14.86
N GLY B 157 4.16 11.87 -15.89
CA GLY B 157 5.59 12.09 -15.72
C GLY B 157 5.88 13.56 -15.47
N LEU B 158 6.90 13.82 -14.64
CA LEU B 158 7.37 15.19 -14.47
C LEU B 158 7.67 15.79 -15.83
N ALA B 159 7.14 17.00 -16.07
CA ALA B 159 7.23 17.62 -17.38
C ALA B 159 8.67 18.02 -17.68
N GLU B 160 9.13 17.65 -18.87
CA GLU B 160 10.51 17.87 -19.27
C GLU B 160 10.64 19.05 -20.21
N ASP B 161 11.78 19.72 -20.14
CA ASP B 161 12.13 20.78 -21.09
C ASP B 161 12.81 20.12 -22.28
N ALA B 162 12.02 19.75 -23.27
CA ALA B 162 12.49 18.97 -24.42
C ALA B 162 11.57 19.27 -25.60
N PRO B 163 11.76 20.42 -26.25
CA PRO B 163 10.87 20.82 -27.36
C PRO B 163 10.72 19.79 -28.46
N GLU B 164 11.74 18.98 -28.74
CA GLU B 164 11.61 17.99 -29.81
C GLU B 164 10.69 16.83 -29.44
N ARG B 165 10.32 16.73 -28.17
CA ARG B 165 9.45 15.66 -27.69
C ARG B 165 8.06 16.17 -27.29
N THR B 166 7.76 17.44 -27.57
CA THR B 166 6.44 17.98 -27.29
C THR B 166 5.33 17.07 -27.86
N SER B 167 5.52 16.60 -29.08
CA SER B 167 4.48 15.82 -29.75
C SER B 167 4.21 14.51 -28.99
N ALA B 168 5.29 13.82 -28.61
CA ALA B 168 5.16 12.55 -27.90
C ALA B 168 4.56 12.76 -26.51
N LEU B 169 5.08 13.75 -25.78
CA LEU B 169 4.56 14.05 -24.45
C LEU B 169 3.09 14.44 -24.49
N ASN B 170 2.69 15.22 -25.50
CA ASN B 170 1.28 15.59 -25.65
C ASN B 170 0.38 14.37 -25.68
N ALA B 171 0.75 13.36 -26.49
CA ALA B 171 -0.07 12.16 -26.61
C ALA B 171 -0.11 11.40 -25.30
N THR B 172 1.04 11.35 -24.62
CA THR B 172 1.12 10.70 -23.32
C THR B 172 0.20 11.38 -22.31
N TRP B 173 0.32 12.70 -22.19
CA TRP B 173 -0.51 13.43 -21.23
C TRP B 173 -1.99 13.28 -21.55
N ARG B 174 -2.35 13.36 -22.83
CA ARG B 174 -3.77 13.31 -23.18
C ARG B 174 -4.31 11.91 -23.02
N SER B 175 -3.51 10.90 -23.38
CA SER B 175 -3.92 9.51 -23.17
C SER B 175 -4.22 9.25 -21.71
N ALA B 176 -3.29 9.60 -20.84
CA ALA B 176 -3.49 9.43 -19.41
C ALA B 176 -4.77 10.12 -18.95
N THR B 177 -5.01 11.34 -19.43
CA THR B 177 -6.23 12.05 -19.06
C THR B 177 -7.48 11.31 -19.55
N CYS B 178 -7.41 10.72 -20.74
CA CYS B 178 -8.54 9.90 -21.18
C CYS B 178 -8.70 8.64 -20.33
N ARG B 179 -7.61 8.08 -19.80
CA ARG B 179 -7.77 6.91 -18.94
C ARG B 179 -8.47 7.29 -17.64
N VAL B 180 -8.05 8.43 -17.06
CA VAL B 180 -8.68 8.95 -15.84
C VAL B 180 -10.18 9.15 -16.06
N LEU B 181 -10.57 9.74 -17.19
CA LEU B 181 -11.99 9.99 -17.42
C LEU B 181 -12.76 8.70 -17.61
N ALA B 182 -12.16 7.75 -18.34
CA ALA B 182 -12.83 6.47 -18.59
C ALA B 182 -13.05 5.74 -17.28
N ALA B 183 -12.04 5.73 -16.42
CA ALA B 183 -12.18 5.07 -15.14
C ALA B 183 -13.23 5.77 -14.28
N ALA B 184 -13.26 7.11 -14.33
CA ALA B 184 -14.19 7.85 -13.48
C ALA B 184 -15.64 7.71 -13.94
N THR B 185 -15.89 7.81 -15.24
CA THR B 185 -17.28 7.62 -15.70
C THR B 185 -17.67 6.17 -15.88
N GLY B 186 -16.74 5.24 -15.70
CA GLY B 186 -17.07 3.84 -15.93
C GLY B 186 -17.34 3.52 -17.39
N ALA B 187 -16.70 4.24 -18.31
CA ALA B 187 -16.96 4.02 -19.73
C ALA B 187 -16.72 2.57 -20.15
N ARG B 188 -15.73 1.89 -19.56
CA ARG B 188 -15.50 0.49 -19.89
C ARG B 188 -16.03 -0.48 -18.84
N THR B 189 -16.11 -0.06 -17.58
CA THR B 189 -16.50 -0.95 -16.49
C THR B 189 -17.98 -0.90 -16.15
N ALA B 190 -18.68 0.17 -16.55
CA ALA B 190 -20.05 0.44 -16.09
C ALA B 190 -20.10 0.65 -14.58
N ASN B 191 -18.99 1.09 -13.98
CA ASN B 191 -18.94 1.29 -12.54
C ASN B 191 -18.23 2.61 -12.21
N ALA B 192 -18.95 3.71 -12.42
CA ALA B 192 -18.40 5.04 -12.17
C ALA B 192 -17.90 5.12 -10.73
N GLY B 193 -16.86 5.92 -10.53
CA GLY B 193 -16.40 6.23 -9.20
C GLY B 193 -15.26 7.24 -9.21
N PRO B 194 -14.67 7.49 -8.04
CA PRO B 194 -13.60 8.48 -7.94
C PRO B 194 -12.29 7.96 -8.50
N VAL B 195 -11.48 8.89 -9.01
CA VAL B 195 -10.17 8.60 -9.58
C VAL B 195 -9.17 9.58 -8.99
N HIS B 196 -7.98 9.10 -8.66
CA HIS B 196 -6.89 9.97 -8.22
C HIS B 196 -5.93 10.21 -9.38
N PHE B 197 -5.78 11.48 -9.75
CA PHE B 197 -4.91 11.92 -10.84
C PHE B 197 -3.85 12.82 -10.21
N ASP B 198 -2.65 12.29 -10.02
CA ASP B 198 -1.57 12.99 -9.32
C ASP B 198 -0.58 13.54 -10.33
N ILE B 199 -0.24 14.82 -10.21
CA ILE B 199 0.64 15.47 -11.17
C ILE B 199 1.82 16.12 -10.45
N PRO B 200 3.00 15.50 -10.48
CA PRO B 200 4.19 16.16 -9.94
C PRO B 200 4.54 17.36 -10.80
N LEU B 201 4.85 18.47 -10.14
CA LEU B 201 5.16 19.72 -10.81
C LEU B 201 6.33 20.38 -10.09
N ARG B 202 7.16 21.11 -10.86
CA ARG B 202 8.30 21.84 -10.30
C ARG B 202 8.40 23.21 -10.97
N GLU B 203 9.17 24.09 -10.33
CA GLU B 203 9.46 25.42 -10.89
C GLU B 203 10.04 25.35 -12.31
N PRO B 204 9.67 26.29 -13.17
CA PRO B 204 8.72 27.37 -12.84
C PRO B 204 7.24 26.96 -12.90
N LEU B 205 6.46 27.44 -11.92
CA LEU B 205 5.06 27.06 -11.75
C LEU B 205 4.07 28.06 -12.34
N VAL B 206 4.43 29.33 -12.43
CA VAL B 206 3.54 30.34 -13.00
C VAL B 206 3.81 30.45 -14.50
N PRO B 207 2.85 30.91 -15.30
CA PRO B 207 3.10 31.05 -16.73
C PRO B 207 4.14 32.13 -17.03
N ASP B 208 4.95 31.88 -18.04
CA ASP B 208 5.89 32.86 -18.53
C ASP B 208 5.16 33.95 -19.29
N PRO B 209 5.72 35.17 -19.31
CA PRO B 209 5.19 36.24 -20.17
C PRO B 209 4.91 35.77 -21.60
N GLU B 210 3.67 35.92 -22.05
CA GLU B 210 3.41 35.33 -23.36
C GLU B 210 3.33 36.41 -24.43
N PRO B 211 4.02 36.21 -25.58
CA PRO B 211 4.14 37.18 -26.67
C PRO B 211 2.81 37.82 -27.07
N ALA B 214 3.07 30.36 -26.94
CA ALA B 214 1.70 30.83 -26.76
C ALA B 214 0.70 29.79 -27.29
N VAL B 215 1.19 28.76 -27.97
CA VAL B 215 0.34 27.75 -28.60
C VAL B 215 0.48 26.44 -27.84
N THR B 216 -0.60 26.00 -27.21
CA THR B 216 -0.60 24.74 -26.50
C THR B 216 -0.63 23.57 -27.49
N PRO B 217 0.11 22.49 -27.22
CA PRO B 217 0.11 21.34 -28.14
C PRO B 217 -1.32 20.85 -28.36
N PRO B 218 -1.73 20.73 -29.62
CA PRO B 218 -3.15 20.55 -29.91
C PRO B 218 -3.62 19.11 -29.71
N GLY B 219 -4.91 18.97 -29.42
CA GLY B 219 -5.55 17.68 -29.35
C GLY B 219 -6.03 17.23 -30.71
N ARG B 220 -7.05 16.38 -30.69
CA ARG B 220 -7.56 15.84 -31.93
C ARG B 220 -8.38 16.89 -32.67
N PRO B 221 -8.52 16.77 -33.99
CA PRO B 221 -9.40 17.68 -34.73
C PRO B 221 -10.85 17.58 -34.25
N ALA B 222 -11.57 18.70 -34.38
CA ALA B 222 -13.00 18.79 -34.09
C ALA B 222 -13.34 18.56 -32.61
N GLY B 223 -12.39 18.81 -31.71
CA GLY B 223 -12.66 18.70 -30.28
C GLY B 223 -12.88 17.31 -29.75
N LYS B 224 -12.56 16.26 -30.50
CA LYS B 224 -12.76 14.90 -30.02
C LYS B 224 -11.78 14.60 -28.88
N PRO B 225 -12.13 13.67 -28.00
CA PRO B 225 -11.15 13.18 -27.01
C PRO B 225 -9.98 12.50 -27.70
N TRP B 226 -8.79 12.69 -27.14
CA TRP B 226 -7.57 12.10 -27.69
C TRP B 226 -7.74 10.61 -27.98
N THR B 227 -8.11 9.83 -26.97
CA THR B 227 -8.49 8.44 -27.16
C THR B 227 -9.99 8.33 -26.83
N TYR B 228 -10.81 8.10 -27.85
CA TYR B 228 -12.25 8.07 -27.69
C TYR B 228 -12.72 6.69 -27.24
N THR B 229 -13.44 6.64 -26.13
CA THR B 229 -13.96 5.39 -25.60
C THR B 229 -15.46 5.56 -25.31
N PRO B 230 -16.34 4.95 -26.11
CA PRO B 230 -17.77 5.19 -25.94
C PRO B 230 -18.29 4.55 -24.66
N PRO B 231 -19.36 5.10 -24.07
CA PRO B 231 -19.91 4.50 -22.85
C PRO B 231 -20.41 3.09 -23.14
N VAL B 232 -19.93 2.13 -22.34
CA VAL B 232 -20.27 0.73 -22.55
C VAL B 232 -21.75 0.48 -22.24
N THR B 233 -22.33 -0.46 -22.98
CA THR B 233 -23.59 -1.07 -22.62
C THR B 233 -23.29 -2.37 -21.86
N PHE B 234 -23.69 -2.42 -20.59
CA PHE B 234 -23.49 -3.57 -19.76
C PHE B 234 -24.82 -4.30 -19.59
N ASP B 235 -24.90 -5.53 -20.10
CA ASP B 235 -26.18 -6.23 -20.16
C ASP B 235 -26.09 -7.64 -19.59
N GLN B 236 -27.05 -8.00 -18.74
CA GLN B 236 -27.13 -9.33 -18.13
C GLN B 236 -28.60 -9.70 -17.88
N PRO B 237 -29.27 -10.28 -18.88
CA PRO B 237 -30.69 -10.62 -18.72
C PRO B 237 -30.89 -11.74 -17.70
N LEU B 238 -32.01 -11.66 -16.99
CA LEU B 238 -32.33 -12.61 -15.93
C LEU B 238 -33.80 -12.99 -15.98
N ASP B 239 -34.10 -14.28 -16.02
CA ASP B 239 -35.49 -14.75 -16.09
C ASP B 239 -36.16 -14.62 -14.73
N ILE B 240 -37.31 -13.94 -14.70
CA ILE B 240 -38.09 -13.77 -13.48
C ILE B 240 -39.56 -14.01 -13.80
N ASP B 241 -40.23 -14.80 -12.96
CA ASP B 241 -41.66 -15.07 -13.07
C ASP B 241 -42.45 -14.13 -12.16
N LEU B 242 -43.29 -13.29 -12.74
CA LEU B 242 -44.02 -12.29 -11.95
C LEU B 242 -45.32 -12.79 -11.37
N SER B 243 -45.79 -13.98 -11.75
CA SER B 243 -47.04 -14.46 -11.15
C SER B 243 -46.85 -14.83 -9.68
N VAL B 244 -45.67 -15.31 -9.32
CA VAL B 244 -45.32 -15.46 -7.90
C VAL B 244 -45.39 -14.09 -7.25
N ASP B 245 -45.94 -14.04 -6.02
CA ASP B 245 -46.15 -12.78 -5.32
C ASP B 245 -44.84 -12.03 -5.11
N THR B 246 -44.67 -10.91 -5.82
CA THR B 246 -43.40 -10.21 -5.91
C THR B 246 -43.52 -8.81 -5.33
N VAL B 247 -42.58 -8.42 -4.50
CA VAL B 247 -42.39 -7.03 -4.11
C VAL B 247 -41.07 -6.54 -4.70
N VAL B 248 -41.09 -5.33 -5.26
CA VAL B 248 -39.90 -4.70 -5.80
C VAL B 248 -39.37 -3.73 -4.76
N ILE B 249 -38.11 -3.90 -4.35
CA ILE B 249 -37.44 -2.97 -3.44
C ILE B 249 -36.33 -2.28 -4.20
N SER B 250 -36.42 -0.95 -4.31
CA SER B 250 -35.48 -0.20 -5.15
C SER B 250 -34.74 0.80 -4.29
N GLY B 251 -33.42 0.75 -4.35
CA GLY B 251 -32.60 1.65 -3.55
C GLY B 251 -31.70 2.54 -4.38
N HIS B 252 -30.64 3.05 -3.75
CA HIS B 252 -29.79 4.03 -4.40
C HIS B 252 -29.11 3.43 -5.62
N GLY B 253 -29.15 4.16 -6.74
CA GLY B 253 -28.52 3.69 -7.95
C GLY B 253 -29.32 2.73 -8.78
N ALA B 254 -30.61 2.55 -8.46
CA ALA B 254 -31.43 1.57 -9.17
C ALA B 254 -31.73 2.04 -10.59
N GLY B 255 -31.94 1.09 -11.49
CA GLY B 255 -32.33 1.39 -12.84
C GLY B 255 -33.84 1.55 -12.98
N VAL B 256 -34.27 1.89 -14.20
CA VAL B 256 -35.67 2.01 -14.56
C VAL B 256 -36.06 0.76 -15.33
N HIS B 257 -37.16 0.12 -14.93
CA HIS B 257 -37.59 -1.15 -15.51
C HIS B 257 -39.07 -1.08 -15.87
N PRO B 258 -39.40 -0.74 -17.13
CA PRO B 258 -40.82 -0.73 -17.52
C PRO B 258 -41.53 -2.06 -17.28
N ASN B 259 -40.90 -3.20 -17.60
CA ASN B 259 -41.59 -4.47 -17.46
C ASN B 259 -41.86 -4.84 -16.00
N LEU B 260 -41.47 -4.00 -15.05
CA LEU B 260 -41.76 -4.21 -13.64
C LEU B 260 -42.64 -3.12 -13.07
N ALA B 261 -43.18 -2.25 -13.93
CA ALA B 261 -43.87 -1.05 -13.44
C ALA B 261 -45.14 -1.38 -12.69
N ALA B 262 -45.76 -2.54 -12.95
CA ALA B 262 -47.02 -2.86 -12.30
C ALA B 262 -46.85 -3.40 -10.88
N LEU B 263 -45.65 -3.77 -10.50
CA LEU B 263 -45.45 -4.49 -9.25
C LEU B 263 -45.51 -3.55 -8.05
N PRO B 264 -45.96 -4.05 -6.90
CA PRO B 264 -45.84 -3.26 -5.66
C PRO B 264 -44.38 -2.98 -5.38
N THR B 265 -44.05 -1.70 -5.22
CA THR B 265 -42.66 -1.26 -5.18
C THR B 265 -42.41 -0.41 -3.95
N VAL B 266 -41.38 -0.77 -3.16
CA VAL B 266 -40.92 0.06 -2.06
C VAL B 266 -39.68 0.78 -2.57
N ALA B 267 -39.81 2.07 -2.85
CA ALA B 267 -38.75 2.83 -3.48
C ALA B 267 -38.23 3.88 -2.50
N GLU B 268 -36.94 3.82 -2.19
CA GLU B 268 -36.27 4.90 -1.46
C GLU B 268 -36.39 6.19 -2.25
N PRO B 269 -36.32 7.34 -1.57
CA PRO B 269 -36.55 8.61 -2.30
C PRO B 269 -35.57 8.89 -3.42
N THR B 270 -34.34 8.36 -3.36
CA THR B 270 -33.39 8.56 -4.46
C THR B 270 -33.53 7.58 -5.60
N ALA B 271 -34.33 6.50 -5.44
CA ALA B 271 -34.53 5.52 -6.49
C ALA B 271 -35.51 6.03 -7.53
N PRO B 272 -35.19 5.97 -8.82
CA PRO B 272 -36.17 6.36 -9.84
C PRO B 272 -37.34 5.38 -9.86
N ARG B 273 -38.54 5.92 -10.05
CA ARG B 273 -39.74 5.08 -10.12
C ARG B 273 -39.84 4.43 -11.49
N SER B 274 -40.28 3.18 -11.51
CA SER B 274 -40.61 2.51 -12.76
C SER B 274 -42.09 2.59 -13.09
N GLY B 275 -42.95 2.83 -12.11
CA GLY B 275 -44.37 2.88 -12.32
C GLY B 275 -45.09 3.58 -11.19
N ASP B 276 -46.38 3.30 -11.07
CA ASP B 276 -47.24 3.97 -10.09
C ASP B 276 -48.02 2.90 -9.30
N ASN B 277 -47.29 1.99 -8.70
CA ASN B 277 -47.87 1.07 -7.71
C ASN B 277 -47.04 1.11 -6.44
N PRO B 278 -47.12 2.21 -5.70
CA PRO B 278 -46.24 2.38 -4.53
C PRO B 278 -46.67 1.54 -3.34
N LEU B 279 -45.68 1.00 -2.64
CA LEU B 279 -45.90 0.32 -1.37
C LEU B 279 -45.10 1.07 -0.31
N HIS B 280 -45.81 1.67 0.64
CA HIS B 280 -45.17 2.41 1.70
C HIS B 280 -44.31 1.48 2.55
N PRO B 281 -43.14 1.95 3.02
CA PRO B 281 -42.27 1.06 3.80
C PRO B 281 -42.89 0.56 5.10
N LEU B 282 -43.77 1.32 5.73
CA LEU B 282 -44.47 0.81 6.91
C LEU B 282 -45.41 -0.36 6.62
N ALA B 283 -45.83 -0.54 5.36
CA ALA B 283 -46.75 -1.62 5.03
C ALA B 283 -46.04 -2.94 4.80
N LEU B 284 -44.75 -2.90 4.47
CA LEU B 284 -43.98 -4.12 4.23
C LEU B 284 -44.08 -5.14 5.36
N PRO B 285 -43.98 -4.79 6.65
CA PRO B 285 -44.08 -5.81 7.70
C PRO B 285 -45.44 -6.50 7.75
N LEU B 286 -46.47 -5.92 7.13
CA LEU B 286 -47.78 -6.54 7.15
C LEU B 286 -47.98 -7.57 6.04
N LEU B 287 -47.17 -7.54 4.99
CA LEU B 287 -47.28 -8.48 3.90
C LEU B 287 -46.26 -9.59 4.06
N ARG B 288 -46.37 -10.59 3.18
CA ARG B 288 -45.41 -11.69 3.11
C ARG B 288 -45.14 -12.01 1.66
N PRO B 289 -44.22 -11.29 1.03
CA PRO B 289 -43.89 -11.58 -0.36
C PRO B 289 -43.34 -12.98 -0.49
N GLN B 290 -43.57 -13.60 -1.65
CA GLN B 290 -42.96 -14.88 -1.96
C GLN B 290 -41.67 -14.73 -2.77
N GLN B 291 -41.41 -13.55 -3.31
CA GLN B 291 -40.08 -13.27 -3.86
C GLN B 291 -39.89 -11.76 -3.95
N VAL B 292 -38.62 -11.33 -3.89
CA VAL B 292 -38.25 -9.93 -3.91
C VAL B 292 -37.36 -9.66 -5.11
N ILE B 293 -37.63 -8.54 -5.79
CA ILE B 293 -36.75 -8.07 -6.85
C ILE B 293 -36.08 -6.83 -6.30
N MET B 294 -34.77 -6.93 -6.06
CA MET B 294 -34.00 -5.87 -5.43
C MET B 294 -33.29 -5.08 -6.51
N LEU B 295 -33.54 -3.76 -6.55
CA LEU B 295 -32.99 -2.87 -7.55
C LEU B 295 -31.98 -1.92 -6.89
N GLY B 296 -30.76 -1.90 -7.41
CA GLY B 296 -29.75 -1.01 -6.84
C GLY B 296 -29.37 -1.47 -5.44
N ARG B 297 -29.10 -0.52 -4.57
CA ARG B 297 -28.48 -0.76 -3.27
C ARG B 297 -29.39 -0.19 -2.19
N PRO B 298 -30.41 -0.96 -1.77
CA PRO B 298 -31.32 -0.46 -0.74
C PRO B 298 -30.67 -0.59 0.64
N THR B 299 -30.69 0.50 1.41
CA THR B 299 -30.12 0.44 2.75
C THR B 299 -30.93 1.20 3.79
N LEU B 300 -32.00 1.89 3.41
CA LEU B 300 -32.56 2.94 4.25
C LEU B 300 -33.60 2.47 5.25
N HIS B 301 -34.54 1.61 4.86
CA HIS B 301 -35.67 1.28 5.72
C HIS B 301 -35.41 0.01 6.53
N ARG B 302 -35.61 0.12 7.84
CA ARG B 302 -35.55 -1.07 8.70
C ARG B 302 -36.47 -2.18 8.25
N PRO B 303 -37.74 -1.93 7.88
CA PRO B 303 -38.55 -3.05 7.38
C PRO B 303 -37.99 -3.68 6.11
N VAL B 304 -37.25 -2.92 5.31
CA VAL B 304 -36.61 -3.50 4.13
C VAL B 304 -35.48 -4.43 4.55
N SER B 305 -34.65 -4.00 5.50
CA SER B 305 -33.52 -4.82 5.89
C SER B 305 -33.95 -6.12 6.57
N VAL B 306 -35.03 -6.08 7.36
CA VAL B 306 -35.51 -7.30 8.01
C VAL B 306 -36.03 -8.27 6.96
N LEU B 307 -36.70 -7.75 5.93
CA LEU B 307 -37.17 -8.62 4.86
C LEU B 307 -36.02 -9.30 4.14
N LEU B 308 -34.96 -8.55 3.85
CA LEU B 308 -33.84 -9.10 3.09
C LEU B 308 -32.95 -9.98 3.96
N ALA B 309 -32.89 -9.68 5.27
CA ALA B 309 -32.17 -10.55 6.19
C ALA B 309 -32.89 -11.88 6.41
N ASP B 310 -34.16 -12.00 6.04
CA ASP B 310 -34.88 -13.27 6.04
C ASP B 310 -34.33 -14.15 4.92
N ALA B 311 -33.46 -15.10 5.29
CA ALA B 311 -32.78 -15.96 4.32
C ALA B 311 -33.71 -16.94 3.62
N GLU B 312 -35.02 -16.90 3.87
CA GLU B 312 -35.96 -17.84 3.27
C GLU B 312 -36.73 -17.26 2.09
N VAL B 313 -36.74 -15.94 1.91
CA VAL B 313 -37.37 -15.32 0.75
C VAL B 313 -36.36 -15.22 -0.40
N PRO B 314 -36.67 -15.70 -1.60
CA PRO B 314 -35.73 -15.57 -2.72
C PRO B 314 -35.66 -14.14 -3.23
N VAL B 315 -34.42 -13.65 -3.43
CA VAL B 315 -34.18 -12.28 -3.87
C VAL B 315 -33.47 -12.32 -5.22
N PHE B 316 -33.90 -11.47 -6.15
CA PHE B 316 -33.22 -11.29 -7.42
C PHE B 316 -32.66 -9.88 -7.46
N ALA B 317 -31.36 -9.77 -7.77
CA ALA B 317 -30.64 -8.49 -7.70
C ALA B 317 -30.46 -7.94 -9.11
N LEU B 318 -31.09 -6.80 -9.39
CA LEU B 318 -31.00 -6.14 -10.69
C LEU B 318 -30.29 -4.79 -10.52
N THR B 319 -29.13 -4.65 -11.19
CA THR B 319 -28.26 -3.50 -10.98
C THR B 319 -27.78 -2.97 -12.32
N THR B 320 -27.43 -1.66 -12.34
CA THR B 320 -26.95 -1.02 -13.56
C THR B 320 -25.49 -1.38 -13.85
N GLY B 321 -24.71 -1.72 -12.83
CA GLY B 321 -23.33 -2.10 -13.03
C GLY B 321 -23.00 -3.44 -12.41
N PRO B 322 -21.71 -3.81 -12.43
CA PRO B 322 -21.30 -5.13 -11.93
C PRO B 322 -21.45 -5.32 -10.43
N ARG B 323 -21.44 -4.25 -9.65
CA ARG B 323 -21.64 -4.42 -8.21
C ARG B 323 -23.08 -4.81 -7.91
N TRP B 324 -23.26 -5.59 -6.85
CA TRP B 324 -24.59 -5.91 -6.37
C TRP B 324 -24.56 -5.96 -4.86
N PRO B 325 -25.67 -5.67 -4.19
CA PRO B 325 -25.64 -5.47 -2.75
C PRO B 325 -25.55 -6.79 -1.99
N ASP B 326 -25.09 -6.67 -0.74
CA ASP B 326 -24.91 -7.82 0.12
C ASP B 326 -25.92 -7.85 1.26
N VAL B 327 -27.02 -7.11 1.13
CA VAL B 327 -27.99 -6.98 2.21
C VAL B 327 -28.89 -8.20 2.35
N SER B 328 -28.84 -9.15 1.42
CA SER B 328 -29.56 -10.40 1.59
C SER B 328 -28.62 -11.58 1.41
N GLY B 329 -28.82 -12.60 2.24
CA GLY B 329 -28.13 -13.86 2.08
C GLY B 329 -28.73 -14.78 1.06
N ASN B 330 -29.83 -14.37 0.42
CA ASN B 330 -30.53 -15.26 -0.48
C ASN B 330 -30.73 -14.62 -1.84
N SER B 331 -29.75 -13.87 -2.32
CA SER B 331 -29.78 -13.38 -3.69
C SER B 331 -29.54 -14.57 -4.61
N GLN B 332 -30.62 -15.06 -5.21
CA GLN B 332 -30.52 -16.27 -6.02
C GLN B 332 -29.77 -16.02 -7.31
N ALA B 333 -29.80 -14.79 -7.83
CA ALA B 333 -29.24 -14.49 -9.14
C ALA B 333 -29.06 -12.99 -9.27
N THR B 334 -28.28 -12.59 -10.27
CA THR B 334 -28.05 -11.19 -10.54
C THR B 334 -28.36 -10.91 -12.00
N GLY B 335 -28.69 -9.67 -12.29
CA GLY B 335 -28.82 -9.26 -13.68
C GLY B 335 -28.87 -7.75 -13.75
N THR B 336 -29.03 -7.26 -14.97
CA THR B 336 -29.25 -5.85 -15.22
C THR B 336 -30.69 -5.53 -15.55
N ARG B 337 -31.43 -6.53 -16.04
CA ARG B 337 -32.82 -6.38 -16.43
C ARG B 337 -33.48 -7.74 -16.30
N ALA B 338 -34.78 -7.73 -16.08
CA ALA B 338 -35.55 -8.97 -15.96
C ALA B 338 -36.17 -9.31 -17.30
N VAL B 339 -36.13 -10.59 -17.65
CA VAL B 339 -36.93 -11.14 -18.73
C VAL B 339 -38.13 -11.82 -18.08
N THR B 340 -39.30 -11.21 -18.25
CA THR B 340 -40.46 -11.52 -17.42
C THR B 340 -41.43 -12.47 -18.12
N THR B 341 -41.99 -13.38 -17.34
CA THR B 341 -43.15 -14.16 -17.73
C THR B 341 -44.21 -13.99 -16.65
N GLY B 342 -45.47 -14.10 -17.06
CA GLY B 342 -46.53 -13.99 -16.08
C GLY B 342 -46.80 -12.55 -15.68
N ALA B 343 -47.70 -12.41 -14.73
CA ALA B 343 -48.08 -11.11 -14.22
C ALA B 343 -48.56 -11.29 -12.78
N PRO B 344 -48.53 -10.23 -11.98
CA PRO B 344 -48.95 -10.37 -10.57
C PRO B 344 -50.44 -10.66 -10.46
N ARG B 345 -50.77 -11.56 -9.53
CA ARG B 345 -52.16 -11.92 -9.27
C ARG B 345 -52.94 -10.75 -8.68
N PRO B 346 -54.20 -10.55 -9.08
CA PRO B 346 -54.94 -9.36 -8.60
C PRO B 346 -55.21 -9.38 -7.10
N ALA B 347 -55.29 -10.57 -6.50
CA ALA B 347 -55.43 -10.66 -5.05
C ALA B 347 -54.22 -10.07 -4.34
N TRP B 348 -53.03 -10.31 -4.90
CA TRP B 348 -51.78 -9.78 -4.37
C TRP B 348 -51.74 -8.26 -4.50
N LEU B 349 -51.94 -7.75 -5.72
CA LEU B 349 -52.05 -6.31 -5.93
C LEU B 349 -53.04 -5.69 -4.96
N ASP B 350 -54.22 -6.32 -4.81
CA ASP B 350 -55.24 -5.79 -3.91
C ASP B 350 -54.73 -5.68 -2.48
N ARG B 351 -54.08 -6.74 -1.99
CA ARG B 351 -53.62 -6.72 -0.60
C ARG B 351 -52.53 -5.68 -0.41
N CYS B 352 -51.57 -5.62 -1.33
CA CYS B 352 -50.52 -4.62 -1.24
C CYS B 352 -51.10 -3.20 -1.28
N ALA B 353 -52.06 -2.95 -2.19
CA ALA B 353 -52.63 -1.61 -2.31
C ALA B 353 -53.37 -1.20 -1.05
N ALA B 354 -54.10 -2.13 -0.43
CA ALA B 354 -54.79 -1.80 0.82
C ALA B 354 -53.80 -1.50 1.93
N MET B 355 -52.74 -2.30 2.04
CA MET B 355 -51.73 -2.07 3.07
C MET B 355 -51.02 -0.74 2.84
N ASN B 356 -50.81 -0.37 1.58
CA ASN B 356 -50.24 0.93 1.29
C ASN B 356 -51.15 2.05 1.80
N ARG B 357 -52.46 1.94 1.53
CA ARG B 357 -53.41 2.96 1.97
C ARG B 357 -53.49 3.05 3.49
N HIS B 358 -53.41 1.91 4.19
CA HIS B 358 -53.34 1.96 5.65
C HIS B 358 -52.16 2.80 6.12
N ALA B 359 -50.97 2.55 5.55
CA ALA B 359 -49.76 3.21 6.01
C ALA B 359 -49.83 4.71 5.76
N ILE B 360 -50.19 5.10 4.53
CA ILE B 360 -50.29 6.53 4.20
C ILE B 360 -51.33 7.21 5.09
N ALA B 361 -52.49 6.56 5.28
CA ALA B 361 -53.54 7.15 6.11
C ALA B 361 -53.07 7.35 7.54
N ALA B 362 -52.36 6.35 8.09
CA ALA B 362 -51.85 6.46 9.46
C ALA B 362 -50.94 7.66 9.61
N VAL B 363 -49.95 7.80 8.72
CA VAL B 363 -49.02 8.93 8.81
C VAL B 363 -49.78 10.25 8.68
N ARG B 364 -50.58 10.39 7.63
CA ARG B 364 -51.26 11.66 7.38
C ARG B 364 -52.23 12.01 8.49
N GLU B 365 -53.00 11.05 8.98
CA GLU B 365 -53.95 11.39 10.04
C GLU B 365 -53.23 11.71 11.34
N GLN B 366 -52.21 10.92 11.71
CA GLN B 366 -51.51 11.17 12.96
C GLN B 366 -50.67 12.45 12.91
N LEU B 367 -50.19 12.83 11.71
CA LEU B 367 -49.51 14.12 11.56
C LEU B 367 -50.49 15.28 11.77
N ALA B 368 -51.65 15.23 11.11
CA ALA B 368 -52.65 16.28 11.30
C ALA B 368 -53.08 16.37 12.75
N ALA B 369 -53.22 15.23 13.43
CA ALA B 369 -53.68 15.22 14.82
C ALA B 369 -52.63 15.72 15.81
N HIS B 370 -51.36 15.75 15.42
CA HIS B 370 -50.31 16.02 16.41
C HIS B 370 -50.21 17.52 16.71
N PRO B 371 -50.16 17.90 17.99
CA PRO B 371 -50.22 19.33 18.35
C PRO B 371 -48.94 20.12 18.13
N LEU B 372 -47.79 19.48 17.96
CA LEU B 372 -46.52 20.18 17.81
C LEU B 372 -45.91 19.89 16.43
N THR B 373 -45.15 20.85 15.94
CA THR B 373 -44.41 20.68 14.69
C THR B 373 -43.14 19.88 14.94
N THR B 374 -43.06 18.68 14.37
CA THR B 374 -41.89 17.82 14.43
C THR B 374 -41.15 17.87 13.11
N GLY B 375 -40.00 17.17 13.05
CA GLY B 375 -39.29 17.05 11.79
C GLY B 375 -40.12 16.40 10.70
N LEU B 376 -40.95 15.42 11.09
CA LEU B 376 -41.80 14.76 10.11
C LEU B 376 -42.82 15.73 9.53
N HIS B 377 -43.25 16.73 10.31
CA HIS B 377 -44.13 17.76 9.75
C HIS B 377 -43.39 18.61 8.73
N VAL B 378 -42.14 19.00 9.03
CA VAL B 378 -41.38 19.79 8.07
C VAL B 378 -41.15 18.99 6.78
N ALA B 379 -40.83 17.70 6.93
CA ALA B 379 -40.62 16.86 5.74
C ALA B 379 -41.89 16.73 4.91
N ALA B 380 -43.02 16.44 5.56
CA ALA B 380 -44.31 16.39 4.86
C ALA B 380 -44.61 17.71 4.15
N ALA B 381 -44.31 18.83 4.82
CA ALA B 381 -44.53 20.14 4.22
C ALA B 381 -43.62 20.40 3.02
N VAL B 382 -42.31 20.11 3.15
CA VAL B 382 -41.43 20.24 1.99
C VAL B 382 -41.93 19.35 0.85
N SER B 383 -42.20 18.09 1.17
CA SER B 383 -42.67 17.15 0.16
C SER B 383 -43.93 17.67 -0.54
N HIS B 384 -44.82 18.35 0.20
CA HIS B 384 -46.05 18.85 -0.41
C HIS B 384 -45.78 20.01 -1.37
N ALA B 385 -44.80 20.86 -1.06
CA ALA B 385 -44.52 22.02 -1.89
C ALA B 385 -43.78 21.68 -3.19
N LEU B 386 -43.32 20.46 -3.37
CA LEU B 386 -42.58 20.12 -4.58
C LEU B 386 -43.52 20.00 -5.78
N ARG B 387 -42.98 20.35 -6.95
CA ARG B 387 -43.65 20.22 -8.24
C ARG B 387 -42.68 19.62 -9.24
N PRO B 388 -43.18 18.93 -10.27
CA PRO B 388 -42.28 18.27 -11.23
C PRO B 388 -41.24 19.22 -11.79
N GLY B 389 -40.02 18.71 -11.97
CA GLY B 389 -38.92 19.53 -12.41
C GLY B 389 -38.12 20.16 -11.30
N ASP B 390 -38.62 20.09 -10.06
CA ASP B 390 -37.82 20.43 -8.90
C ASP B 390 -36.71 19.41 -8.68
N GLN B 391 -35.63 19.85 -8.06
CA GLN B 391 -34.58 18.97 -7.57
C GLN B 391 -34.59 19.02 -6.05
N LEU B 392 -34.66 17.85 -5.43
CA LEU B 392 -34.70 17.74 -3.97
C LEU B 392 -33.42 17.07 -3.49
N VAL B 393 -32.71 17.73 -2.57
CA VAL B 393 -31.49 17.23 -1.96
C VAL B 393 -31.77 16.97 -0.49
N LEU B 394 -31.54 15.74 -0.04
CA LEU B 394 -31.88 15.34 1.31
C LEU B 394 -30.62 15.05 2.11
N GLY B 395 -30.53 15.65 3.30
CA GLY B 395 -29.59 15.15 4.30
C GLY B 395 -29.79 13.66 4.50
N ALA B 396 -28.68 12.92 4.64
CA ALA B 396 -28.70 11.50 4.33
C ALA B 396 -29.19 10.60 5.47
N SER B 397 -29.59 11.16 6.62
CA SER B 397 -30.10 10.32 7.69
C SER B 397 -31.58 10.66 7.93
N ASN B 398 -31.89 11.53 8.89
CA ASN B 398 -33.29 11.80 9.20
C ASN B 398 -34.07 12.36 8.01
N PRO B 399 -33.64 13.42 7.33
CA PRO B 399 -34.47 13.99 6.25
C PRO B 399 -34.89 12.96 5.20
N VAL B 400 -34.00 12.04 4.82
CA VAL B 400 -34.34 11.08 3.79
C VAL B 400 -35.33 10.05 4.36
N ARG B 401 -35.21 9.72 5.64
CA ARG B 401 -36.20 8.86 6.29
C ARG B 401 -37.54 9.54 6.39
N ASP B 402 -37.55 10.79 6.88
CA ASP B 402 -38.81 11.49 7.11
C ASP B 402 -39.58 11.72 5.82
N VAL B 403 -38.86 12.02 4.73
CA VAL B 403 -39.52 12.26 3.46
C VAL B 403 -40.13 10.96 2.92
N ALA B 404 -39.46 9.85 3.14
CA ALA B 404 -40.01 8.54 2.79
C ALA B 404 -41.23 8.22 3.65
N LEU B 405 -41.16 8.51 4.94
CA LEU B 405 -42.26 8.18 5.82
C LEU B 405 -43.50 9.01 5.49
N ALA B 406 -43.33 10.31 5.22
CA ALA B 406 -44.42 11.14 4.74
C ALA B 406 -44.91 10.77 3.34
N GLY B 407 -44.37 9.71 2.73
CA GLY B 407 -44.89 9.19 1.47
C GLY B 407 -44.66 10.03 0.23
N LEU B 408 -43.51 10.71 0.12
CA LEU B 408 -43.25 11.55 -1.04
C LEU B 408 -43.34 10.77 -2.35
N ASP B 409 -44.01 11.35 -3.33
CA ASP B 409 -44.05 10.83 -4.69
C ASP B 409 -42.97 11.54 -5.51
N THR B 410 -41.96 10.78 -5.95
CA THR B 410 -40.73 11.35 -6.53
C THR B 410 -40.74 11.36 -8.05
N ARG B 411 -41.89 11.13 -8.70
CA ARG B 411 -41.90 10.74 -10.11
C ARG B 411 -41.33 11.83 -11.04
N GLY B 412 -41.74 13.08 -10.89
CA GLY B 412 -41.17 14.07 -11.78
C GLY B 412 -40.03 14.86 -11.16
N ILE B 413 -39.41 14.30 -10.12
CA ILE B 413 -38.50 15.03 -9.25
C ILE B 413 -37.13 14.37 -9.29
N ARG B 414 -36.08 15.19 -9.29
CA ARG B 414 -34.71 14.69 -9.16
C ARG B 414 -34.31 14.75 -7.69
N VAL B 415 -34.11 13.59 -7.08
CA VAL B 415 -33.81 13.48 -5.64
C VAL B 415 -32.36 13.03 -5.47
N ARG B 416 -31.56 13.84 -4.78
CA ARG B 416 -30.16 13.53 -4.49
C ARG B 416 -29.98 13.40 -2.98
N SER B 417 -29.06 12.53 -2.57
CA SER B 417 -28.68 12.34 -1.18
C SER B 417 -27.43 11.46 -1.18
N ASN B 418 -26.51 11.75 -0.25
CA ASN B 418 -25.21 11.05 -0.22
C ASN B 418 -25.39 9.71 0.46
N ARG B 419 -25.98 8.76 -0.27
CA ARG B 419 -26.31 7.45 0.28
C ARG B 419 -25.19 6.44 0.18
N GLY B 420 -24.00 6.86 -0.29
CA GLY B 420 -22.85 5.97 -0.33
C GLY B 420 -22.45 5.49 1.05
N VAL B 421 -22.11 6.42 1.95
CA VAL B 421 -21.87 6.09 3.34
C VAL B 421 -22.78 6.86 4.27
N ALA B 422 -23.63 7.74 3.74
CA ALA B 422 -24.61 8.48 4.54
C ALA B 422 -23.96 9.25 5.67
N GLY B 423 -22.79 9.84 5.41
CA GLY B 423 -22.14 10.63 6.42
C GLY B 423 -22.78 12.00 6.62
N ILE B 424 -22.37 12.65 7.70
CA ILE B 424 -22.80 14.03 7.95
C ILE B 424 -22.04 15.09 7.14
N ASP B 425 -20.85 14.78 6.63
CA ASP B 425 -19.98 15.80 6.05
C ASP B 425 -20.51 16.27 4.70
N GLY B 426 -20.33 17.56 4.43
CA GLY B 426 -20.48 18.08 3.09
C GLY B 426 -21.90 18.19 2.58
N THR B 427 -22.91 18.06 3.45
CA THR B 427 -24.29 18.06 2.97
C THR B 427 -24.66 19.41 2.37
N VAL B 428 -24.22 20.50 3.00
CA VAL B 428 -24.52 21.83 2.48
C VAL B 428 -23.87 22.02 1.12
N SER B 429 -22.57 21.74 1.02
CA SER B 429 -21.88 21.87 -0.25
C SER B 429 -22.48 20.97 -1.33
N THR B 430 -22.97 19.78 -0.97
CA THR B 430 -23.57 18.90 -1.98
C THR B 430 -24.83 19.54 -2.56
N ALA B 431 -25.66 20.15 -1.71
CA ALA B 431 -26.85 20.82 -2.21
C ALA B 431 -26.46 21.97 -3.13
N ILE B 432 -25.47 22.78 -2.73
CA ILE B 432 -25.04 23.91 -3.54
C ILE B 432 -24.51 23.43 -4.89
N GLY B 433 -23.63 22.42 -4.86
CA GLY B 433 -23.10 21.89 -6.11
C GLY B 433 -24.18 21.29 -6.99
N ALA B 434 -25.13 20.57 -6.39
CA ALA B 434 -26.19 19.96 -7.17
C ALA B 434 -27.12 21.00 -7.78
N ALA B 435 -27.37 22.11 -7.05
CA ALA B 435 -28.16 23.20 -7.61
C ALA B 435 -27.44 23.83 -8.79
N LEU B 436 -26.15 24.14 -8.61
CA LEU B 436 -25.36 24.76 -9.68
C LEU B 436 -25.36 23.93 -10.96
N ALA B 437 -25.09 22.63 -10.85
CA ALA B 437 -25.04 21.81 -12.06
C ALA B 437 -26.41 21.67 -12.70
N TYR B 438 -27.45 21.54 -11.87
CA TYR B 438 -28.81 21.40 -12.38
C TYR B 438 -29.23 22.64 -13.13
N GLU B 439 -28.98 23.82 -12.54
CA GLU B 439 -29.24 25.08 -13.24
C GLU B 439 -28.41 25.18 -14.52
N GLY B 440 -27.13 24.82 -14.45
CA GLY B 440 -26.28 24.85 -15.63
C GLY B 440 -26.81 23.98 -16.76
N ALA B 441 -27.33 22.81 -16.43
CA ALA B 441 -27.92 21.97 -17.46
C ALA B 441 -29.14 22.63 -18.08
N HIS B 442 -29.90 23.36 -17.27
CA HIS B 442 -31.07 24.06 -17.80
C HIS B 442 -30.65 25.19 -18.75
N GLU B 443 -29.62 25.95 -18.38
CA GLU B 443 -29.12 27.00 -19.28
C GLU B 443 -28.73 26.44 -20.63
N ARG B 444 -28.15 25.24 -20.67
CA ARG B 444 -27.76 24.62 -21.93
C ARG B 444 -28.96 24.40 -22.85
N THR B 445 -30.15 24.20 -22.27
CA THR B 445 -31.37 24.12 -23.06
C THR B 445 -31.65 25.41 -23.81
N GLY B 446 -31.23 26.55 -23.25
CA GLY B 446 -31.56 27.82 -23.86
C GLY B 446 -33.01 28.21 -23.66
N SER B 447 -33.72 27.47 -22.84
CA SER B 447 -35.08 27.83 -22.49
C SER B 447 -35.08 29.24 -21.90
N PRO B 448 -36.05 30.09 -22.24
CA PRO B 448 -36.14 31.41 -21.62
C PRO B 448 -36.71 31.37 -20.21
N ASP B 449 -37.14 30.19 -19.77
CA ASP B 449 -37.70 29.96 -18.45
C ASP B 449 -36.76 30.46 -17.35
N SER B 450 -37.32 30.53 -16.15
CA SER B 450 -36.48 30.63 -14.98
C SER B 450 -35.94 29.24 -14.60
N PRO B 451 -34.77 29.17 -13.98
CA PRO B 451 -34.15 27.86 -13.72
C PRO B 451 -34.98 27.05 -12.75
N PRO B 452 -34.86 25.72 -12.76
CA PRO B 452 -35.64 24.91 -11.82
C PRO B 452 -35.24 25.19 -10.38
N ARG B 453 -36.15 24.90 -9.46
CA ARG B 453 -35.87 25.07 -8.05
C ARG B 453 -35.09 23.88 -7.51
N THR B 454 -34.14 24.17 -6.63
CA THR B 454 -33.49 23.15 -5.84
C THR B 454 -33.81 23.43 -4.38
N ILE B 455 -34.46 22.47 -3.75
CA ILE B 455 -34.87 22.54 -2.36
C ILE B 455 -34.10 21.45 -1.60
N ALA B 456 -33.39 21.86 -0.57
CA ALA B 456 -32.64 20.97 0.29
C ALA B 456 -33.31 20.90 1.65
N LEU B 457 -33.37 19.71 2.22
CA LEU B 457 -33.89 19.52 3.57
C LEU B 457 -32.80 18.90 4.43
N ILE B 458 -32.42 19.59 5.50
CA ILE B 458 -31.26 19.20 6.30
C ILE B 458 -31.56 19.38 7.78
N GLY B 459 -31.13 18.41 8.59
CA GLY B 459 -31.20 18.56 10.04
C GLY B 459 -30.29 19.65 10.58
N ASP B 460 -30.67 20.21 11.73
CA ASP B 460 -29.86 21.28 12.31
C ASP B 460 -28.44 20.82 12.61
N LEU B 461 -28.29 19.59 13.13
CA LEU B 461 -26.95 19.08 13.43
C LEU B 461 -26.10 18.98 12.18
N THR B 462 -26.69 18.50 11.08
CA THR B 462 -25.96 18.42 9.83
C THR B 462 -25.65 19.80 9.29
N PHE B 463 -26.60 20.73 9.40
CA PHE B 463 -26.40 22.07 8.88
C PHE B 463 -25.23 22.74 9.61
N VAL B 464 -25.21 22.66 10.94
CA VAL B 464 -24.13 23.27 11.71
C VAL B 464 -22.80 22.63 11.36
N HIS B 465 -22.78 21.30 11.30
CA HIS B 465 -21.56 20.56 11.00
C HIS B 465 -20.90 21.05 9.71
N ASP B 466 -21.66 21.10 8.62
CA ASP B 466 -21.15 21.58 7.32
C ASP B 466 -21.54 23.02 7.05
N SER B 467 -21.63 23.87 8.08
CA SER B 467 -22.05 25.26 7.87
C SER B 467 -21.08 26.00 6.95
N SER B 468 -19.79 25.78 7.13
CA SER B 468 -18.82 26.45 6.26
C SER B 468 -18.93 26.02 4.81
N GLY B 469 -19.74 25.01 4.50
CA GLY B 469 -20.08 24.76 3.11
C GLY B 469 -20.92 25.86 2.49
N LEU B 470 -21.56 26.71 3.32
CA LEU B 470 -22.29 27.86 2.80
C LEU B 470 -21.35 28.87 2.18
N LEU B 471 -20.08 28.88 2.57
CA LEU B 471 -19.17 29.94 2.20
C LEU B 471 -18.91 29.91 0.71
N ILE B 472 -19.24 30.99 0.02
CA ILE B 472 -18.95 31.16 -1.40
C ILE B 472 -18.28 32.51 -1.57
N GLY B 473 -17.02 32.51 -2.01
CA GLY B 473 -16.30 33.72 -2.28
C GLY B 473 -17.09 34.67 -3.16
N PRO B 474 -16.93 35.98 -2.94
CA PRO B 474 -17.69 36.98 -3.73
C PRO B 474 -17.51 36.84 -5.22
N THR B 475 -16.39 36.30 -5.67
CA THR B 475 -16.12 36.08 -7.08
C THR B 475 -16.70 34.76 -7.62
N GLU B 476 -17.36 33.95 -6.80
CA GLU B 476 -17.64 32.57 -7.23
C GLU B 476 -19.11 32.33 -7.54
N PRO B 477 -19.42 31.34 -8.39
CA PRO B 477 -20.81 31.10 -8.78
C PRO B 477 -21.70 30.84 -7.58
N ILE B 478 -22.90 31.42 -7.61
CA ILE B 478 -23.89 31.21 -6.55
C ILE B 478 -25.11 30.58 -7.20
N PRO B 479 -25.74 29.59 -6.56
CA PRO B 479 -26.94 28.99 -7.15
C PRO B 479 -28.03 30.05 -7.34
N ARG B 480 -28.72 29.97 -8.47
CA ARG B 480 -29.74 30.97 -8.76
C ARG B 480 -31.06 30.67 -8.06
N SER B 481 -31.35 29.40 -7.79
CA SER B 481 -32.64 29.00 -7.22
C SER B 481 -32.46 27.84 -6.24
N LEU B 482 -31.79 28.11 -5.12
CA LEU B 482 -31.56 27.09 -4.09
C LEU B 482 -32.09 27.60 -2.76
N THR B 483 -33.01 26.84 -2.18
CA THR B 483 -33.49 27.09 -0.83
C THR B 483 -33.14 25.90 0.04
N ILE B 484 -32.53 26.16 1.19
CA ILE B 484 -32.16 25.14 2.15
C ILE B 484 -33.10 25.25 3.34
N VAL B 485 -34.00 24.28 3.49
CA VAL B 485 -34.85 24.19 4.66
C VAL B 485 -34.08 23.44 5.76
N VAL B 486 -33.86 24.11 6.88
CA VAL B 486 -33.21 23.52 8.03
C VAL B 486 -34.29 23.18 9.04
N SER B 487 -34.50 21.88 9.25
CA SER B 487 -35.44 21.41 10.27
C SER B 487 -34.67 21.33 11.59
N ASN B 488 -35.01 22.21 12.53
CA ASN B 488 -34.17 22.48 13.70
C ASN B 488 -34.90 22.04 14.97
N ASP B 489 -34.58 20.84 15.46
CA ASP B 489 -35.05 20.38 16.76
C ASP B 489 -33.97 20.51 17.84
N ASN B 490 -32.93 21.30 17.57
CA ASN B 490 -31.86 21.61 18.53
C ASN B 490 -31.20 20.33 19.06
N GLY B 491 -30.82 19.44 18.13
CA GLY B 491 -30.18 18.19 18.50
C GLY B 491 -30.54 17.03 17.60
N ASP B 507 -22.95 4.87 23.66
CA ASP B 507 -21.90 4.98 24.68
C ASP B 507 -21.83 6.33 25.37
N VAL B 508 -20.63 6.59 25.87
CA VAL B 508 -20.34 7.85 26.52
C VAL B 508 -20.30 8.99 25.51
N SER B 509 -20.00 8.70 24.23
CA SER B 509 -20.04 9.74 23.22
C SER B 509 -21.42 10.38 23.09
N SER B 510 -22.46 9.72 23.59
CA SER B 510 -23.81 10.29 23.57
C SER B 510 -23.94 11.54 24.42
N ARG B 511 -23.06 11.71 25.42
CA ARG B 511 -23.24 12.76 26.42
C ARG B 511 -23.30 14.16 25.79
N ILE B 512 -22.73 14.33 24.60
CA ILE B 512 -22.86 15.61 23.89
C ILE B 512 -24.32 15.85 23.51
N PHE B 513 -25.03 14.79 23.12
CA PHE B 513 -26.43 14.92 22.73
C PHE B 513 -27.38 15.11 23.91
N GLY B 514 -26.90 14.92 25.15
CA GLY B 514 -27.73 15.15 26.32
C GLY B 514 -28.11 16.59 26.57
N THR B 515 -27.58 17.51 25.76
CA THR B 515 -27.72 18.95 25.93
C THR B 515 -27.98 19.58 24.57
N PRO B 516 -28.83 20.61 24.49
CA PRO B 516 -28.96 21.32 23.22
C PRO B 516 -27.70 22.09 22.89
N HIS B 517 -27.27 21.99 21.62
CA HIS B 517 -26.09 22.71 21.19
C HIS B 517 -26.33 24.23 21.22
N ASP B 518 -27.56 24.67 20.97
CA ASP B 518 -27.99 26.08 21.02
C ASP B 518 -27.31 26.94 19.96
N VAL B 519 -26.74 26.33 18.91
CA VAL B 519 -26.06 27.12 17.89
C VAL B 519 -27.10 27.88 17.08
N ASP B 520 -26.87 29.18 16.93
CA ASP B 520 -27.82 30.08 16.29
C ASP B 520 -27.68 29.96 14.79
N VAL B 521 -28.65 29.31 14.14
CA VAL B 521 -28.63 29.15 12.68
C VAL B 521 -28.49 30.49 11.98
N GLY B 522 -29.25 31.51 12.42
CA GLY B 522 -29.20 32.79 11.75
C GLY B 522 -27.84 33.47 11.87
N ALA B 523 -27.16 33.27 13.01
CA ALA B 523 -25.80 33.78 13.15
C ALA B 523 -24.84 33.11 12.16
N LEU B 524 -24.94 31.79 12.03
CA LEU B 524 -24.16 31.07 11.04
C LEU B 524 -24.36 31.67 9.66
N CYS B 525 -25.63 31.92 9.30
CA CYS B 525 -25.91 32.38 7.94
C CYS B 525 -25.37 33.78 7.72
N ARG B 526 -25.37 34.62 8.75
CA ARG B 526 -24.73 35.93 8.61
C ARG B 526 -23.22 35.79 8.47
N ALA B 527 -22.62 34.91 9.29
CA ALA B 527 -21.19 34.66 9.19
C ALA B 527 -20.77 34.35 7.76
N TYR B 528 -21.60 33.60 7.03
CA TYR B 528 -21.28 33.23 5.65
C TYR B 528 -22.11 34.00 4.63
N HIS B 529 -22.59 35.19 5.00
CA HIS B 529 -23.36 36.11 4.14
C HIS B 529 -24.36 35.38 3.23
N VAL B 530 -25.29 34.69 3.87
CA VAL B 530 -26.35 33.97 3.17
C VAL B 530 -27.68 34.37 3.79
N GLU B 531 -28.62 34.79 2.95
CA GLU B 531 -29.94 35.17 3.44
C GLU B 531 -30.60 34.02 4.21
N SER B 532 -31.12 34.33 5.39
CA SER B 532 -31.86 33.35 6.17
C SER B 532 -33.11 33.99 6.77
N ARG B 533 -34.12 33.16 7.01
CA ARG B 533 -35.37 33.55 7.64
C ARG B 533 -35.87 32.39 8.49
N GLN B 534 -36.32 32.70 9.69
CA GLN B 534 -36.98 31.71 10.54
C GLN B 534 -38.48 31.80 10.28
N ILE B 535 -39.12 30.65 10.11
CA ILE B 535 -40.54 30.62 9.75
C ILE B 535 -41.22 29.44 10.45
N GLU B 536 -42.53 29.39 10.29
CA GLU B 536 -43.36 28.29 10.78
C GLU B 536 -43.66 27.36 9.62
N VAL B 537 -44.01 26.11 9.98
CA VAL B 537 -44.15 25.08 8.96
C VAL B 537 -45.20 25.44 7.94
N ASP B 538 -46.24 26.19 8.34
CA ASP B 538 -47.30 26.54 7.41
C ASP B 538 -46.91 27.66 6.46
N GLU B 539 -45.89 28.44 6.80
CA GLU B 539 -45.36 29.44 5.89
C GLU B 539 -44.44 28.86 4.82
N LEU B 540 -44.15 27.56 4.86
CA LEU B 540 -43.08 27.00 4.04
C LEU B 540 -43.47 26.95 2.57
N GLY B 541 -44.63 26.37 2.26
CA GLY B 541 -45.11 26.26 0.90
C GLY B 541 -45.17 27.59 0.17
N PRO B 542 -45.87 28.57 0.77
CA PRO B 542 -45.87 29.92 0.16
C PRO B 542 -44.49 30.56 0.08
N THR B 543 -43.68 30.48 1.15
CA THR B 543 -42.35 31.07 1.08
C THR B 543 -41.49 30.40 0.03
N LEU B 544 -41.65 29.09 -0.17
CA LEU B 544 -40.94 28.40 -1.25
C LEU B 544 -41.40 28.86 -2.62
N ASP B 545 -42.57 29.48 -2.71
CA ASP B 545 -43.13 29.90 -3.99
C ASP B 545 -42.52 31.19 -4.50
N GLN B 546 -42.04 32.04 -3.61
CA GLN B 546 -41.33 33.24 -4.00
C GLN B 546 -40.27 32.91 -5.05
N PRO B 547 -40.35 33.46 -6.27
CA PRO B 547 -39.38 33.13 -7.32
C PRO B 547 -37.99 33.71 -7.08
N GLY B 548 -37.01 33.12 -7.77
CA GLY B 548 -35.64 33.64 -7.77
C GLY B 548 -35.00 33.64 -6.40
N ALA B 549 -34.31 34.75 -6.09
CA ALA B 549 -33.70 35.08 -4.79
C ALA B 549 -32.43 34.28 -4.48
N GLY B 550 -31.79 33.71 -5.50
CA GLY B 550 -30.47 33.11 -5.32
C GLY B 550 -30.47 31.96 -4.33
N MET B 551 -29.69 32.12 -3.27
CA MET B 551 -29.50 31.10 -2.26
C MET B 551 -30.01 31.62 -0.93
N ARG B 552 -30.81 30.81 -0.22
CA ARG B 552 -31.34 31.25 1.05
C ARG B 552 -31.64 30.06 1.94
N VAL B 553 -31.66 30.32 3.25
CA VAL B 553 -31.87 29.30 4.28
C VAL B 553 -33.19 29.62 4.99
N LEU B 554 -34.10 28.64 5.06
CA LEU B 554 -35.34 28.76 5.82
C LEU B 554 -35.23 27.85 7.05
N GLU B 555 -35.24 28.45 8.23
CA GLU B 555 -35.16 27.69 9.48
C GLU B 555 -36.55 27.44 10.03
N VAL B 556 -36.85 26.19 10.33
CA VAL B 556 -38.13 25.80 10.91
C VAL B 556 -37.82 25.11 12.22
N LYS B 557 -38.22 25.73 13.32
CA LYS B 557 -38.03 25.10 14.62
C LYS B 557 -39.00 23.93 14.74
N ALA B 558 -38.54 22.86 15.39
CA ALA B 558 -39.33 21.66 15.52
C ALA B 558 -39.15 21.09 16.92
N ASP B 559 -40.15 20.35 17.35
CA ASP B 559 -40.09 19.68 18.64
C ASP B 559 -39.65 18.24 18.43
N ARG B 560 -38.76 17.78 19.30
CA ARG B 560 -38.33 16.39 19.31
C ARG B 560 -38.87 15.60 20.49
N SER B 561 -39.25 16.27 21.57
CA SER B 561 -39.69 15.57 22.77
C SER B 561 -40.92 14.69 22.49
N SER B 562 -41.85 15.17 21.68
CA SER B 562 -43.11 14.49 21.42
C SER B 562 -43.02 13.50 20.26
N LEU B 563 -41.82 13.27 19.73
CA LEU B 563 -41.68 12.47 18.51
C LEU B 563 -41.97 11.00 18.79
N ARG B 564 -41.57 10.50 19.96
CA ARG B 564 -41.89 9.12 20.29
C ARG B 564 -43.40 8.91 20.38
N GLN B 565 -44.13 9.89 20.92
CA GLN B 565 -45.59 9.81 20.92
C GLN B 565 -46.14 9.78 19.50
N LEU B 566 -45.60 10.63 18.62
CA LEU B 566 -46.08 10.67 17.25
C LEU B 566 -45.84 9.34 16.55
N HIS B 567 -44.68 8.75 16.78
CA HIS B 567 -44.37 7.48 16.13
C HIS B 567 -45.21 6.34 16.69
N ALA B 568 -45.39 6.30 18.01
CA ALA B 568 -46.27 5.29 18.59
C ALA B 568 -47.69 5.41 18.03
N ALA B 569 -48.18 6.65 17.92
CA ALA B 569 -49.51 6.89 17.35
C ALA B 569 -49.61 6.34 15.93
N ILE B 570 -48.56 6.54 15.12
CA ILE B 570 -48.58 6.04 13.76
C ILE B 570 -48.58 4.52 13.75
N LYS B 571 -47.73 3.90 14.58
CA LYS B 571 -47.69 2.43 14.63
C LYS B 571 -49.02 1.86 15.11
N ALA B 572 -49.67 2.55 16.05
CA ALA B 572 -50.92 2.06 16.63
C ALA B 572 -52.11 2.25 15.69
N ALA B 573 -51.99 3.13 14.69
CA ALA B 573 -53.05 3.37 13.73
C ALA B 573 -52.94 2.49 12.49
N LEU B 574 -51.93 1.65 12.43
CA LEU B 574 -51.70 0.81 11.27
C LEU B 574 -52.71 -0.34 11.18
N ASN C 22 -17.29 -11.30 31.87
CA ASN C 22 -17.22 -10.92 30.47
C ASN C 22 -15.77 -10.67 30.03
N PRO C 23 -15.26 -11.47 29.08
CA PRO C 23 -13.81 -11.42 28.78
C PRO C 23 -13.35 -10.08 28.20
N SER C 24 -14.12 -9.49 27.27
CA SER C 24 -13.70 -8.23 26.68
C SER C 24 -13.78 -7.07 27.66
N THR C 25 -14.73 -7.11 28.60
CA THR C 25 -14.77 -6.09 29.63
C THR C 25 -13.51 -6.13 30.48
N THR C 26 -13.06 -7.33 30.84
CA THR C 26 -11.79 -7.46 31.55
C THR C 26 -10.65 -6.92 30.71
N GLN C 27 -10.57 -7.36 29.46
CA GLN C 27 -9.53 -6.91 28.54
C GLN C 27 -9.51 -5.39 28.45
N ALA C 28 -10.67 -4.78 28.20
CA ALA C 28 -10.71 -3.33 27.99
C ALA C 28 -10.19 -2.57 29.20
N ARG C 29 -10.45 -3.07 30.40
CA ARG C 29 -10.02 -2.37 31.60
C ARG C 29 -8.52 -2.49 31.81
N VAL C 30 -7.98 -3.68 31.52
CA VAL C 30 -6.54 -3.91 31.56
C VAL C 30 -5.83 -2.95 30.65
N VAL C 31 -6.34 -2.80 29.42
CA VAL C 31 -5.68 -1.94 28.44
C VAL C 31 -5.71 -0.49 28.89
N VAL C 32 -6.90 -0.01 29.27
CA VAL C 32 -7.02 1.38 29.72
C VAL C 32 -6.09 1.63 30.88
N ASP C 33 -5.98 0.66 31.80
CA ASP C 33 -5.13 0.83 32.97
C ASP C 33 -3.67 0.95 32.55
N GLU C 34 -3.25 0.10 31.60
CA GLU C 34 -1.86 0.17 31.15
C GLU C 34 -1.60 1.44 30.35
N LEU C 35 -2.55 1.86 29.51
CA LEU C 35 -2.42 3.13 28.81
C LEU C 35 -2.26 4.28 29.79
N ILE C 36 -3.06 4.29 30.85
CA ILE C 36 -2.93 5.30 31.90
C ILE C 36 -1.54 5.25 32.52
N ARG C 37 -1.08 4.04 32.90
CA ARG C 37 0.28 3.90 33.42
C ARG C 37 1.33 4.31 32.41
N GLY C 38 0.98 4.38 31.13
CA GLY C 38 1.94 4.79 30.13
C GLY C 38 2.00 6.29 29.88
N GLY C 39 1.22 7.06 30.65
CA GLY C 39 1.21 8.49 30.53
C GLY C 39 0.08 9.05 29.69
N VAL C 40 -0.87 8.21 29.25
CA VAL C 40 -2.04 8.73 28.54
C VAL C 40 -2.94 9.44 29.56
N ARG C 41 -3.19 10.73 29.33
CA ARG C 41 -4.09 11.52 30.15
C ARG C 41 -5.33 11.97 29.42
N ASP C 42 -5.33 11.97 28.07
CA ASP C 42 -6.44 12.46 27.26
C ASP C 42 -6.76 11.49 26.13
N VAL C 43 -8.06 11.30 25.91
CA VAL C 43 -8.58 10.43 24.86
C VAL C 43 -9.70 11.18 24.14
N VAL C 44 -9.65 11.21 22.81
CA VAL C 44 -10.62 11.91 21.98
C VAL C 44 -11.54 10.88 21.33
N LEU C 45 -12.87 11.10 21.47
CA LEU C 45 -13.87 10.22 20.89
C LEU C 45 -14.88 11.00 20.05
N CYS C 46 -15.49 10.29 19.12
CA CYS C 46 -16.62 10.80 18.37
C CYS C 46 -17.74 9.78 18.42
N PRO C 47 -19.00 10.22 18.45
CA PRO C 47 -20.12 9.29 18.24
C PRO C 47 -20.04 8.66 16.87
N GLY C 48 -20.42 7.39 16.80
CA GLY C 48 -20.35 6.68 15.55
C GLY C 48 -21.43 5.65 15.41
N SER C 49 -21.34 4.87 14.33
CA SER C 49 -22.33 3.84 14.04
C SER C 49 -22.37 2.78 15.13
N ARG C 50 -21.23 2.51 15.77
CA ARG C 50 -21.13 1.54 16.84
C ARG C 50 -20.34 2.19 17.96
N ASN C 51 -20.21 1.48 19.08
CA ASN C 51 -19.54 2.08 20.23
C ASN C 51 -18.04 2.09 20.05
N ALA C 52 -17.40 3.16 20.53
CA ALA C 52 -15.97 3.30 20.38
C ALA C 52 -15.26 2.13 21.05
N PRO C 53 -14.05 1.81 20.63
CA PRO C 53 -13.28 0.78 21.32
C PRO C 53 -13.03 1.18 22.77
N LEU C 54 -13.15 0.21 23.67
CA LEU C 54 -12.87 0.44 25.09
C LEU C 54 -13.83 1.45 25.72
N ALA C 55 -15.04 1.60 25.18
CA ALA C 55 -15.89 2.74 25.55
C ALA C 55 -16.21 2.74 27.04
N PHE C 56 -16.57 1.60 27.59
CA PHE C 56 -16.99 1.59 28.99
C PHE C 56 -15.80 1.69 29.94
N ALA C 57 -14.68 1.04 29.60
CA ALA C 57 -13.51 1.18 30.43
C ALA C 57 -13.01 2.62 30.44
N LEU C 58 -13.12 3.31 29.31
CA LEU C 58 -12.68 4.70 29.26
C LEU C 58 -13.59 5.58 30.10
N GLN C 59 -14.90 5.33 30.03
CA GLN C 59 -15.86 6.05 30.84
C GLN C 59 -15.56 5.90 32.32
N ASP C 60 -15.29 4.66 32.76
CA ASP C 60 -14.99 4.45 34.16
C ASP C 60 -13.78 5.26 34.59
N ALA C 61 -12.74 5.27 33.76
CA ALA C 61 -11.55 6.04 34.08
C ALA C 61 -11.82 7.53 34.09
N ASP C 62 -12.62 8.02 33.14
CA ASP C 62 -13.01 9.43 33.16
C ASP C 62 -13.74 9.78 34.45
N ARG C 63 -14.79 9.02 34.77
CA ARG C 63 -15.55 9.23 36.00
C ARG C 63 -14.64 9.30 37.22
N SER C 64 -13.64 8.42 37.28
CA SER C 64 -12.73 8.37 38.41
C SER C 64 -11.58 9.37 38.30
N GLY C 65 -11.56 10.21 37.27
CA GLY C 65 -10.49 11.18 37.16
C GLY C 65 -9.14 10.62 36.82
N ARG C 66 -9.05 9.36 36.40
CA ARG C 66 -7.79 8.78 35.98
C ARG C 66 -7.39 9.19 34.57
N ILE C 67 -8.35 9.67 33.78
CA ILE C 67 -8.10 10.10 32.41
C ILE C 67 -9.20 11.07 32.05
N ARG C 68 -8.99 11.86 31.02
CA ARG C 68 -9.95 12.87 30.61
C ARG C 68 -10.44 12.61 29.19
N LEU C 69 -11.76 12.51 29.03
CA LEU C 69 -12.39 12.29 27.73
C LEU C 69 -12.81 13.60 27.07
N HIS C 70 -12.59 13.69 25.76
CA HIS C 70 -13.00 14.85 24.95
C HIS C 70 -13.83 14.33 23.79
N VAL C 71 -15.06 14.83 23.65
CA VAL C 71 -15.98 14.35 22.64
C VAL C 71 -16.19 15.44 21.61
N ARG C 72 -16.28 15.03 20.33
CA ARG C 72 -16.52 15.92 19.20
C ARG C 72 -17.36 15.18 18.17
N ILE C 73 -18.13 15.93 17.40
CA ILE C 73 -18.87 15.33 16.30
C ILE C 73 -18.02 15.28 15.03
N ASP C 74 -17.24 16.33 14.75
CA ASP C 74 -16.39 16.41 13.56
C ASP C 74 -15.16 15.54 13.77
N GLU C 75 -15.07 14.45 13.00
CA GLU C 75 -13.95 13.50 13.16
C GLU C 75 -12.62 14.13 12.77
N ARG C 76 -12.61 15.04 11.80
CA ARG C 76 -11.36 15.67 11.40
C ARG C 76 -10.82 16.60 12.46
N THR C 77 -11.69 17.49 13.00
CA THR C 77 -11.23 18.38 14.06
C THR C 77 -10.82 17.56 15.28
N ALA C 78 -11.49 16.42 15.48
CA ALA C 78 -11.16 15.56 16.61
C ALA C 78 -9.74 15.01 16.52
N GLY C 79 -9.28 14.66 15.32
CA GLY C 79 -7.91 14.22 15.18
C GLY C 79 -6.92 15.32 15.50
N TYR C 80 -7.20 16.55 15.05
CA TYR C 80 -6.26 17.65 15.31
C TYR C 80 -6.33 18.08 16.77
N LEU C 81 -7.49 17.88 17.42
CA LEU C 81 -7.55 18.07 18.86
C LEU C 81 -6.62 17.09 19.57
N ALA C 82 -6.61 15.82 19.15
CA ALA C 82 -5.68 14.85 19.72
C ALA C 82 -4.23 15.29 19.50
N ILE C 83 -3.93 15.81 18.32
CA ILE C 83 -2.58 16.32 18.08
C ILE C 83 -2.24 17.43 19.06
N GLY C 84 -3.17 18.36 19.28
CA GLY C 84 -2.94 19.43 20.25
C GLY C 84 -2.78 18.92 21.68
N LEU C 85 -3.64 17.99 22.09
CA LEU C 85 -3.48 17.34 23.39
C LEU C 85 -2.14 16.62 23.57
N ALA C 86 -1.46 16.24 22.49
CA ALA C 86 -0.17 15.57 22.61
C ALA C 86 0.98 16.56 22.63
N ILE C 87 0.99 17.53 21.70
CA ILE C 87 2.12 18.42 21.61
C ILE C 87 2.12 19.46 22.73
N GLY C 88 0.99 19.62 23.43
CA GLY C 88 0.88 20.65 24.46
C GLY C 88 1.76 20.38 25.66
N ALA C 89 2.00 19.10 25.97
CA ALA C 89 2.87 18.74 27.07
C ALA C 89 3.68 17.47 26.80
N GLY C 90 3.64 16.92 25.58
CA GLY C 90 4.48 15.79 25.21
C GLY C 90 3.96 14.41 25.55
N ALA C 91 2.68 14.28 25.85
CA ALA C 91 2.10 13.02 26.28
C ALA C 91 1.52 12.26 25.10
N PRO C 92 1.43 10.93 25.20
CA PRO C 92 0.69 10.16 24.20
C PRO C 92 -0.81 10.33 24.37
N VAL C 93 -1.50 10.45 23.24
CA VAL C 93 -2.94 10.64 23.20
C VAL C 93 -3.59 9.55 22.36
N CYS C 94 -4.72 9.03 22.83
CA CYS C 94 -5.55 8.13 22.03
C CYS C 94 -6.69 8.89 21.36
N VAL C 95 -7.06 8.41 20.18
CA VAL C 95 -8.28 8.83 19.52
C VAL C 95 -9.05 7.55 19.16
N ALA C 96 -10.34 7.53 19.47
CA ALA C 96 -11.15 6.32 19.38
C ALA C 96 -12.43 6.66 18.64
N MET C 97 -12.55 6.20 17.40
CA MET C 97 -13.78 6.40 16.65
C MET C 97 -14.10 5.14 15.86
N THR C 98 -15.37 4.77 15.91
CA THR C 98 -15.92 3.74 15.05
C THR C 98 -16.98 4.40 14.17
N SER C 99 -16.67 4.59 12.90
CA SER C 99 -17.66 5.07 11.95
C SER C 99 -17.17 4.74 10.55
N GLY C 100 -18.08 4.84 9.58
CA GLY C 100 -17.70 4.61 8.20
C GLY C 100 -16.86 5.72 7.60
N THR C 101 -16.78 6.86 8.25
CA THR C 101 -15.98 7.96 7.75
C THR C 101 -14.73 8.23 8.57
N ALA C 102 -14.54 7.53 9.69
CA ALA C 102 -13.52 7.93 10.65
C ALA C 102 -12.12 7.88 10.08
N VAL C 103 -11.77 6.78 9.39
CA VAL C 103 -10.43 6.68 8.81
C VAL C 103 -10.20 7.80 7.81
N ALA C 104 -11.22 8.15 7.02
CA ALA C 104 -11.02 9.18 6.01
C ALA C 104 -10.83 10.54 6.67
N ASN C 105 -11.59 10.81 7.73
CA ASN C 105 -11.49 12.10 8.41
C ASN C 105 -10.24 12.21 9.27
N LEU C 106 -9.70 11.07 9.74
CA LEU C 106 -8.49 11.07 10.56
C LEU C 106 -7.21 11.21 9.76
N GLY C 107 -7.25 10.90 8.47
CA GLY C 107 -6.10 10.95 7.58
C GLY C 107 -5.19 12.15 7.74
N PRO C 108 -5.75 13.37 7.61
CA PRO C 108 -4.91 14.57 7.78
C PRO C 108 -4.12 14.61 9.10
N ALA C 109 -4.79 14.39 10.23
CA ALA C 109 -4.07 14.41 11.50
C ALA C 109 -3.05 13.27 11.59
N VAL C 110 -3.37 12.09 11.07
CA VAL C 110 -2.42 10.99 11.11
C VAL C 110 -1.17 11.32 10.29
N VAL C 111 -1.36 11.94 9.12
CA VAL C 111 -0.21 12.36 8.32
C VAL C 111 0.63 13.38 9.09
N GLU C 112 -0.03 14.36 9.73
CA GLU C 112 0.70 15.34 10.52
C GLU C 112 1.40 14.69 11.70
N ALA C 113 0.75 13.72 12.33
CA ALA C 113 1.38 13.01 13.43
C ALA C 113 2.64 12.28 12.98
N ASN C 114 2.61 11.69 11.78
CA ASN C 114 3.80 11.01 11.26
C ASN C 114 4.95 12.00 11.03
N TYR C 115 4.70 13.04 10.23
CA TYR C 115 5.77 13.97 9.85
C TYR C 115 6.24 14.86 11.00
N ALA C 116 5.40 15.16 11.98
CA ALA C 116 5.87 15.93 13.12
C ALA C 116 6.24 15.06 14.30
N ARG C 117 6.12 13.74 14.15
CA ARG C 117 6.49 12.77 15.17
C ARG C 117 5.72 13.03 16.48
N VAL C 118 4.40 12.89 16.38
CA VAL C 118 3.48 13.14 17.49
C VAL C 118 2.93 11.80 17.97
N PRO C 119 2.93 11.53 19.24
CA PRO C 119 2.53 10.20 19.72
C PRO C 119 1.02 10.03 19.78
N LEU C 120 0.43 9.71 18.64
CA LEU C 120 -1.01 9.61 18.49
C LEU C 120 -1.39 8.14 18.34
N ILE C 121 -2.20 7.62 19.28
CA ILE C 121 -2.64 6.21 19.24
C ILE C 121 -4.07 6.16 18.71
N VAL C 122 -4.25 5.56 17.54
CA VAL C 122 -5.56 5.44 16.91
C VAL C 122 -6.15 4.07 17.28
N LEU C 123 -7.22 4.06 18.06
CA LEU C 123 -7.85 2.83 18.52
C LEU C 123 -8.94 2.42 17.56
N SER C 124 -9.06 1.11 17.35
CA SER C 124 -10.13 0.56 16.52
C SER C 124 -10.62 -0.70 17.20
N ALA C 125 -11.74 -1.23 16.70
CA ALA C 125 -12.31 -2.46 17.28
C ALA C 125 -12.98 -3.24 16.14
N ASN C 126 -12.19 -4.08 15.46
CA ASN C 126 -12.72 -4.89 14.40
C ASN C 126 -13.60 -6.00 14.97
N ARG C 127 -14.49 -6.50 14.13
CA ARG C 127 -15.42 -7.55 14.55
C ARG C 127 -15.10 -8.83 13.79
N PRO C 128 -14.33 -9.76 14.37
CA PRO C 128 -13.95 -10.96 13.63
C PRO C 128 -15.10 -11.91 13.35
N TYR C 129 -16.29 -11.69 13.92
CA TYR C 129 -17.43 -12.55 13.63
C TYR C 129 -18.26 -12.04 12.48
N GLU C 130 -17.83 -10.96 11.82
CA GLU C 130 -18.58 -10.34 10.74
C GLU C 130 -17.80 -10.45 9.43
N LEU C 131 -18.54 -10.39 8.33
CA LEU C 131 -17.92 -10.46 7.02
C LEU C 131 -17.25 -9.15 6.67
N LEU C 132 -16.11 -9.22 5.98
CA LEU C 132 -15.45 -8.06 5.42
C LEU C 132 -15.24 -8.24 3.93
N GLY C 133 -15.32 -7.12 3.19
CA GLY C 133 -14.97 -7.08 1.79
C GLY C 133 -16.10 -7.30 0.80
N THR C 134 -17.32 -7.49 1.28
CA THR C 134 -18.47 -7.74 0.41
C THR C 134 -19.33 -6.50 0.20
N GLY C 135 -19.07 -5.41 0.89
CA GLY C 135 -19.93 -4.24 0.81
C GLY C 135 -19.37 -3.13 1.68
N ALA C 136 -20.08 -2.00 1.69
CA ALA C 136 -19.64 -0.87 2.51
C ALA C 136 -19.57 -1.31 3.97
N ASN C 137 -18.53 -0.86 4.66
CA ASN C 137 -18.22 -1.33 6.00
C ASN C 137 -18.30 -0.14 6.95
N GLN C 138 -19.45 -0.01 7.61
CA GLN C 138 -19.68 1.12 8.50
C GLN C 138 -19.01 0.98 9.86
N THR C 139 -18.02 0.08 10.02
CA THR C 139 -17.17 0.09 11.21
C THR C 139 -15.79 0.67 10.95
N MET C 140 -15.13 0.32 9.83
CA MET C 140 -13.86 0.96 9.45
C MET C 140 -13.63 0.80 7.95
N GLU C 141 -13.75 1.90 7.22
CA GLU C 141 -13.60 1.92 5.77
C GLU C 141 -12.17 2.40 5.48
N GLN C 142 -11.33 1.49 4.96
CA GLN C 142 -9.89 1.70 4.87
C GLN C 142 -9.48 2.41 3.59
N LEU C 143 -8.50 3.30 3.73
CA LEU C 143 -7.83 3.92 2.60
C LEU C 143 -6.44 3.30 2.47
N GLY C 144 -5.54 3.95 1.75
CA GLY C 144 -4.20 3.42 1.59
C GLY C 144 -3.13 3.94 2.52
N TYR C 145 -3.45 4.84 3.45
CA TYR C 145 -2.38 5.58 4.13
C TYR C 145 -1.87 4.93 5.40
N PHE C 146 -2.61 4.02 6.02
CA PHE C 146 -2.13 3.40 7.25
C PHE C 146 -0.80 2.69 7.02
N GLY C 147 -0.66 2.01 5.87
CA GLY C 147 0.58 1.31 5.58
C GLY C 147 1.79 2.19 5.39
N THR C 148 1.63 3.51 5.30
CA THR C 148 2.78 4.38 5.11
C THR C 148 3.01 5.39 6.22
N GLN C 149 2.05 5.59 7.12
CA GLN C 149 2.13 6.65 8.12
C GLN C 149 2.38 6.16 9.54
N VAL C 150 2.04 4.92 9.89
CA VAL C 150 2.07 4.52 11.30
C VAL C 150 3.36 3.79 11.65
N ARG C 151 3.79 3.94 12.92
CA ARG C 151 4.98 3.28 13.41
C ARG C 151 4.71 1.82 13.69
N ALA C 152 3.45 1.48 13.97
CA ALA C 152 3.10 0.10 14.26
C ALA C 152 1.61 -0.06 14.08
N SER C 153 1.22 -1.29 13.76
CA SER C 153 -0.18 -1.67 13.66
C SER C 153 -0.32 -2.98 14.44
N ILE C 154 -0.90 -2.90 15.64
CA ILE C 154 -0.95 -4.03 16.56
C ILE C 154 -2.41 -4.33 16.88
N SER C 155 -2.76 -5.60 16.81
CA SER C 155 -4.10 -6.08 17.14
C SER C 155 -4.01 -7.01 18.33
N LEU C 156 -4.85 -6.75 19.34
CA LEU C 156 -4.83 -7.51 20.58
C LEU C 156 -5.34 -8.92 20.39
N GLY C 157 -6.26 -9.14 19.46
CA GLY C 157 -6.79 -10.47 19.54
C GLY C 157 -7.99 -10.56 20.45
N LEU C 158 -8.93 -11.40 20.05
CA LEU C 158 -10.18 -11.53 20.77
C LEU C 158 -9.95 -12.07 22.18
N ALA C 159 -10.69 -11.53 23.14
CA ALA C 159 -10.68 -12.05 24.50
C ALA C 159 -11.56 -13.29 24.61
N GLU C 160 -11.00 -14.37 25.15
CA GLU C 160 -11.72 -15.61 25.30
C GLU C 160 -11.95 -15.94 26.77
N ASP C 161 -12.86 -16.89 26.98
CA ASP C 161 -13.37 -17.25 28.31
C ASP C 161 -12.48 -18.34 28.91
N ALA C 162 -11.40 -17.93 29.56
CA ALA C 162 -10.44 -18.85 30.17
C ALA C 162 -9.95 -18.25 31.48
N PRO C 163 -10.74 -18.36 32.55
CA PRO C 163 -10.34 -17.74 33.82
C PRO C 163 -9.03 -18.27 34.39
N GLU C 164 -8.70 -19.53 34.14
CA GLU C 164 -7.42 -20.07 34.60
C GLU C 164 -6.24 -19.32 34.00
N ARG C 165 -6.34 -18.95 32.72
CA ARG C 165 -5.29 -18.22 32.02
C ARG C 165 -5.33 -16.71 32.28
N THR C 166 -6.05 -16.27 33.32
CA THR C 166 -6.16 -14.84 33.59
C THR C 166 -4.79 -14.19 33.77
N SER C 167 -3.90 -14.85 34.52
CA SER C 167 -2.55 -14.31 34.68
C SER C 167 -1.86 -14.17 33.34
N ALA C 168 -1.88 -15.24 32.53
CA ALA C 168 -1.17 -15.22 31.25
C ALA C 168 -1.77 -14.18 30.31
N LEU C 169 -3.10 -14.07 30.27
CA LEU C 169 -3.75 -13.12 29.37
C LEU C 169 -3.50 -11.68 29.81
N ASN C 170 -3.56 -11.42 31.13
CA ASN C 170 -3.24 -10.10 31.64
C ASN C 170 -1.82 -9.70 31.27
N ALA C 171 -0.89 -10.65 31.32
CA ALA C 171 0.50 -10.37 30.92
C ALA C 171 0.59 -10.05 29.44
N THR C 172 -0.12 -10.83 28.60
CA THR C 172 -0.06 -10.63 27.15
C THR C 172 -0.66 -9.28 26.75
N TRP C 173 -1.84 -8.95 27.26
CA TRP C 173 -2.48 -7.68 26.97
C TRP C 173 -1.61 -6.50 27.43
N ARG C 174 -1.13 -6.53 28.67
CA ARG C 174 -0.34 -5.41 29.16
C ARG C 174 0.96 -5.26 28.37
N SER C 175 1.58 -6.39 28.01
CA SER C 175 2.79 -6.32 27.19
C SER C 175 2.50 -5.66 25.86
N ALA C 176 1.41 -6.06 25.20
CA ALA C 176 1.11 -5.51 23.89
C ALA C 176 0.82 -4.01 23.99
N THR C 177 0.13 -3.60 25.07
CA THR C 177 -0.17 -2.18 25.26
C THR C 177 1.10 -1.36 25.46
N CYS C 178 2.05 -1.88 26.25
CA CYS C 178 3.33 -1.20 26.38
C CYS C 178 4.06 -1.14 25.03
N ARG C 179 3.91 -2.18 24.21
CA ARG C 179 4.56 -2.15 22.89
C ARG C 179 3.95 -1.06 22.01
N VAL C 180 2.63 -0.91 22.06
CA VAL C 180 1.94 0.18 21.39
C VAL C 180 2.43 1.54 21.88
N LEU C 181 2.51 1.70 23.21
CA LEU C 181 2.94 3.00 23.74
C LEU C 181 4.39 3.25 23.38
N ALA C 182 5.23 2.23 23.48
CA ALA C 182 6.63 2.37 23.09
C ALA C 182 6.74 2.84 21.64
N ALA C 183 5.93 2.27 20.74
CA ALA C 183 6.04 2.67 19.35
C ALA C 183 5.59 4.10 19.15
N ALA C 184 4.60 4.56 19.92
CA ALA C 184 4.04 5.89 19.69
C ALA C 184 4.95 6.99 20.25
N THR C 185 5.49 6.79 21.43
CA THR C 185 6.33 7.81 22.02
C THR C 185 7.77 7.77 21.51
N GLY C 186 8.16 6.76 20.74
CA GLY C 186 9.55 6.57 20.41
C GLY C 186 10.42 6.19 21.59
N ALA C 187 9.85 5.51 22.59
CA ALA C 187 10.59 5.19 23.80
C ALA C 187 11.91 4.50 23.50
N ARG C 188 11.95 3.65 22.46
CA ARG C 188 13.19 2.98 22.08
C ARG C 188 13.73 3.43 20.74
N THR C 189 12.91 4.05 19.90
CA THR C 189 13.33 4.38 18.56
C THR C 189 13.69 5.85 18.37
N ALA C 190 13.39 6.70 19.36
CA ALA C 190 13.52 8.15 19.21
C ALA C 190 12.79 8.64 17.95
N ASN C 191 11.64 8.03 17.68
CA ASN C 191 10.91 8.25 16.45
C ASN C 191 9.42 8.15 16.72
N ALA C 192 8.91 9.07 17.55
CA ALA C 192 7.50 9.10 17.90
C ALA C 192 6.64 9.23 16.64
N GLY C 193 5.37 8.84 16.77
CA GLY C 193 4.45 8.93 15.65
C GLY C 193 3.16 8.19 15.91
N PRO C 194 2.28 8.16 14.91
CA PRO C 194 1.00 7.47 15.09
C PRO C 194 1.14 5.95 15.08
N VAL C 195 0.27 5.31 15.83
CA VAL C 195 0.20 3.85 15.92
C VAL C 195 -1.26 3.44 15.81
N HIS C 196 -1.51 2.34 15.11
CA HIS C 196 -2.85 1.77 15.01
C HIS C 196 -2.97 0.60 16.00
N PHE C 197 -3.92 0.71 16.93
CA PHE C 197 -4.10 -0.25 18.01
C PHE C 197 -5.51 -0.79 17.90
N ASP C 198 -5.66 -2.05 17.48
CA ASP C 198 -6.98 -2.66 17.36
C ASP C 198 -7.24 -3.59 18.53
N ILE C 199 -8.39 -3.43 19.18
CA ILE C 199 -8.90 -4.38 20.15
C ILE C 199 -10.21 -4.94 19.60
N PRO C 200 -10.20 -6.15 19.06
CA PRO C 200 -11.42 -6.70 18.43
C PRO C 200 -12.48 -7.08 19.46
N LEU C 201 -13.73 -7.16 18.98
CA LEU C 201 -14.90 -7.35 19.82
C LEU C 201 -15.84 -8.38 19.23
N ARG C 202 -16.47 -9.18 20.10
CA ARG C 202 -17.40 -10.22 19.68
C ARG C 202 -18.85 -9.73 19.62
N GLU C 203 -19.28 -9.01 20.65
CA GLU C 203 -20.65 -8.45 20.74
C GLU C 203 -21.75 -9.51 20.97
N ALA C 214 -15.87 -7.26 40.32
CA ALA C 214 -15.36 -6.25 39.41
C ALA C 214 -13.84 -6.21 39.43
N VAL C 215 -13.23 -7.37 39.65
CA VAL C 215 -11.79 -7.48 39.85
C VAL C 215 -11.07 -7.55 38.50
N THR C 216 -10.24 -6.56 38.23
CA THR C 216 -9.47 -6.61 37.01
C THR C 216 -8.01 -6.88 37.33
N PRO C 217 -7.37 -7.79 36.61
CA PRO C 217 -6.00 -8.21 36.98
C PRO C 217 -5.09 -7.01 37.06
N PRO C 218 -4.17 -6.98 38.02
CA PRO C 218 -3.36 -5.79 38.24
C PRO C 218 -2.07 -5.76 37.44
N GLY C 219 -1.63 -4.54 37.15
CA GLY C 219 -0.32 -4.34 36.59
C GLY C 219 0.72 -4.36 37.69
N ARG C 220 1.87 -3.79 37.37
CA ARG C 220 3.01 -3.82 38.25
C ARG C 220 2.74 -3.02 39.54
N PRO C 221 3.48 -3.34 40.61
CA PRO C 221 3.40 -2.53 41.83
C PRO C 221 3.79 -1.08 41.57
N ALA C 222 3.22 -0.19 42.39
CA ALA C 222 3.62 1.22 42.43
C ALA C 222 3.36 1.93 41.10
N GLY C 223 2.27 1.55 40.43
CA GLY C 223 1.86 2.24 39.20
C GLY C 223 2.83 2.14 38.04
N LYS C 224 3.79 1.20 38.09
CA LYS C 224 4.86 1.06 37.12
C LYS C 224 4.36 0.40 35.83
N PRO C 225 4.84 0.81 34.66
CA PRO C 225 4.45 0.13 33.42
C PRO C 225 4.89 -1.32 33.41
N TRP C 226 4.11 -2.15 32.71
CA TRP C 226 4.36 -3.59 32.68
C TRP C 226 5.75 -3.90 32.09
N THR C 227 6.03 -3.37 30.92
CA THR C 227 7.39 -3.42 30.36
C THR C 227 7.96 -2.01 30.45
N TYR C 228 8.93 -1.84 31.35
CA TYR C 228 9.55 -0.53 31.58
C TYR C 228 10.67 -0.27 30.56
N THR C 229 10.66 0.92 29.95
CA THR C 229 11.72 1.30 29.02
C THR C 229 12.58 2.40 29.62
N PRO C 230 13.73 2.09 30.22
CA PRO C 230 14.61 3.15 30.73
C PRO C 230 15.08 4.07 29.61
N PRO C 231 15.58 5.27 29.95
CA PRO C 231 15.99 6.23 28.91
C PRO C 231 16.99 5.65 27.92
N VAL C 232 16.84 6.02 26.65
CA VAL C 232 17.71 5.56 25.58
C VAL C 232 18.45 6.75 24.99
N THR C 233 19.66 6.51 24.52
CA THR C 233 20.38 7.52 23.77
C THR C 233 20.79 6.93 22.43
N PHE C 234 20.68 7.74 21.39
CA PHE C 234 21.27 7.48 20.08
C PHE C 234 22.40 8.49 19.91
N ASP C 235 23.64 8.02 19.87
CA ASP C 235 24.76 8.93 19.83
C ASP C 235 25.48 8.82 18.49
N GLN C 236 25.50 9.92 17.73
CA GLN C 236 26.24 10.01 16.48
C GLN C 236 27.04 11.31 16.43
N PRO C 237 28.21 11.34 17.09
CA PRO C 237 29.01 12.57 17.11
C PRO C 237 29.60 12.90 15.75
N LEU C 238 29.68 14.22 15.45
CA LEU C 238 30.35 14.71 14.25
C LEU C 238 31.42 15.72 14.63
N ASP C 239 32.57 15.65 13.95
CA ASP C 239 33.66 16.59 14.13
C ASP C 239 33.37 17.86 13.34
N ILE C 240 33.36 19.01 14.01
CA ILE C 240 33.07 20.27 13.35
C ILE C 240 34.06 21.32 13.84
N ASP C 241 34.64 22.05 12.88
CA ASP C 241 35.64 23.09 13.14
C ASP C 241 34.94 24.44 13.23
N LEU C 242 34.82 24.97 14.46
CA LEU C 242 34.08 26.21 14.68
C LEU C 242 34.81 27.45 14.18
N SER C 243 36.13 27.38 13.97
CA SER C 243 36.87 28.52 13.45
C SER C 243 36.45 28.88 12.03
N VAL C 244 36.00 27.89 11.26
CA VAL C 244 35.37 28.20 9.98
C VAL C 244 34.10 28.99 10.25
N ASP C 245 33.85 30.01 9.41
CA ASP C 245 32.68 30.88 9.59
C ASP C 245 31.39 30.07 9.53
N THR C 246 30.76 29.90 10.69
CA THR C 246 29.67 28.94 10.85
C THR C 246 28.38 29.66 11.24
N VAL C 247 27.28 29.26 10.63
CA VAL C 247 25.95 29.70 11.04
C VAL C 247 25.10 28.46 11.35
N VAL C 248 24.21 28.62 12.32
CA VAL C 248 23.31 27.56 12.75
C VAL C 248 21.91 27.88 12.28
N ILE C 249 21.28 26.93 11.61
CA ILE C 249 19.88 27.02 11.22
C ILE C 249 19.12 25.91 11.93
N SER C 250 18.18 26.29 12.79
CA SER C 250 17.44 25.30 13.55
C SER C 250 15.97 25.33 13.11
N GLY C 251 15.42 24.13 12.91
CA GLY C 251 14.07 23.99 12.41
C GLY C 251 13.24 23.17 13.36
N HIS C 252 12.09 22.69 12.86
CA HIS C 252 11.19 21.84 13.64
C HIS C 252 11.90 20.59 14.15
N GLY C 253 11.71 20.30 15.43
CA GLY C 253 12.33 19.15 16.06
C GLY C 253 13.78 19.32 16.41
N ALA C 254 14.33 20.53 16.32
CA ALA C 254 15.73 20.75 16.66
C ALA C 254 16.00 20.38 18.12
N GLY C 255 17.20 19.86 18.38
CA GLY C 255 17.61 19.56 19.74
C GLY C 255 18.43 20.71 20.31
N VAL C 256 18.62 20.67 21.63
CA VAL C 256 19.40 21.69 22.34
C VAL C 256 20.86 21.25 22.38
N HIS C 257 21.77 22.18 22.02
CA HIS C 257 23.21 21.90 21.89
C HIS C 257 24.02 22.98 22.60
N PRO C 258 24.35 22.77 23.89
CA PRO C 258 25.17 23.77 24.61
C PRO C 258 26.44 24.18 23.86
N ASN C 259 27.20 23.23 23.31
CA ASN C 259 28.46 23.62 22.69
C ASN C 259 28.27 24.44 21.42
N LEU C 260 27.04 24.79 21.06
CA LEU C 260 26.78 25.65 19.91
C LEU C 260 26.09 26.94 20.30
N ALA C 261 25.99 27.23 21.60
CA ALA C 261 25.13 28.31 22.07
C ALA C 261 25.60 29.69 21.61
N ALA C 262 26.88 29.85 21.26
CA ALA C 262 27.44 31.16 20.91
C ALA C 262 27.44 31.43 19.41
N LEU C 263 26.99 30.53 18.62
CA LEU C 263 27.12 30.82 17.21
C LEU C 263 25.90 31.60 16.72
N PRO C 264 26.05 32.39 15.66
CA PRO C 264 24.87 33.06 15.08
C PRO C 264 23.88 32.01 14.58
N THR C 265 22.64 32.12 15.06
CA THR C 265 21.64 31.08 14.88
C THR C 265 20.39 31.67 14.26
N VAL C 266 20.06 31.23 13.06
CA VAL C 266 18.77 31.51 12.44
C VAL C 266 17.81 30.40 12.88
N ALA C 267 16.94 30.72 13.84
CA ALA C 267 16.05 29.75 14.45
C ALA C 267 14.62 29.94 13.95
N GLU C 268 13.96 28.81 13.64
CA GLU C 268 12.52 28.83 13.39
C GLU C 268 11.79 29.01 14.72
N PRO C 269 10.53 29.43 14.69
CA PRO C 269 9.82 29.71 15.96
C PRO C 269 9.65 28.48 16.83
N THR C 270 9.48 27.30 16.25
CA THR C 270 9.30 26.08 17.04
C THR C 270 10.61 25.46 17.52
N ALA C 271 11.77 25.96 17.05
CA ALA C 271 13.04 25.39 17.47
C ALA C 271 13.43 25.94 18.83
N PRO C 272 13.79 25.10 19.79
CA PRO C 272 14.33 25.62 21.05
C PRO C 272 15.68 26.29 20.80
N ARG C 273 15.95 27.36 21.53
CA ARG C 273 17.21 28.08 21.40
C ARG C 273 18.27 27.44 22.27
N SER C 274 19.48 27.31 21.73
CA SER C 274 20.61 26.84 22.51
C SER C 274 21.35 27.98 23.21
N GLY C 275 21.43 29.15 22.57
CA GLY C 275 22.13 30.27 23.16
C GLY C 275 21.41 31.59 23.01
N ASP C 276 22.17 32.65 22.68
CA ASP C 276 21.59 33.98 22.67
C ASP C 276 22.19 34.86 21.58
N ASN C 277 22.73 34.27 20.53
CA ASN C 277 23.19 35.06 19.39
C ASN C 277 22.24 34.84 18.22
N PRO C 278 21.07 35.48 18.23
CA PRO C 278 20.12 35.29 17.14
C PRO C 278 20.65 35.90 15.85
N LEU C 279 20.16 35.39 14.72
CA LEU C 279 20.52 35.94 13.42
C LEU C 279 19.25 36.00 12.59
N HIS C 280 18.76 37.21 12.36
CA HIS C 280 17.53 37.41 11.62
C HIS C 280 17.59 36.72 10.26
N PRO C 281 16.56 35.97 9.88
CA PRO C 281 16.57 35.33 8.56
C PRO C 281 16.80 36.30 7.40
N LEU C 282 16.29 37.53 7.50
CA LEU C 282 16.54 38.50 6.44
C LEU C 282 18.02 38.90 6.36
N ALA C 283 18.77 38.72 7.44
CA ALA C 283 20.21 38.98 7.42
C ALA C 283 20.98 37.92 6.63
N LEU C 284 20.55 36.67 6.69
CA LEU C 284 21.23 35.55 6.02
C LEU C 284 21.71 35.83 4.60
N PRO C 285 20.89 36.36 3.68
CA PRO C 285 21.38 36.57 2.31
C PRO C 285 22.49 37.61 2.21
N LEU C 286 22.75 38.37 3.28
CA LEU C 286 23.75 39.43 3.28
C LEU C 286 25.10 38.97 3.82
N LEU C 287 25.17 37.76 4.37
CA LEU C 287 26.40 37.17 4.86
C LEU C 287 26.86 36.08 3.92
N ARG C 288 28.10 35.63 4.10
CA ARG C 288 28.69 34.54 3.34
C ARG C 288 29.21 33.48 4.30
N PRO C 289 28.32 32.73 4.94
CA PRO C 289 28.77 31.67 5.83
C PRO C 289 29.53 30.61 5.04
N GLN C 290 30.55 30.03 5.68
CA GLN C 290 31.40 29.07 4.99
C GLN C 290 31.06 27.64 5.36
N GLN C 291 30.24 27.42 6.38
CA GLN C 291 29.65 26.12 6.66
C GLN C 291 28.44 26.34 7.55
N VAL C 292 27.47 25.44 7.44
CA VAL C 292 26.20 25.52 8.13
C VAL C 292 26.02 24.27 8.98
N ILE C 293 25.68 24.46 10.24
CA ILE C 293 25.15 23.39 11.08
C ILE C 293 23.63 23.53 11.06
N MET C 294 22.94 22.45 10.70
CA MET C 294 21.48 22.45 10.56
C MET C 294 20.87 21.54 11.63
N LEU C 295 19.99 22.10 12.44
CA LEU C 295 19.35 21.36 13.53
C LEU C 295 17.88 21.12 13.21
N GLY C 296 17.42 19.88 13.39
CA GLY C 296 16.03 19.61 13.09
C GLY C 296 15.72 19.80 11.62
N ARG C 297 14.46 20.14 11.34
CA ARG C 297 13.99 20.16 9.96
C ARG C 297 13.60 21.58 9.53
N PRO C 298 14.37 22.26 8.69
CA PRO C 298 13.99 23.61 8.28
C PRO C 298 12.97 23.57 7.17
N THR C 299 11.98 24.45 7.28
CA THR C 299 10.94 24.58 6.28
C THR C 299 10.71 26.03 5.83
N LEU C 300 11.21 27.01 6.56
CA LEU C 300 10.90 28.41 6.30
C LEU C 300 12.08 29.13 5.65
N HIS C 301 11.75 30.13 4.82
CA HIS C 301 12.69 31.12 4.30
C HIS C 301 13.45 30.60 3.09
N ARG C 302 13.18 31.16 1.92
CA ARG C 302 13.94 30.77 0.74
C ARG C 302 15.45 31.03 0.86
N PRO C 303 15.92 32.07 1.58
CA PRO C 303 17.39 32.18 1.73
C PRO C 303 17.98 30.97 2.45
N VAL C 304 17.25 30.41 3.42
CA VAL C 304 17.70 29.19 4.07
C VAL C 304 17.82 28.07 3.04
N SER C 305 16.78 27.88 2.25
CA SER C 305 16.80 26.83 1.24
C SER C 305 17.96 27.01 0.27
N VAL C 306 18.22 28.26 -0.14
CA VAL C 306 19.33 28.55 -1.05
C VAL C 306 20.66 28.22 -0.40
N LEU C 307 20.85 28.67 0.85
CA LEU C 307 22.10 28.40 1.54
C LEU C 307 22.32 26.90 1.73
N LEU C 308 21.31 26.18 2.23
CA LEU C 308 21.46 24.75 2.47
C LEU C 308 21.81 23.99 1.19
N ALA C 309 21.39 24.49 0.02
CA ALA C 309 21.65 23.85 -1.26
C ALA C 309 22.96 24.29 -1.92
N ASP C 310 23.72 25.18 -1.29
CA ASP C 310 24.92 25.75 -1.91
C ASP C 310 26.05 24.72 -1.91
N ALA C 311 26.48 24.29 -3.11
CA ALA C 311 27.50 23.26 -3.18
C ALA C 311 28.83 23.67 -2.54
N GLU C 312 29.11 24.97 -2.39
CA GLU C 312 30.36 25.38 -1.77
C GLU C 312 30.30 25.41 -0.25
N VAL C 313 29.12 25.26 0.34
CA VAL C 313 28.96 25.35 1.80
C VAL C 313 28.80 23.92 2.34
N PRO C 314 29.75 23.43 3.13
CA PRO C 314 29.50 22.16 3.84
C PRO C 314 28.34 22.32 4.82
N VAL C 315 27.43 21.35 4.81
CA VAL C 315 26.25 21.34 5.67
C VAL C 315 26.32 20.12 6.58
N PHE C 316 26.12 20.34 7.89
CA PHE C 316 26.11 19.27 8.87
C PHE C 316 24.73 19.18 9.50
N ALA C 317 24.02 18.09 9.23
CA ALA C 317 22.68 17.89 9.75
C ALA C 317 22.76 17.20 11.11
N LEU C 318 22.32 17.88 12.17
CA LEU C 318 22.23 17.29 13.50
C LEU C 318 20.76 17.15 13.88
N THR C 319 20.32 15.91 14.07
CA THR C 319 18.91 15.66 14.29
C THR C 319 18.73 14.28 14.90
N THR C 320 17.62 14.09 15.59
CA THR C 320 17.26 12.77 16.08
C THR C 320 16.33 12.08 15.09
N GLY C 321 16.25 10.75 15.20
CA GLY C 321 15.35 9.99 14.36
C GLY C 321 15.98 9.35 13.14
N PRO C 322 15.20 8.53 12.45
CA PRO C 322 15.78 7.71 11.37
C PRO C 322 16.24 8.49 10.15
N ARG C 323 15.64 9.62 9.81
CA ARG C 323 15.95 10.29 8.55
C ARG C 323 16.56 11.66 8.83
N TRP C 324 17.12 12.26 7.79
CA TRP C 324 17.63 13.62 7.92
C TRP C 324 17.09 14.47 6.78
N PRO C 325 16.91 15.76 7.01
CA PRO C 325 16.38 16.63 5.95
C PRO C 325 17.51 17.02 4.99
N ASP C 326 17.23 16.93 3.70
CA ASP C 326 18.17 17.37 2.69
C ASP C 326 17.50 17.35 1.33
N VAL C 327 16.78 18.41 1.02
CA VAL C 327 16.04 18.49 -0.24
C VAL C 327 16.99 18.44 -1.42
N SER C 328 18.06 19.24 -1.39
CA SER C 328 18.99 19.33 -2.52
C SER C 328 19.97 18.16 -2.57
N GLY C 329 20.14 17.43 -1.47
CA GLY C 329 21.15 16.39 -1.47
C GLY C 329 22.55 16.88 -1.20
N ASN C 330 22.70 18.15 -0.82
CA ASN C 330 24.00 18.81 -0.73
C ASN C 330 24.73 18.52 0.58
N SER C 331 24.07 17.96 1.59
CA SER C 331 24.67 17.80 2.93
C SER C 331 25.91 16.92 2.90
N GLN C 332 26.82 17.22 3.80
CA GLN C 332 28.10 16.53 3.89
C GLN C 332 28.10 15.40 4.92
N ALA C 333 27.35 15.56 6.01
CA ALA C 333 27.34 14.55 7.05
C ALA C 333 26.10 14.77 7.92
N THR C 334 25.65 13.69 8.58
CA THR C 334 24.53 13.77 9.51
C THR C 334 24.84 12.97 10.76
N GLY C 335 24.30 13.44 11.87
CA GLY C 335 24.48 12.79 13.15
C GLY C 335 23.52 13.40 14.13
N THR C 336 23.88 13.30 15.41
CA THR C 336 23.04 13.78 16.49
C THR C 336 23.65 14.88 17.34
N ARG C 337 24.97 15.04 17.33
CA ARG C 337 25.61 16.10 18.09
C ARG C 337 26.95 16.44 17.44
N ALA C 338 27.52 17.56 17.88
CA ALA C 338 28.79 18.05 17.38
C ALA C 338 29.89 17.85 18.42
N VAL C 339 31.04 17.37 17.96
CA VAL C 339 32.28 17.44 18.74
C VAL C 339 33.12 18.53 18.08
N THR C 340 33.33 19.63 18.80
CA THR C 340 33.85 20.86 18.20
C THR C 340 35.32 21.06 18.55
N THR C 341 36.07 21.56 17.57
CA THR C 341 37.37 22.19 17.78
C THR C 341 37.29 23.64 17.35
N GLY C 342 38.16 24.46 17.90
CA GLY C 342 38.24 25.84 17.48
C GLY C 342 37.15 26.72 18.09
N ALA C 343 36.99 27.89 17.48
CA ALA C 343 36.07 28.89 17.96
C ALA C 343 35.82 29.88 16.83
N PRO C 344 34.62 30.49 16.76
CA PRO C 344 34.36 31.45 15.69
C PRO C 344 35.26 32.67 15.82
N ARG C 345 35.72 33.17 14.67
CA ARG C 345 36.52 34.39 14.68
C ARG C 345 35.70 35.57 15.19
N PRO C 346 36.23 36.37 16.10
CA PRO C 346 35.50 37.54 16.59
C PRO C 346 35.04 38.48 15.49
N ALA C 347 35.82 38.64 14.42
CA ALA C 347 35.35 39.42 13.28
C ALA C 347 34.02 38.89 12.75
N TRP C 348 33.92 37.56 12.61
CA TRP C 348 32.72 36.93 12.09
C TRP C 348 31.51 37.17 13.01
N LEU C 349 31.69 36.99 14.32
CA LEU C 349 30.59 37.20 15.25
C LEU C 349 30.02 38.61 15.14
N ASP C 350 30.89 39.64 15.16
CA ASP C 350 30.42 41.02 15.12
C ASP C 350 29.76 41.34 13.77
N ARG C 351 30.34 40.83 12.68
CA ARG C 351 29.73 40.96 11.37
C ARG C 351 28.30 40.40 11.38
N CYS C 352 28.11 39.22 12.00
CA CYS C 352 26.77 38.61 12.09
C CYS C 352 25.88 39.39 13.06
N ALA C 353 26.40 39.72 14.25
CA ALA C 353 25.57 40.44 15.22
C ALA C 353 25.14 41.80 14.67
N ALA C 354 26.00 42.44 13.88
CA ALA C 354 25.63 43.72 13.31
C ALA C 354 24.64 43.55 12.16
N MET C 355 24.86 42.55 11.31
CA MET C 355 23.89 42.29 10.24
C MET C 355 22.52 41.91 10.82
N ASN C 356 22.52 41.23 11.97
CA ASN C 356 21.27 40.98 12.70
C ASN C 356 20.59 42.29 13.09
N ARG C 357 21.36 43.18 13.74
CA ARG C 357 20.84 44.51 14.08
C ARG C 357 20.32 45.26 12.87
N HIS C 358 21.04 45.19 11.75
CA HIS C 358 20.59 45.89 10.56
C HIS C 358 19.20 45.40 10.13
N ALA C 359 18.96 44.09 10.22
CA ALA C 359 17.70 43.51 9.74
C ALA C 359 16.57 43.73 10.73
N ILE C 360 16.80 43.50 12.03
CA ILE C 360 15.78 43.81 13.02
C ILE C 360 15.32 45.26 12.86
N ALA C 361 16.25 46.16 12.51
CA ALA C 361 15.92 47.57 12.42
C ALA C 361 15.19 47.89 11.13
N ALA C 362 15.64 47.31 10.01
CA ALA C 362 14.96 47.54 8.73
C ALA C 362 13.49 47.10 8.80
N VAL C 363 13.21 46.01 9.52
CA VAL C 363 11.82 45.56 9.61
C VAL C 363 11.02 46.52 10.47
N ARG C 364 11.52 46.82 11.68
CA ARG C 364 10.76 47.66 12.59
C ARG C 364 10.54 49.07 12.03
N GLU C 365 11.50 49.60 11.28
CA GLU C 365 11.34 50.97 10.77
C GLU C 365 10.36 51.02 9.62
N GLN C 366 10.43 50.05 8.71
CA GLN C 366 9.46 50.01 7.62
C GLN C 366 8.07 49.55 8.06
N LEU C 367 7.96 48.83 9.19
CA LEU C 367 6.65 48.56 9.78
C LEU C 367 6.05 49.84 10.33
N ALA C 368 6.86 50.64 11.04
CA ALA C 368 6.40 51.93 11.54
C ALA C 368 6.04 52.88 10.40
N ALA C 369 6.83 52.86 9.32
CA ALA C 369 6.60 53.71 8.16
C ALA C 369 5.44 53.25 7.29
N HIS C 370 4.84 52.09 7.57
CA HIS C 370 3.85 51.57 6.65
C HIS C 370 2.46 52.08 7.02
N PRO C 371 1.68 52.44 6.01
CA PRO C 371 0.37 53.08 6.28
C PRO C 371 -0.67 52.14 6.89
N LEU C 372 -0.76 50.89 6.44
CA LEU C 372 -1.83 49.98 6.82
C LEU C 372 -1.33 48.86 7.74
N THR C 373 -2.26 48.31 8.52
CA THR C 373 -1.97 47.13 9.34
C THR C 373 -1.94 45.88 8.47
N THR C 374 -0.83 45.15 8.52
CA THR C 374 -0.64 43.89 7.82
C THR C 374 -0.47 42.77 8.84
N GLY C 375 -0.53 41.53 8.35
CA GLY C 375 -0.29 40.38 9.23
C GLY C 375 1.04 40.50 9.94
N LEU C 376 2.06 41.00 9.24
CA LEU C 376 3.36 41.24 9.87
C LEU C 376 3.22 42.18 11.07
N HIS C 377 2.42 43.24 10.93
CA HIS C 377 2.16 44.13 12.07
C HIS C 377 1.50 43.35 13.20
N VAL C 378 0.53 42.49 12.87
CA VAL C 378 -0.14 41.73 13.93
C VAL C 378 0.84 40.82 14.65
N ALA C 379 1.75 40.18 13.88
CA ALA C 379 2.72 39.27 14.48
C ALA C 379 3.66 40.02 15.41
N ALA C 380 4.22 41.14 14.92
CA ALA C 380 5.10 41.96 15.75
C ALA C 380 4.42 42.34 17.06
N ALA C 381 3.13 42.68 17.01
CA ALA C 381 2.43 43.02 18.24
C ALA C 381 2.29 41.80 19.15
N VAL C 382 1.93 40.63 18.60
CA VAL C 382 1.79 39.45 19.44
C VAL C 382 3.13 39.08 20.06
N SER C 383 4.21 39.20 19.28
CA SER C 383 5.55 38.93 19.83
C SER C 383 5.83 39.83 21.02
N HIS C 384 5.56 41.13 20.88
CA HIS C 384 5.81 42.07 21.95
C HIS C 384 5.02 41.73 23.21
N ALA C 385 3.82 41.17 23.06
CA ALA C 385 2.95 40.85 24.18
C ALA C 385 3.29 39.55 24.91
N LEU C 386 4.18 38.72 24.38
CA LEU C 386 4.46 37.42 25.00
C LEU C 386 5.44 37.56 26.17
N ARG C 387 5.38 36.59 27.09
CA ARG C 387 6.29 36.58 28.22
C ARG C 387 6.54 35.14 28.65
N PRO C 388 7.66 34.87 29.34
CA PRO C 388 7.99 33.49 29.73
C PRO C 388 6.86 32.79 30.47
N GLY C 389 6.73 31.48 30.22
CA GLY C 389 5.62 30.69 30.72
C GLY C 389 4.48 30.53 29.74
N ASP C 390 4.42 31.35 28.69
CA ASP C 390 3.33 31.30 27.73
C ASP C 390 3.54 30.19 26.70
N GLN C 391 2.44 29.62 26.25
CA GLN C 391 2.44 28.75 25.08
C GLN C 391 1.94 29.52 23.87
N LEU C 392 2.66 29.39 22.76
CA LEU C 392 2.36 30.10 21.52
C LEU C 392 2.07 29.07 20.44
N VAL C 393 0.90 29.21 19.79
CA VAL C 393 0.50 28.32 18.70
C VAL C 393 0.41 29.15 17.42
N LEU C 394 1.09 28.69 16.37
CA LEU C 394 1.17 29.43 15.12
C LEU C 394 0.55 28.64 13.98
N GLY C 395 -0.31 29.31 13.21
CA GLY C 395 -0.78 28.74 11.97
C GLY C 395 0.30 28.73 10.91
N ALA C 396 0.10 27.87 9.91
CA ALA C 396 0.94 27.87 8.73
C ALA C 396 0.73 29.20 7.98
N SER C 397 1.31 29.31 6.79
CA SER C 397 1.24 30.51 5.97
C SER C 397 2.04 31.63 6.62
N ASN C 398 1.60 32.88 6.46
CA ASN C 398 2.40 34.01 6.93
C ASN C 398 2.57 34.06 8.45
N PRO C 399 1.58 33.72 9.29
CA PRO C 399 1.81 33.84 10.74
C PRO C 399 3.13 33.28 11.25
N VAL C 400 3.49 32.05 10.85
CA VAL C 400 4.69 31.44 11.42
C VAL C 400 5.95 32.08 10.84
N ARG C 401 5.89 32.53 9.60
CA ARG C 401 7.01 33.28 9.04
C ARG C 401 7.10 34.67 9.67
N ASP C 402 5.97 35.38 9.77
CA ASP C 402 5.96 36.75 10.25
C ASP C 402 6.53 36.85 11.66
N VAL C 403 6.20 35.90 12.53
CA VAL C 403 6.79 35.89 13.87
C VAL C 403 8.31 35.83 13.80
N ALA C 404 8.84 35.06 12.84
CA ALA C 404 10.29 34.99 12.68
C ALA C 404 10.84 36.31 12.15
N LEU C 405 10.13 36.96 11.24
CA LEU C 405 10.59 38.23 10.71
C LEU C 405 10.46 39.34 11.74
N ALA C 406 9.49 39.21 12.66
CA ALA C 406 9.35 40.15 13.75
C ALA C 406 10.43 39.99 14.80
N GLY C 407 11.31 38.99 14.65
CA GLY C 407 12.39 38.76 15.60
C GLY C 407 11.97 38.32 17.00
N LEU C 408 10.90 37.54 17.13
CA LEU C 408 10.46 37.09 18.45
C LEU C 408 11.55 36.31 19.16
N ASP C 409 11.69 36.58 20.46
CA ASP C 409 12.60 35.88 21.34
C ASP C 409 11.81 34.76 22.03
N THR C 410 12.10 33.50 21.65
CA THR C 410 11.29 32.35 22.07
C THR C 410 11.76 31.68 23.36
N ARG C 411 12.71 32.26 24.08
CA ARG C 411 13.22 31.60 25.29
C ARG C 411 12.23 31.66 26.44
N GLY C 412 12.03 30.52 27.08
CA GLY C 412 11.01 30.39 28.10
C GLY C 412 9.60 30.33 27.54
N ILE C 413 9.45 30.16 26.23
CA ILE C 413 8.14 30.13 25.59
C ILE C 413 8.02 28.87 24.76
N ARG C 414 6.94 28.12 24.98
CA ARG C 414 6.65 26.89 24.24
C ARG C 414 5.92 27.25 22.95
N VAL C 415 6.58 27.05 21.80
CA VAL C 415 6.03 27.40 20.50
C VAL C 415 5.60 26.12 19.80
N ARG C 416 4.32 26.05 19.41
CA ARG C 416 3.76 24.93 18.68
C ARG C 416 3.32 25.39 17.29
N SER C 417 3.51 24.51 16.31
CA SER C 417 3.01 24.72 14.96
C SER C 417 3.07 23.37 14.25
N ASN C 418 2.15 23.15 13.31
CA ASN C 418 2.06 21.85 12.62
C ASN C 418 2.96 21.83 11.40
N ARG C 419 4.27 21.84 11.65
CA ARG C 419 5.22 21.91 10.54
C ARG C 419 5.46 20.58 9.84
N GLY C 420 4.91 19.48 10.38
CA GLY C 420 5.08 18.19 9.71
C GLY C 420 4.70 18.22 8.26
N VAL C 421 3.49 18.71 7.97
CA VAL C 421 2.99 18.89 6.61
C VAL C 421 2.51 20.32 6.36
N ALA C 422 2.54 21.19 7.37
CA ALA C 422 2.27 22.62 7.19
C ALA C 422 0.87 22.85 6.61
N GLY C 423 -0.10 22.05 7.04
CA GLY C 423 -1.46 22.28 6.60
C GLY C 423 -2.07 23.49 7.28
N ILE C 424 -3.03 24.12 6.59
CA ILE C 424 -3.84 25.14 7.23
C ILE C 424 -5.10 24.56 7.84
N ASP C 425 -5.27 23.24 7.80
CA ASP C 425 -6.41 22.57 8.39
C ASP C 425 -6.14 22.24 9.86
N GLY C 426 -7.20 22.22 10.66
CA GLY C 426 -7.17 21.79 12.04
C GLY C 426 -6.40 22.64 13.04
N THR C 427 -6.06 23.89 12.71
CA THR C 427 -5.24 24.64 13.64
C THR C 427 -6.03 25.14 14.85
N VAL C 428 -7.34 25.33 14.71
CA VAL C 428 -8.13 25.76 15.86
C VAL C 428 -8.16 24.65 16.91
N SER C 429 -8.50 23.43 16.51
CA SER C 429 -8.51 22.34 17.49
C SER C 429 -7.11 22.02 18.01
N THR C 430 -6.09 22.22 17.19
CA THR C 430 -4.73 22.04 17.69
C THR C 430 -4.43 23.02 18.82
N ALA C 431 -4.72 24.32 18.61
CA ALA C 431 -4.53 25.30 19.66
C ALA C 431 -5.36 24.95 20.90
N ILE C 432 -6.62 24.55 20.71
CA ILE C 432 -7.46 24.20 21.86
C ILE C 432 -6.84 23.03 22.62
N GLY C 433 -6.44 21.97 21.89
CA GLY C 433 -5.86 20.81 22.55
C GLY C 433 -4.55 21.11 23.24
N ALA C 434 -3.67 21.86 22.56
CA ALA C 434 -2.43 22.34 23.18
C ALA C 434 -2.72 23.08 24.48
N ALA C 435 -3.70 23.99 24.48
CA ALA C 435 -4.02 24.73 25.71
C ALA C 435 -4.48 23.79 26.81
N LEU C 436 -5.43 22.89 26.51
CA LEU C 436 -5.94 21.98 27.54
C LEU C 436 -4.82 21.18 28.17
N ALA C 437 -3.91 20.65 27.35
CA ALA C 437 -2.83 19.81 27.87
C ALA C 437 -1.84 20.62 28.69
N TYR C 438 -1.51 21.82 28.21
CA TYR C 438 -0.60 22.72 28.92
C TYR C 438 -1.19 23.16 30.25
N GLU C 439 -2.49 23.49 30.28
CA GLU C 439 -3.13 23.82 31.54
C GLU C 439 -3.15 22.62 32.45
N GLY C 440 -3.42 21.43 31.90
CA GLY C 440 -3.49 20.25 32.74
C GLY C 440 -2.16 19.96 33.41
N ALA C 441 -1.05 20.21 32.70
CA ALA C 441 0.26 20.00 33.29
C ALA C 441 0.49 20.93 34.47
N HIS C 442 0.03 22.18 34.36
CA HIS C 442 0.23 23.18 35.41
C HIS C 442 -0.65 22.88 36.62
N GLU C 443 -1.91 22.48 36.38
CA GLU C 443 -2.78 22.08 37.49
C GLU C 443 -2.23 20.88 38.25
N ARG C 444 -1.49 20.02 37.57
CA ARG C 444 -0.96 18.84 38.25
C ARG C 444 0.11 19.21 39.28
N THR C 445 0.91 20.22 38.98
CA THR C 445 1.73 20.87 40.00
C THR C 445 0.78 21.45 41.04
N GLY C 446 1.28 21.76 42.23
CA GLY C 446 0.38 22.37 43.17
C GLY C 446 0.22 23.87 43.05
N SER C 447 0.77 24.48 42.00
CA SER C 447 0.87 25.92 41.93
C SER C 447 -0.50 26.56 42.14
N PRO C 448 -0.63 27.51 43.08
CA PRO C 448 -1.90 28.22 43.28
C PRO C 448 -1.96 29.47 42.40
N ASP C 449 -1.79 29.26 41.10
CA ASP C 449 -1.73 30.35 40.15
C ASP C 449 -2.82 30.19 39.11
N SER C 450 -3.16 31.31 38.48
CA SER C 450 -3.90 31.24 37.23
C SER C 450 -3.07 30.45 36.24
N PRO C 451 -3.64 29.48 35.52
CA PRO C 451 -2.84 28.68 34.57
C PRO C 451 -2.22 29.55 33.51
N PRO C 452 -1.15 29.08 32.86
CA PRO C 452 -0.48 29.92 31.85
C PRO C 452 -1.35 30.17 30.64
N ARG C 453 -0.97 31.21 29.90
CA ARG C 453 -1.69 31.56 28.69
C ARG C 453 -1.27 30.68 27.52
N THR C 454 -2.25 30.29 26.72
CA THR C 454 -1.99 29.83 25.37
C THR C 454 -2.51 30.90 24.41
N ILE C 455 -1.64 31.41 23.57
CA ILE C 455 -2.00 32.41 22.59
C ILE C 455 -1.74 31.84 21.21
N ALA C 456 -2.78 31.75 20.39
CA ALA C 456 -2.66 31.25 19.03
C ALA C 456 -2.74 32.41 18.05
N LEU C 457 -1.91 32.38 17.03
CA LEU C 457 -1.93 33.38 15.97
C LEU C 457 -2.10 32.66 14.65
N ILE C 458 -3.22 32.90 13.97
CA ILE C 458 -3.52 32.20 12.73
C ILE C 458 -4.08 33.21 11.73
N GLY C 459 -3.89 32.92 10.45
CA GLY C 459 -4.53 33.68 9.40
C GLY C 459 -6.03 33.37 9.32
N ASP C 460 -6.70 34.11 8.42
CA ASP C 460 -8.16 34.04 8.32
C ASP C 460 -8.61 32.79 7.56
N LEU C 461 -7.98 32.45 6.42
CA LEU C 461 -8.27 31.16 5.81
C LEU C 461 -8.11 30.01 6.80
N THR C 462 -6.99 29.99 7.54
CA THR C 462 -6.76 28.94 8.53
C THR C 462 -7.90 28.89 9.54
N PHE C 463 -8.37 30.04 9.97
CA PHE C 463 -9.46 30.06 10.94
C PHE C 463 -10.74 29.50 10.34
N VAL C 464 -11.05 29.88 9.09
CA VAL C 464 -12.27 29.41 8.44
C VAL C 464 -12.20 27.90 8.20
N HIS C 465 -11.01 27.40 7.88
CA HIS C 465 -10.85 25.97 7.61
C HIS C 465 -11.32 25.12 8.77
N ASP C 466 -10.89 25.45 9.99
CA ASP C 466 -11.18 24.67 11.17
C ASP C 466 -12.16 25.36 12.13
N SER C 467 -13.06 26.19 11.59
CA SER C 467 -14.05 26.86 12.45
C SER C 467 -14.87 25.85 13.26
N SER C 468 -15.09 24.64 12.74
CA SER C 468 -15.79 23.59 13.49
C SER C 468 -15.20 23.37 14.88
N GLY C 469 -13.89 23.51 15.03
CA GLY C 469 -13.26 23.22 16.32
C GLY C 469 -13.69 24.15 17.44
N LEU C 470 -14.39 25.24 17.12
CA LEU C 470 -14.90 26.15 18.15
C LEU C 470 -16.10 25.55 18.87
N LEU C 471 -16.83 24.63 18.22
CA LEU C 471 -18.05 24.05 18.76
C LEU C 471 -17.70 22.97 19.77
N ILE C 472 -17.85 23.28 21.05
CA ILE C 472 -17.56 22.35 22.13
C ILE C 472 -18.75 22.32 23.07
N GLY C 473 -19.31 21.14 23.29
CA GLY C 473 -20.45 20.99 24.15
C GLY C 473 -20.16 21.43 25.58
N PRO C 474 -21.22 21.72 26.34
CA PRO C 474 -21.03 22.04 27.76
C PRO C 474 -20.42 20.91 28.53
N THR C 475 -20.61 19.69 28.04
CA THR C 475 -20.10 18.48 28.67
C THR C 475 -18.57 18.36 28.57
N GLU C 476 -17.93 19.11 27.68
CA GLU C 476 -16.55 18.77 27.35
C GLU C 476 -15.55 19.77 27.93
N PRO C 477 -14.30 19.34 28.14
CA PRO C 477 -13.28 20.26 28.66
C PRO C 477 -13.09 21.47 27.76
N ILE C 478 -12.95 22.63 28.39
CA ILE C 478 -12.75 23.91 27.71
C ILE C 478 -11.49 24.54 28.27
N PRO C 479 -10.58 25.04 27.43
CA PRO C 479 -9.39 25.72 27.97
C PRO C 479 -9.79 26.92 28.83
N ARG C 480 -8.94 27.20 29.82
CA ARG C 480 -9.17 28.29 30.75
C ARG C 480 -8.50 29.59 30.32
N SER C 481 -7.44 29.51 29.52
CA SER C 481 -6.66 30.70 29.20
C SER C 481 -6.16 30.65 27.76
N LEU C 482 -7.07 30.40 26.81
CA LEU C 482 -6.71 30.35 25.40
C LEU C 482 -7.22 31.60 24.71
N THR C 483 -6.36 32.25 23.96
CA THR C 483 -6.74 33.40 23.17
C THR C 483 -6.27 33.14 21.74
N ILE C 484 -7.22 33.09 20.81
CA ILE C 484 -6.91 32.92 19.41
C ILE C 484 -6.92 34.28 18.75
N VAL C 485 -5.76 34.72 18.25
CA VAL C 485 -5.65 35.95 17.46
C VAL C 485 -5.73 35.59 15.98
N VAL C 486 -6.67 36.20 15.27
CA VAL C 486 -6.90 35.95 13.85
C VAL C 486 -6.49 37.19 13.08
N SER C 487 -5.33 37.14 12.44
CA SER C 487 -4.94 38.19 11.53
C SER C 487 -5.72 37.98 10.23
N ASN C 488 -6.73 38.82 10.00
CA ASN C 488 -7.68 38.63 8.91
C ASN C 488 -7.45 39.65 7.80
N ASP C 489 -6.77 39.23 6.73
CA ASP C 489 -6.64 40.03 5.52
C ASP C 489 -7.51 39.49 4.38
N ASN C 490 -8.59 38.78 4.72
CA ASN C 490 -9.62 38.37 3.76
C ASN C 490 -9.03 37.61 2.57
N GLY C 491 -8.20 36.62 2.87
CA GLY C 491 -7.60 35.81 1.84
C GLY C 491 -6.24 35.29 2.25
N GLY C 492 -5.53 34.77 1.26
CA GLY C 492 -4.20 34.22 1.48
C GLY C 492 -3.08 35.22 1.30
N GLY C 493 -2.58 35.76 2.41
CA GLY C 493 -1.52 36.76 2.33
C GLY C 493 -0.23 36.23 1.70
N ILE C 494 0.13 34.98 2.01
CA ILE C 494 1.42 34.43 1.59
C ILE C 494 1.57 34.46 0.08
N PHE C 495 0.46 34.36 -0.66
CA PHE C 495 0.59 34.31 -2.11
C PHE C 495 0.88 35.69 -2.71
N GLU C 496 0.65 36.77 -1.94
CA GLU C 496 1.08 38.08 -2.40
C GLU C 496 2.59 38.14 -2.57
N LEU C 497 3.32 37.41 -1.73
CA LEU C 497 4.77 37.43 -1.67
C LEU C 497 5.44 36.45 -2.63
N LEU C 498 4.68 35.69 -3.42
CA LEU C 498 5.28 34.67 -4.27
C LEU C 498 5.27 35.14 -5.72
N GLU C 499 5.76 34.27 -6.61
CA GLU C 499 5.86 34.64 -8.02
C GLU C 499 4.48 34.93 -8.61
N GLN C 500 3.46 34.15 -8.20
CA GLN C 500 2.10 34.47 -8.63
C GLN C 500 1.57 35.78 -8.08
N GLY C 501 2.27 36.41 -7.13
CA GLY C 501 1.91 37.72 -6.64
C GLY C 501 2.50 38.90 -7.40
N ASP C 502 3.23 38.65 -8.48
CA ASP C 502 3.77 39.73 -9.28
C ASP C 502 2.65 40.49 -9.98
N PRO C 503 2.82 41.80 -10.19
CA PRO C 503 1.75 42.62 -10.79
C PRO C 503 1.23 42.17 -12.14
N ARG C 504 2.02 41.46 -12.96
CA ARG C 504 1.49 40.98 -14.24
C ARG C 504 0.35 39.97 -14.06
N PHE C 505 0.13 39.47 -12.85
CA PHE C 505 -0.97 38.55 -12.56
C PHE C 505 -2.05 39.20 -11.69
N SER C 506 -2.18 40.53 -11.73
CA SER C 506 -3.07 41.24 -10.82
C SER C 506 -4.54 40.84 -11.02
N ASP C 507 -4.97 40.68 -12.29
CA ASP C 507 -6.35 40.28 -12.58
C ASP C 507 -6.64 38.85 -12.12
N VAL C 508 -5.76 37.90 -12.45
CA VAL C 508 -6.03 36.47 -12.26
C VAL C 508 -5.81 36.05 -10.81
N SER C 509 -4.73 36.53 -10.20
CA SER C 509 -4.29 35.99 -8.93
C SER C 509 -5.26 36.30 -7.80
N SER C 510 -5.96 37.44 -7.88
CA SER C 510 -6.92 37.78 -6.83
C SER C 510 -7.88 36.63 -6.57
N ARG C 511 -8.35 35.98 -7.62
CA ARG C 511 -9.41 35.00 -7.47
C ARG C 511 -8.87 33.61 -7.08
N ILE C 512 -7.76 33.18 -7.67
CA ILE C 512 -7.33 31.80 -7.51
C ILE C 512 -6.24 31.63 -6.46
N PHE C 513 -5.60 32.70 -6.02
CA PHE C 513 -4.65 32.64 -4.92
C PHE C 513 -5.06 33.51 -3.76
N GLY C 514 -5.65 34.68 -4.04
CA GLY C 514 -6.12 35.54 -2.96
C GLY C 514 -7.29 34.94 -2.22
N THR C 515 -8.21 34.32 -2.96
CA THR C 515 -9.43 33.69 -2.45
C THR C 515 -10.10 34.50 -1.32
N PRO C 516 -10.59 35.70 -1.61
CA PRO C 516 -11.35 36.44 -0.61
C PRO C 516 -12.72 35.79 -0.36
N HIS C 517 -13.20 35.94 0.87
CA HIS C 517 -14.40 35.22 1.28
C HIS C 517 -15.45 36.10 1.94
N ASP C 518 -15.02 37.20 2.58
CA ASP C 518 -15.92 38.17 3.24
C ASP C 518 -16.66 37.55 4.44
N VAL C 519 -15.99 36.70 5.19
CA VAL C 519 -16.65 36.06 6.33
C VAL C 519 -16.77 37.06 7.47
N ASP C 520 -17.92 37.03 8.14
CA ASP C 520 -18.16 37.83 9.33
C ASP C 520 -17.65 37.02 10.51
N VAL C 521 -16.37 37.21 10.84
CA VAL C 521 -15.75 36.42 11.91
C VAL C 521 -16.53 36.58 13.22
N GLY C 522 -16.97 37.81 13.54
CA GLY C 522 -17.70 37.99 14.79
C GLY C 522 -19.01 37.23 14.80
N ALA C 523 -19.72 37.23 13.67
CA ALA C 523 -20.96 36.46 13.60
C ALA C 523 -20.69 34.97 13.78
N LEU C 524 -19.60 34.46 13.20
CA LEU C 524 -19.25 33.05 13.36
C LEU C 524 -19.01 32.71 14.82
N CYS C 525 -18.19 33.49 15.53
CA CYS C 525 -17.93 33.19 16.93
C CYS C 525 -19.18 33.31 17.79
N ARG C 526 -20.10 34.22 17.44
CA ARG C 526 -21.34 34.34 18.21
C ARG C 526 -22.23 33.11 18.01
N ALA C 527 -22.24 32.55 16.80
CA ALA C 527 -23.02 31.33 16.58
C ALA C 527 -22.58 30.18 17.48
N TYR C 528 -21.30 30.11 17.82
CA TYR C 528 -20.78 29.05 18.67
C TYR C 528 -20.66 29.44 20.13
N HIS C 529 -21.08 30.66 20.50
CA HIS C 529 -21.01 31.14 21.88
C HIS C 529 -19.56 31.32 22.34
N VAL C 530 -18.73 31.88 21.48
CA VAL C 530 -17.33 32.14 21.80
C VAL C 530 -17.12 33.64 21.91
N GLU C 531 -16.56 34.09 23.02
CA GLU C 531 -16.22 35.51 23.21
C GLU C 531 -15.34 35.99 22.06
N SER C 532 -15.74 37.09 21.45
CA SER C 532 -15.08 37.59 20.26
C SER C 532 -14.98 39.10 20.31
N ARG C 533 -13.88 39.63 19.75
CA ARG C 533 -13.67 41.07 19.65
CA ARG C 533 -13.69 41.06 19.64
C ARG C 533 -12.91 41.35 18.36
N GLN C 534 -13.39 42.32 17.60
CA GLN C 534 -12.61 42.90 16.53
C GLN C 534 -11.89 44.10 17.12
N ILE C 535 -10.55 44.09 17.07
CA ILE C 535 -9.75 45.14 17.69
C ILE C 535 -8.65 45.56 16.71
N GLU C 536 -7.99 46.65 17.06
CA GLU C 536 -6.88 47.19 16.29
C GLU C 536 -5.57 46.79 16.96
N VAL C 537 -4.47 46.96 16.22
CA VAL C 537 -3.23 46.25 16.57
C VAL C 537 -2.64 46.81 17.87
N ASP C 538 -2.66 48.14 18.05
CA ASP C 538 -2.13 48.72 19.28
C ASP C 538 -2.91 48.22 20.50
N GLU C 539 -4.19 47.95 20.32
CA GLU C 539 -5.08 47.41 21.33
C GLU C 539 -4.79 45.95 21.72
N LEU C 540 -3.85 45.27 21.03
CA LEU C 540 -3.69 43.82 21.20
C LEU C 540 -2.94 43.46 22.47
N GLY C 541 -1.80 44.10 22.72
CA GLY C 541 -1.08 43.92 23.97
C GLY C 541 -1.93 44.13 25.21
N PRO C 542 -2.69 45.24 25.25
CA PRO C 542 -3.58 45.44 26.42
C PRO C 542 -4.64 44.36 26.60
N THR C 543 -5.30 43.95 25.51
CA THR C 543 -6.37 42.97 25.62
C THR C 543 -5.84 41.60 26.06
N LEU C 544 -4.66 41.21 25.57
CA LEU C 544 -4.05 39.96 25.99
C LEU C 544 -3.62 39.96 27.45
N ASP C 545 -3.42 41.14 28.05
CA ASP C 545 -2.91 41.20 29.43
C ASP C 545 -4.00 40.90 30.45
N GLN C 546 -5.20 41.39 30.24
CA GLN C 546 -6.13 40.96 31.28
C GLN C 546 -7.05 39.90 30.73
N PRO C 547 -7.29 38.84 31.51
CA PRO C 547 -7.97 37.66 30.96
C PRO C 547 -9.42 37.93 30.61
N GLY C 548 -9.96 37.06 29.75
CA GLY C 548 -11.37 37.08 29.44
C GLY C 548 -12.02 35.75 29.79
N ALA C 549 -12.98 35.32 28.98
CA ALA C 549 -13.46 33.96 29.08
C ALA C 549 -12.33 32.98 28.74
N GLY C 550 -12.49 31.73 29.16
CA GLY C 550 -11.45 30.74 28.96
C GLY C 550 -11.02 30.61 27.51
N MET C 551 -11.94 30.83 26.58
CA MET C 551 -11.67 30.80 25.16
C MET C 551 -12.15 32.11 24.57
N ARG C 552 -11.27 32.81 23.85
CA ARG C 552 -11.69 33.99 23.14
C ARG C 552 -10.97 34.08 21.81
N VAL C 553 -11.65 34.70 20.86
CA VAL C 553 -11.09 35.03 19.55
C VAL C 553 -10.97 36.53 19.44
N LEU C 554 -9.75 37.02 19.18
CA LEU C 554 -9.49 38.43 18.91
C LEU C 554 -9.19 38.57 17.42
N GLU C 555 -10.11 39.19 16.68
CA GLU C 555 -9.92 39.43 15.26
C GLU C 555 -9.27 40.79 15.04
N VAL C 556 -8.23 40.83 14.21
CA VAL C 556 -7.55 42.06 13.83
C VAL C 556 -7.55 42.15 12.32
N LYS C 557 -8.24 43.14 11.78
CA LYS C 557 -8.34 43.23 10.33
C LYS C 557 -7.04 43.75 9.74
N ALA C 558 -6.58 43.12 8.67
CA ALA C 558 -5.29 43.44 8.09
C ALA C 558 -5.45 43.61 6.60
N ASP C 559 -4.40 44.13 5.98
CA ASP C 559 -4.37 44.35 4.55
C ASP C 559 -3.33 43.44 3.91
N ARG C 560 -3.67 42.82 2.78
CA ARG C 560 -2.70 42.11 1.96
C ARG C 560 -2.43 42.80 0.64
N SER C 561 -3.21 43.83 0.30
CA SER C 561 -3.01 44.55 -0.94
C SER C 561 -1.64 45.21 -1.01
N SER C 562 -1.15 45.72 0.11
CA SER C 562 0.14 46.40 0.18
C SER C 562 1.24 45.50 0.70
N LEU C 563 0.95 44.21 0.89
CA LEU C 563 1.89 43.31 1.56
C LEU C 563 3.17 43.17 0.76
N ARG C 564 3.03 42.99 -0.55
CA ARG C 564 4.19 42.74 -1.37
C ARG C 564 5.11 43.94 -1.37
N GLN C 565 4.55 45.16 -1.46
CA GLN C 565 5.37 46.36 -1.46
C GLN C 565 5.99 46.60 -0.09
N LEU C 566 5.27 46.27 0.98
CA LEU C 566 5.86 46.34 2.31
C LEU C 566 7.14 45.51 2.38
N HIS C 567 7.09 44.26 1.90
CA HIS C 567 8.28 43.43 1.91
C HIS C 567 9.34 43.95 0.95
N ALA C 568 8.91 44.51 -0.18
CA ALA C 568 9.85 45.19 -1.06
C ALA C 568 10.54 46.35 -0.35
N ALA C 569 9.80 47.08 0.48
CA ALA C 569 10.41 48.18 1.23
C ALA C 569 11.46 47.66 2.21
N ILE C 570 11.21 46.50 2.81
CA ILE C 570 12.16 45.96 3.77
C ILE C 570 13.41 45.44 3.07
N LYS C 571 13.24 44.86 1.87
CA LYS C 571 14.38 44.45 1.06
C LYS C 571 15.24 45.66 0.68
N ALA C 572 14.60 46.72 0.16
CA ALA C 572 15.33 47.92 -0.24
C ALA C 572 16.11 48.52 0.93
N ALA C 573 15.50 48.57 2.11
CA ALA C 573 16.17 49.08 3.31
C ALA C 573 17.35 48.18 3.78
N LEU C 574 17.77 47.15 3.07
CA LEU C 574 18.86 46.29 3.54
C LEU C 574 20.12 46.41 2.68
N ASN D 22 -18.65 -28.80 15.57
CA ASN D 22 -17.86 -27.56 15.52
C ASN D 22 -18.35 -26.70 14.36
N PRO D 23 -18.71 -25.44 14.65
CA PRO D 23 -19.13 -24.55 13.57
C PRO D 23 -18.05 -24.35 12.52
N SER D 24 -16.78 -24.30 12.91
CA SER D 24 -15.70 -24.11 11.95
C SER D 24 -15.62 -25.24 10.93
N THR D 25 -15.88 -26.48 11.35
CA THR D 25 -15.86 -27.58 10.39
C THR D 25 -17.10 -27.53 9.48
N THR D 26 -18.26 -27.12 10.00
CA THR D 26 -19.43 -26.96 9.16
C THR D 26 -19.20 -25.89 8.10
N GLN D 27 -18.73 -24.72 8.55
CA GLN D 27 -18.41 -23.63 7.64
C GLN D 27 -17.44 -24.08 6.55
N ALA D 28 -16.39 -24.82 6.91
CA ALA D 28 -15.40 -25.21 5.92
C ALA D 28 -16.00 -26.12 4.87
N ARG D 29 -16.95 -26.97 5.27
CA ARG D 29 -17.57 -27.87 4.31
C ARG D 29 -18.53 -27.13 3.39
N VAL D 30 -19.26 -26.15 3.95
CA VAL D 30 -20.13 -25.32 3.11
C VAL D 30 -19.30 -24.59 2.05
N VAL D 31 -18.17 -23.98 2.45
CA VAL D 31 -17.34 -23.23 1.50
C VAL D 31 -16.80 -24.15 0.42
N VAL D 32 -16.21 -25.28 0.81
CA VAL D 32 -15.63 -26.18 -0.19
C VAL D 32 -16.70 -26.65 -1.15
N ASP D 33 -17.89 -26.94 -0.63
CA ASP D 33 -19.00 -27.38 -1.48
C ASP D 33 -19.37 -26.29 -2.48
N GLU D 34 -19.54 -25.06 -2.00
CA GLU D 34 -19.83 -23.95 -2.89
C GLU D 34 -18.71 -23.73 -3.91
N LEU D 35 -17.45 -23.89 -3.50
CA LEU D 35 -16.34 -23.74 -4.44
C LEU D 35 -16.43 -24.78 -5.55
N ILE D 36 -16.87 -25.99 -5.21
CA ILE D 36 -17.00 -27.07 -6.20
C ILE D 36 -18.14 -26.77 -7.15
N ARG D 37 -19.30 -26.35 -6.63
CA ARG D 37 -20.38 -25.90 -7.50
C ARG D 37 -19.97 -24.72 -8.37
N GLY D 38 -19.04 -23.90 -7.89
CA GLY D 38 -18.53 -22.78 -8.65
C GLY D 38 -17.57 -23.14 -9.75
N GLY D 39 -17.21 -24.42 -9.86
CA GLY D 39 -16.36 -24.88 -10.94
C GLY D 39 -14.91 -25.09 -10.55
N VAL D 40 -14.56 -24.94 -9.27
CA VAL D 40 -13.20 -25.28 -8.87
C VAL D 40 -13.01 -26.78 -8.92
N ARG D 41 -11.98 -27.22 -9.63
CA ARG D 41 -11.67 -28.63 -9.79
C ARG D 41 -10.31 -28.99 -9.23
N ASP D 42 -9.44 -27.99 -8.97
CA ASP D 42 -8.11 -28.24 -8.45
C ASP D 42 -7.77 -27.22 -7.37
N VAL D 43 -7.09 -27.70 -6.34
CA VAL D 43 -6.61 -26.89 -5.23
C VAL D 43 -5.16 -27.29 -4.98
N VAL D 44 -4.29 -26.29 -4.85
CA VAL D 44 -2.86 -26.50 -4.59
C VAL D 44 -2.55 -26.13 -3.15
N LEU D 45 -1.69 -26.93 -2.51
CA LEU D 45 -1.33 -26.72 -1.11
C LEU D 45 0.15 -26.95 -0.88
N CYS D 46 0.64 -26.35 0.18
CA CYS D 46 1.99 -26.57 0.64
C CYS D 46 1.96 -26.86 2.13
N PRO D 47 2.85 -27.73 2.60
CA PRO D 47 3.01 -27.88 4.05
C PRO D 47 3.53 -26.60 4.67
N GLY D 48 3.01 -26.27 5.84
CA GLY D 48 3.46 -25.06 6.52
C GLY D 48 3.44 -25.13 8.03
N SER D 49 3.51 -23.97 8.68
CA SER D 49 3.52 -23.93 10.13
C SER D 49 2.20 -24.42 10.71
N ARG D 50 1.11 -24.27 9.96
CA ARG D 50 -0.20 -24.68 10.42
C ARG D 50 -0.93 -25.42 9.31
N ASN D 51 -2.08 -25.99 9.68
CA ASN D 51 -2.95 -26.59 8.69
C ASN D 51 -3.33 -25.55 7.64
N ALA D 52 -3.52 -26.03 6.42
CA ALA D 52 -4.03 -25.18 5.37
C ALA D 52 -5.45 -24.74 5.73
N PRO D 53 -5.92 -23.62 5.17
CA PRO D 53 -7.34 -23.27 5.30
C PRO D 53 -8.22 -24.36 4.67
N LEU D 54 -9.31 -24.68 5.34
CA LEU D 54 -10.32 -25.65 4.86
C LEU D 54 -9.75 -27.06 4.68
N ALA D 55 -8.64 -27.37 5.36
CA ALA D 55 -7.84 -28.55 5.04
C ALA D 55 -8.67 -29.84 5.10
N PHE D 56 -9.49 -30.00 6.13
CA PHE D 56 -10.21 -31.26 6.28
C PHE D 56 -11.35 -31.37 5.29
N ALA D 57 -12.08 -30.27 5.05
CA ALA D 57 -13.14 -30.32 4.07
C ALA D 57 -12.56 -30.56 2.68
N LEU D 58 -11.39 -29.97 2.40
CA LEU D 58 -10.71 -30.25 1.13
C LEU D 58 -10.26 -31.70 1.07
N GLN D 59 -9.77 -32.25 2.19
CA GLN D 59 -9.35 -33.64 2.20
C GLN D 59 -10.53 -34.57 1.95
N ASP D 60 -11.67 -34.31 2.60
CA ASP D 60 -12.89 -35.08 2.35
C ASP D 60 -13.29 -35.03 0.87
N ALA D 61 -13.24 -33.84 0.27
CA ALA D 61 -13.67 -33.72 -1.13
C ALA D 61 -12.68 -34.38 -2.08
N ASP D 62 -11.40 -34.35 -1.73
CA ASP D 62 -10.38 -35.01 -2.55
C ASP D 62 -10.58 -36.52 -2.52
N ARG D 63 -10.76 -37.07 -1.32
CA ARG D 63 -11.01 -38.49 -1.18
C ARG D 63 -12.27 -38.91 -1.91
N SER D 64 -13.31 -38.07 -1.87
CA SER D 64 -14.57 -38.39 -2.55
C SER D 64 -14.52 -38.17 -4.06
N GLY D 65 -13.43 -37.59 -4.58
CA GLY D 65 -13.30 -37.32 -6.00
C GLY D 65 -13.95 -36.05 -6.51
N ARG D 66 -14.55 -35.24 -5.62
CA ARG D 66 -15.18 -34.00 -6.07
C ARG D 66 -14.16 -32.95 -6.53
N ILE D 67 -12.95 -32.94 -5.95
CA ILE D 67 -11.85 -32.11 -6.45
C ILE D 67 -10.54 -32.86 -6.26
N ARG D 68 -9.51 -32.32 -6.89
CA ARG D 68 -8.19 -32.93 -6.93
C ARG D 68 -7.20 -32.00 -6.22
N LEU D 69 -6.46 -32.55 -5.26
CA LEU D 69 -5.46 -31.79 -4.53
C LEU D 69 -4.07 -32.02 -5.14
N HIS D 70 -3.28 -30.96 -5.15
CA HIS D 70 -1.90 -31.01 -5.60
C HIS D 70 -1.03 -30.41 -4.50
N VAL D 71 -0.05 -31.17 -4.02
CA VAL D 71 0.84 -30.73 -2.95
C VAL D 71 2.24 -30.54 -3.49
N ARG D 72 2.92 -29.50 -3.02
CA ARG D 72 4.31 -29.23 -3.35
C ARG D 72 4.99 -28.66 -2.11
N ILE D 73 6.30 -28.82 -2.05
CA ILE D 73 7.06 -28.16 -0.99
C ILE D 73 7.41 -26.72 -1.36
N ASP D 74 7.76 -26.47 -2.62
CA ASP D 74 8.17 -25.14 -3.07
C ASP D 74 6.93 -24.25 -3.24
N GLU D 75 6.77 -23.25 -2.37
CA GLU D 75 5.60 -22.37 -2.44
C GLU D 75 5.56 -21.55 -3.72
N ARG D 76 6.71 -21.14 -4.24
CA ARG D 76 6.74 -20.41 -5.51
C ARG D 76 6.21 -21.27 -6.66
N THR D 77 6.74 -22.49 -6.80
CA THR D 77 6.31 -23.31 -7.93
C THR D 77 4.86 -23.76 -7.75
N ALA D 78 4.38 -23.81 -6.50
CA ALA D 78 2.98 -24.10 -6.24
C ALA D 78 2.07 -23.00 -6.78
N GLY D 79 2.45 -21.73 -6.59
CA GLY D 79 1.65 -20.66 -7.13
C GLY D 79 1.52 -20.77 -8.63
N TYR D 80 2.62 -21.09 -9.32
CA TYR D 80 2.60 -21.23 -10.77
C TYR D 80 1.90 -22.51 -11.23
N LEU D 81 1.97 -23.58 -10.43
CA LEU D 81 1.16 -24.77 -10.73
C LEU D 81 -0.32 -24.42 -10.74
N ALA D 82 -0.74 -23.55 -9.82
CA ALA D 82 -2.13 -23.09 -9.80
C ALA D 82 -2.48 -22.32 -11.06
N ILE D 83 -1.59 -21.42 -11.51
CA ILE D 83 -1.80 -20.70 -12.78
C ILE D 83 -2.04 -21.69 -13.92
N GLY D 84 -1.15 -22.67 -14.07
CA GLY D 84 -1.32 -23.67 -15.14
C GLY D 84 -2.63 -24.43 -15.03
N LEU D 85 -2.95 -24.93 -13.84
CA LEU D 85 -4.24 -25.57 -13.60
C LEU D 85 -5.41 -24.67 -13.94
N ALA D 86 -5.20 -23.34 -13.95
CA ALA D 86 -6.28 -22.43 -14.26
C ALA D 86 -6.38 -22.15 -15.76
N ILE D 87 -5.25 -21.90 -16.42
CA ILE D 87 -5.30 -21.55 -17.84
C ILE D 87 -5.35 -22.77 -18.74
N GLY D 88 -5.25 -23.98 -18.18
CA GLY D 88 -5.31 -25.16 -19.01
C GLY D 88 -6.71 -25.43 -19.54
N ALA D 89 -7.73 -25.16 -18.72
CA ALA D 89 -9.12 -25.35 -19.11
C ALA D 89 -10.03 -24.20 -18.71
N GLY D 90 -9.49 -23.14 -18.09
CA GLY D 90 -10.23 -21.93 -17.84
C GLY D 90 -10.97 -21.85 -16.52
N ALA D 91 -10.68 -22.76 -15.60
CA ALA D 91 -11.43 -22.93 -14.38
C ALA D 91 -10.82 -22.11 -13.24
N PRO D 92 -11.60 -21.67 -12.27
CA PRO D 92 -11.01 -21.07 -11.07
C PRO D 92 -10.21 -22.12 -10.30
N VAL D 93 -9.11 -21.68 -9.69
CA VAL D 93 -8.20 -22.57 -8.98
C VAL D 93 -7.90 -21.92 -7.63
N CYS D 94 -7.86 -22.74 -6.59
CA CYS D 94 -7.53 -22.25 -5.25
C CYS D 94 -6.11 -22.66 -4.93
N VAL D 95 -5.40 -21.80 -4.19
CA VAL D 95 -4.11 -22.12 -3.62
C VAL D 95 -4.19 -21.78 -2.14
N ALA D 96 -3.79 -22.72 -1.28
CA ALA D 96 -4.02 -22.62 0.16
C ALA D 96 -2.76 -23.01 0.89
N MET D 97 -2.13 -22.04 1.56
CA MET D 97 -0.94 -22.32 2.35
C MET D 97 -0.98 -21.47 3.61
N THR D 98 -0.29 -21.98 4.64
CA THR D 98 -0.12 -21.25 5.89
C THR D 98 1.34 -21.39 6.28
N SER D 99 2.13 -20.39 5.97
CA SER D 99 3.51 -20.33 6.43
C SER D 99 3.94 -18.88 6.41
N GLY D 100 5.09 -18.61 7.03
CA GLY D 100 5.65 -17.26 7.09
C GLY D 100 6.27 -16.80 5.78
N THR D 101 6.44 -17.70 4.83
CA THR D 101 7.04 -17.39 3.54
C THR D 101 6.04 -17.47 2.39
N ALA D 102 4.79 -17.83 2.68
CA ALA D 102 3.82 -18.11 1.62
C ALA D 102 3.50 -16.86 0.80
N VAL D 103 3.15 -15.77 1.48
CA VAL D 103 2.82 -14.53 0.77
C VAL D 103 4.00 -14.09 -0.10
N ALA D 104 5.22 -14.14 0.43
CA ALA D 104 6.36 -13.74 -0.38
C ALA D 104 6.56 -14.67 -1.57
N ASN D 105 6.43 -15.99 -1.35
CA ASN D 105 6.68 -16.94 -2.43
C ASN D 105 5.54 -16.93 -3.45
N LEU D 106 4.32 -16.62 -3.01
CA LEU D 106 3.19 -16.57 -3.94
C LEU D 106 3.15 -15.29 -4.77
N GLY D 107 3.90 -14.26 -4.36
CA GLY D 107 3.87 -12.97 -5.03
C GLY D 107 3.99 -13.03 -6.55
N PRO D 108 5.01 -13.73 -7.06
CA PRO D 108 5.18 -13.75 -8.52
C PRO D 108 3.97 -14.30 -9.25
N ALA D 109 3.42 -15.42 -8.78
CA ALA D 109 2.25 -15.99 -9.44
C ALA D 109 1.04 -15.06 -9.31
N VAL D 110 0.87 -14.39 -8.17
CA VAL D 110 -0.29 -13.52 -8.00
C VAL D 110 -0.18 -12.32 -8.94
N VAL D 111 1.03 -11.80 -9.13
CA VAL D 111 1.21 -10.69 -10.05
C VAL D 111 0.91 -11.14 -11.49
N GLU D 112 1.41 -12.31 -11.88
CA GLU D 112 1.06 -12.85 -13.20
C GLU D 112 -0.44 -13.08 -13.34
N ALA D 113 -1.08 -13.61 -12.30
CA ALA D 113 -2.53 -13.82 -12.37
C ALA D 113 -3.26 -12.50 -12.55
N ASN D 114 -2.81 -11.45 -11.86
CA ASN D 114 -3.42 -10.14 -12.07
C ASN D 114 -3.22 -9.63 -13.50
N TYR D 115 -1.98 -9.65 -13.99
CA TYR D 115 -1.75 -9.09 -15.32
C TYR D 115 -2.27 -9.96 -16.47
N ALA D 116 -2.37 -11.27 -16.30
CA ALA D 116 -2.93 -12.13 -17.34
C ALA D 116 -4.40 -12.46 -17.13
N ARG D 117 -5.01 -11.96 -16.05
CA ARG D 117 -6.42 -12.20 -15.72
C ARG D 117 -6.72 -13.70 -15.56
N VAL D 118 -5.99 -14.33 -14.65
CA VAL D 118 -6.14 -15.74 -14.34
C VAL D 118 -6.95 -15.86 -13.05
N PRO D 119 -8.00 -16.69 -13.01
CA PRO D 119 -8.84 -16.78 -11.81
C PRO D 119 -8.23 -17.61 -10.69
N LEU D 120 -7.47 -16.96 -9.84
CA LEU D 120 -6.69 -17.61 -8.80
C LEU D 120 -7.24 -17.19 -7.44
N ILE D 121 -7.64 -18.14 -6.61
CA ILE D 121 -8.20 -17.82 -5.31
C ILE D 121 -7.15 -18.17 -4.26
N VAL D 122 -6.67 -17.16 -3.53
CA VAL D 122 -5.64 -17.36 -2.52
C VAL D 122 -6.36 -17.50 -1.18
N LEU D 123 -6.32 -18.72 -0.62
CA LEU D 123 -7.00 -18.98 0.64
C LEU D 123 -6.06 -18.68 1.81
N SER D 124 -6.62 -18.06 2.85
CA SER D 124 -5.88 -17.84 4.08
C SER D 124 -6.80 -18.16 5.26
N ALA D 125 -6.19 -18.35 6.44
CA ALA D 125 -6.96 -18.65 7.66
C ALA D 125 -6.35 -17.85 8.81
N ASN D 126 -6.77 -16.60 8.93
CA ASN D 126 -6.30 -15.77 10.04
C ASN D 126 -6.86 -16.30 11.36
N ARG D 127 -6.20 -15.92 12.45
CA ARG D 127 -6.60 -16.35 13.79
C ARG D 127 -6.94 -15.19 14.69
N PRO D 128 -8.22 -14.83 14.78
CA PRO D 128 -8.61 -13.60 15.51
C PRO D 128 -8.37 -13.67 17.02
N TYR D 129 -8.04 -14.82 17.59
CA TYR D 129 -7.77 -14.90 19.02
C TYR D 129 -6.30 -14.69 19.37
N GLU D 130 -5.46 -14.42 18.38
CA GLU D 130 -4.03 -14.24 18.61
C GLU D 130 -3.60 -12.81 18.30
N LEU D 131 -2.46 -12.44 18.85
CA LEU D 131 -1.85 -11.13 18.61
C LEU D 131 -1.33 -11.02 17.19
N LEU D 132 -1.47 -9.83 16.62
CA LEU D 132 -0.82 -9.45 15.37
C LEU D 132 0.02 -8.19 15.60
N GLY D 133 1.14 -8.13 14.87
CA GLY D 133 1.94 -6.92 14.79
C GLY D 133 3.01 -6.75 15.85
N THR D 134 3.22 -7.74 16.70
CA THR D 134 4.23 -7.65 17.73
C THR D 134 5.49 -8.43 17.38
N GLY D 135 5.48 -9.13 16.25
CA GLY D 135 6.61 -9.97 15.88
C GLY D 135 6.30 -10.73 14.61
N ALA D 136 7.18 -11.68 14.29
CA ALA D 136 7.01 -12.46 13.06
C ALA D 136 5.78 -13.36 13.16
N ASN D 137 4.93 -13.28 12.15
CA ASN D 137 3.69 -14.05 12.10
C ASN D 137 3.91 -15.32 11.29
N GLN D 138 3.74 -16.47 11.94
CA GLN D 138 3.93 -17.75 11.27
C GLN D 138 2.76 -18.08 10.34
N THR D 139 1.61 -17.44 10.53
CA THR D 139 0.45 -17.69 9.67
C THR D 139 0.53 -16.87 8.38
N MET D 140 0.70 -15.54 8.50
CA MET D 140 0.78 -14.66 7.35
C MET D 140 1.79 -13.55 7.63
N GLU D 141 2.85 -13.53 6.85
CA GLU D 141 3.78 -12.41 6.84
C GLU D 141 3.51 -11.62 5.57
N GLN D 142 3.07 -10.37 5.74
CA GLN D 142 2.42 -9.63 4.67
C GLN D 142 3.38 -8.67 3.96
N LEU D 143 3.28 -8.61 2.64
CA LEU D 143 3.99 -7.62 1.85
C LEU D 143 3.01 -6.50 1.44
N GLY D 144 3.33 -5.74 0.40
CA GLY D 144 2.46 -4.67 -0.04
C GLY D 144 1.72 -4.90 -1.35
N TYR D 145 1.78 -6.11 -1.93
CA TYR D 145 1.18 -6.30 -3.23
C TYR D 145 -0.29 -6.71 -3.20
N PHE D 146 -0.82 -7.27 -2.10
CA PHE D 146 -2.23 -7.65 -2.09
C PHE D 146 -3.12 -6.45 -2.39
N GLY D 147 -2.80 -5.28 -1.80
CA GLY D 147 -3.58 -4.08 -2.08
C GLY D 147 -3.71 -3.77 -3.57
N THR D 148 -2.64 -3.97 -4.32
CA THR D 148 -2.63 -3.55 -5.72
C THR D 148 -2.95 -4.67 -6.70
N GLN D 149 -2.86 -5.94 -6.28
CA GLN D 149 -2.91 -7.01 -7.26
C GLN D 149 -4.26 -7.72 -7.36
N VAL D 150 -5.08 -7.78 -6.29
CA VAL D 150 -6.24 -8.68 -6.25
C VAL D 150 -7.53 -7.95 -6.63
N ARG D 151 -8.49 -8.70 -7.17
CA ARG D 151 -9.79 -8.12 -7.50
C ARG D 151 -10.67 -7.91 -6.28
N ALA D 152 -10.40 -8.63 -5.20
CA ALA D 152 -11.26 -8.58 -4.03
C ALA D 152 -10.51 -9.22 -2.89
N SER D 153 -10.86 -8.76 -1.70
CA SER D 153 -10.33 -9.29 -0.46
C SER D 153 -11.53 -9.52 0.45
N ILE D 154 -11.92 -10.78 0.62
CA ILE D 154 -13.13 -11.13 1.34
C ILE D 154 -12.75 -12.02 2.50
N SER D 155 -13.26 -11.69 3.68
CA SER D 155 -13.05 -12.50 4.88
C SER D 155 -14.40 -12.97 5.39
N LEU D 156 -14.61 -14.29 5.43
CA LEU D 156 -15.78 -14.80 6.14
C LEU D 156 -15.69 -14.46 7.61
N GLY D 157 -16.82 -14.45 8.28
CA GLY D 157 -16.78 -14.37 9.72
C GLY D 157 -16.14 -15.61 10.34
N LEU D 158 -15.66 -15.44 11.55
CA LEU D 158 -15.51 -16.57 12.47
C LEU D 158 -16.86 -17.27 12.65
N ALA D 159 -16.84 -18.60 12.62
CA ALA D 159 -18.08 -19.38 12.67
C ALA D 159 -18.70 -19.35 14.06
N GLU D 160 -19.87 -18.71 14.18
CA GLU D 160 -20.57 -18.66 15.46
C GLU D 160 -21.21 -20.02 15.77
N ASP D 161 -21.25 -20.34 17.05
CA ASP D 161 -21.91 -21.54 17.54
C ASP D 161 -23.38 -21.19 17.78
N ALA D 162 -24.22 -21.49 16.81
CA ALA D 162 -25.64 -21.18 16.92
C ALA D 162 -26.43 -22.06 15.98
N PRO D 163 -26.89 -23.23 16.44
CA PRO D 163 -27.76 -24.07 15.59
C PRO D 163 -29.04 -23.37 15.14
N GLU D 164 -29.61 -22.54 16.01
CA GLU D 164 -30.72 -21.64 15.69
C GLU D 164 -30.54 -20.94 14.34
N ARG D 165 -29.31 -20.57 13.99
CA ARG D 165 -29.03 -19.71 12.85
C ARG D 165 -28.38 -20.46 11.69
N THR D 166 -28.43 -21.80 11.69
CA THR D 166 -27.75 -22.58 10.66
C THR D 166 -28.18 -22.18 9.27
N SER D 167 -29.47 -21.93 9.06
CA SER D 167 -29.96 -21.58 7.74
C SER D 167 -29.45 -20.22 7.29
N ALA D 168 -29.41 -19.25 8.22
CA ALA D 168 -28.97 -17.91 7.87
C ALA D 168 -27.47 -17.85 7.67
N LEU D 169 -26.71 -18.66 8.42
CA LEU D 169 -25.27 -18.70 8.24
C LEU D 169 -24.89 -19.39 6.94
N ASN D 170 -25.57 -20.49 6.61
CA ASN D 170 -25.31 -21.18 5.34
C ASN D 170 -25.48 -20.24 4.16
N ALA D 171 -26.50 -19.37 4.21
CA ALA D 171 -26.76 -18.43 3.14
C ALA D 171 -25.63 -17.40 3.04
N THR D 172 -25.29 -16.78 4.18
CA THR D 172 -24.19 -15.82 4.23
C THR D 172 -22.90 -16.43 3.70
N TRP D 173 -22.57 -17.65 4.12
CA TRP D 173 -21.32 -18.28 3.70
C TRP D 173 -21.33 -18.57 2.20
N ARG D 174 -22.43 -19.10 1.69
CA ARG D 174 -22.45 -19.44 0.28
C ARG D 174 -22.52 -18.17 -0.59
N SER D 175 -23.24 -17.15 -0.13
CA SER D 175 -23.24 -15.87 -0.84
C SER D 175 -21.84 -15.30 -0.93
N ALA D 176 -21.13 -15.24 0.19
CA ALA D 176 -19.77 -14.72 0.18
C ALA D 176 -18.86 -15.55 -0.73
N THR D 177 -18.99 -16.88 -0.68
CA THR D 177 -18.16 -17.73 -1.55
C THR D 177 -18.45 -17.45 -3.02
N CYS D 178 -19.72 -17.24 -3.37
CA CYS D 178 -20.04 -16.92 -4.76
C CYS D 178 -19.48 -15.56 -5.17
N ARG D 179 -19.32 -14.63 -4.22
CA ARG D 179 -18.68 -13.35 -4.50
C ARG D 179 -17.20 -13.51 -4.79
N VAL D 180 -16.51 -14.33 -3.99
CA VAL D 180 -15.12 -14.68 -4.25
C VAL D 180 -14.99 -15.25 -5.66
N LEU D 181 -15.82 -16.25 -5.98
CA LEU D 181 -15.74 -16.90 -7.27
C LEU D 181 -16.02 -15.92 -8.40
N ALA D 182 -17.06 -15.10 -8.23
CA ALA D 182 -17.41 -14.15 -9.28
C ALA D 182 -16.30 -13.13 -9.50
N ALA D 183 -15.64 -12.68 -8.43
CA ALA D 183 -14.60 -11.68 -8.61
C ALA D 183 -13.42 -12.30 -9.35
N ALA D 184 -13.10 -13.55 -9.04
CA ALA D 184 -11.91 -14.17 -9.59
C ALA D 184 -12.11 -14.54 -11.06
N THR D 185 -13.32 -14.96 -11.44
CA THR D 185 -13.57 -15.36 -12.82
C THR D 185 -13.96 -14.18 -13.70
N GLY D 186 -14.31 -13.04 -13.10
CA GLY D 186 -14.80 -11.93 -13.91
C GLY D 186 -16.22 -12.10 -14.39
N ALA D 187 -17.05 -12.87 -13.67
CA ALA D 187 -18.38 -13.23 -14.15
C ALA D 187 -19.24 -12.01 -14.44
N ARG D 188 -19.17 -10.98 -13.60
CA ARG D 188 -19.89 -9.75 -13.85
C ARG D 188 -19.01 -8.62 -14.34
N THR D 189 -17.69 -8.69 -14.12
CA THR D 189 -16.76 -7.61 -14.48
C THR D 189 -16.01 -7.83 -15.79
N ALA D 190 -15.98 -9.06 -16.31
CA ALA D 190 -15.14 -9.41 -17.45
C ALA D 190 -13.67 -9.06 -17.17
N ASN D 191 -13.28 -9.09 -15.90
CA ASN D 191 -11.90 -8.79 -15.47
C ASN D 191 -11.48 -9.83 -14.42
N ALA D 192 -11.27 -11.06 -14.88
CA ALA D 192 -10.82 -12.13 -14.01
C ALA D 192 -9.44 -11.83 -13.42
N GLY D 193 -9.15 -12.47 -12.29
CA GLY D 193 -7.89 -12.28 -11.61
C GLY D 193 -7.84 -12.87 -10.21
N PRO D 194 -6.75 -12.58 -9.49
CA PRO D 194 -6.58 -13.20 -8.17
C PRO D 194 -7.48 -12.55 -7.13
N VAL D 195 -7.94 -13.38 -6.18
CA VAL D 195 -8.80 -12.94 -5.09
C VAL D 195 -8.24 -13.51 -3.80
N HIS D 196 -8.28 -12.69 -2.75
CA HIS D 196 -7.85 -13.12 -1.42
C HIS D 196 -9.09 -13.46 -0.59
N PHE D 197 -9.20 -14.72 -0.19
CA PHE D 197 -10.36 -15.29 0.52
C PHE D 197 -9.88 -15.84 1.87
N ASP D 198 -10.24 -15.17 2.95
CA ASP D 198 -9.84 -15.62 4.29
C ASP D 198 -10.99 -16.30 5.02
N ILE D 199 -10.72 -17.48 5.56
CA ILE D 199 -11.67 -18.19 6.42
C ILE D 199 -11.02 -18.34 7.79
N PRO D 200 -11.32 -17.45 8.72
CA PRO D 200 -10.63 -17.48 10.01
C PRO D 200 -11.07 -18.69 10.81
N LEU D 201 -10.21 -19.10 11.72
CA LEU D 201 -10.54 -20.19 12.60
C LEU D 201 -10.02 -19.90 13.99
N ARG D 202 -10.59 -20.63 14.95
CA ARG D 202 -10.19 -20.58 16.34
C ARG D 202 -9.45 -21.87 16.67
N GLU D 203 -8.30 -21.74 17.31
CA GLU D 203 -7.51 -22.92 17.65
C GLU D 203 -7.52 -23.27 19.12
N PRO D 204 -7.32 -24.56 19.43
CA PRO D 204 -7.34 -25.69 18.47
C PRO D 204 -8.74 -26.10 18.00
N THR D 216 -23.93 -31.38 6.56
CA THR D 216 -23.65 -30.16 5.83
C THR D 216 -24.91 -29.50 5.28
N PRO D 217 -25.20 -28.28 5.74
CA PRO D 217 -26.33 -27.51 5.17
C PRO D 217 -26.26 -27.48 3.66
N PRO D 218 -27.34 -27.84 2.97
CA PRO D 218 -27.27 -28.00 1.51
C PRO D 218 -27.21 -26.66 0.80
N GLY D 219 -26.76 -26.73 -0.45
CA GLY D 219 -26.82 -25.61 -1.37
C GLY D 219 -28.08 -25.67 -2.20
N ARG D 220 -28.07 -24.94 -3.31
CA ARG D 220 -29.22 -24.93 -4.19
C ARG D 220 -29.46 -26.34 -4.75
N PRO D 221 -30.70 -26.67 -5.08
CA PRO D 221 -30.98 -27.98 -5.67
C PRO D 221 -30.35 -28.12 -7.04
N ALA D 222 -30.03 -29.37 -7.38
CA ALA D 222 -29.46 -29.72 -8.68
C ALA D 222 -28.08 -29.10 -8.88
N GLY D 223 -27.36 -28.87 -7.78
CA GLY D 223 -25.96 -28.48 -7.86
C GLY D 223 -25.69 -27.08 -8.39
N LYS D 224 -26.67 -26.15 -8.26
CA LYS D 224 -26.41 -24.82 -8.78
C LYS D 224 -25.70 -23.94 -7.75
N PRO D 225 -24.92 -22.97 -8.21
CA PRO D 225 -24.32 -22.01 -7.28
C PRO D 225 -25.39 -21.22 -6.54
N TRP D 226 -25.08 -20.84 -5.31
CA TRP D 226 -26.06 -20.14 -4.48
C TRP D 226 -26.52 -18.86 -5.13
N THR D 227 -25.59 -18.03 -5.57
CA THR D 227 -25.90 -16.82 -6.32
C THR D 227 -25.48 -17.07 -7.75
N TYR D 228 -26.47 -17.21 -8.63
CA TYR D 228 -26.23 -17.50 -10.03
C TYR D 228 -25.94 -16.21 -10.78
N THR D 229 -24.89 -16.23 -11.62
CA THR D 229 -24.50 -15.08 -12.43
C THR D 229 -24.68 -15.46 -13.90
N PRO D 230 -25.82 -15.15 -14.50
CA PRO D 230 -26.03 -15.45 -15.93
C PRO D 230 -25.07 -14.65 -16.79
N PRO D 231 -24.91 -15.03 -18.06
CA PRO D 231 -23.89 -14.39 -18.92
C PRO D 231 -24.04 -12.88 -19.04
N VAL D 232 -22.91 -12.19 -19.12
CA VAL D 232 -22.90 -10.74 -19.29
C VAL D 232 -22.21 -10.39 -20.60
N THR D 233 -22.57 -9.23 -21.13
CA THR D 233 -21.89 -8.66 -22.29
C THR D 233 -21.51 -7.22 -22.00
N PHE D 234 -20.25 -6.86 -22.28
CA PHE D 234 -19.80 -5.48 -22.30
C PHE D 234 -19.68 -5.10 -23.76
N ASP D 235 -20.51 -4.17 -24.22
CA ASP D 235 -20.53 -3.83 -25.64
C ASP D 235 -20.08 -2.39 -25.85
N GLN D 236 -19.00 -2.24 -26.62
CA GLN D 236 -18.46 -0.92 -26.98
C GLN D 236 -18.11 -0.93 -28.45
N PRO D 237 -19.09 -0.71 -29.32
CA PRO D 237 -18.82 -0.77 -30.76
C PRO D 237 -18.07 0.46 -31.24
N LEU D 238 -17.11 0.24 -32.16
CA LEU D 238 -16.35 1.30 -32.81
C LEU D 238 -16.59 1.24 -34.31
N ASP D 239 -16.74 2.42 -34.93
CA ASP D 239 -16.87 2.51 -36.38
C ASP D 239 -15.49 2.46 -37.01
N ILE D 240 -15.29 1.55 -37.95
CA ILE D 240 -14.01 1.42 -38.64
C ILE D 240 -14.27 1.19 -40.12
N ASP D 241 -13.53 1.91 -40.97
CA ASP D 241 -13.64 1.79 -42.41
C ASP D 241 -12.52 0.88 -42.91
N LEU D 242 -12.90 -0.30 -43.42
CA LEU D 242 -11.90 -1.27 -43.84
C LEU D 242 -11.28 -0.98 -45.20
N SER D 243 -11.83 -0.03 -45.96
CA SER D 243 -11.21 0.36 -47.23
C SER D 243 -9.85 1.01 -47.02
N VAL D 244 -9.64 1.62 -45.85
CA VAL D 244 -8.30 2.08 -45.50
C VAL D 244 -7.39 0.87 -45.35
N ASP D 245 -6.15 0.99 -45.81
CA ASP D 245 -5.22 -0.13 -45.70
C ASP D 245 -5.01 -0.49 -44.24
N THR D 246 -5.62 -1.59 -43.82
CA THR D 246 -5.72 -1.98 -42.43
C THR D 246 -4.93 -3.25 -42.19
N VAL D 247 -4.21 -3.29 -41.07
CA VAL D 247 -3.60 -4.51 -40.56
C VAL D 247 -4.14 -4.75 -39.16
N VAL D 248 -4.43 -6.01 -38.84
CA VAL D 248 -4.82 -6.43 -37.50
C VAL D 248 -3.58 -6.94 -36.78
N ILE D 249 -3.38 -6.50 -35.54
CA ILE D 249 -2.37 -7.03 -34.64
C ILE D 249 -3.06 -7.59 -33.41
N SER D 250 -2.91 -8.89 -33.17
CA SER D 250 -3.62 -9.53 -32.07
C SER D 250 -2.60 -10.05 -31.06
N GLY D 251 -2.82 -9.71 -29.79
CA GLY D 251 -1.91 -10.11 -28.74
C GLY D 251 -2.63 -10.90 -27.67
N HIS D 252 -2.07 -10.90 -26.46
CA HIS D 252 -2.59 -11.73 -25.38
C HIS D 252 -3.95 -11.22 -24.91
N GLY D 253 -4.91 -12.14 -24.80
CA GLY D 253 -6.27 -11.85 -24.43
C GLY D 253 -7.16 -11.35 -25.54
N ALA D 254 -6.71 -11.40 -26.79
CA ALA D 254 -7.51 -10.94 -27.90
C ALA D 254 -8.79 -11.77 -28.01
N GLY D 255 -9.88 -11.11 -28.39
CA GLY D 255 -11.11 -11.78 -28.73
C GLY D 255 -11.12 -12.27 -30.17
N VAL D 256 -12.21 -12.93 -30.53
CA VAL D 256 -12.45 -13.42 -31.87
C VAL D 256 -13.43 -12.48 -32.56
N HIS D 257 -13.07 -12.00 -33.75
CA HIS D 257 -13.87 -11.03 -34.49
C HIS D 257 -14.09 -11.54 -35.91
N PRO D 258 -15.23 -12.21 -36.16
CA PRO D 258 -15.49 -12.68 -37.54
C PRO D 258 -15.42 -11.57 -38.59
N ASN D 259 -15.90 -10.37 -38.28
CA ASN D 259 -15.92 -9.33 -39.31
C ASN D 259 -14.54 -8.85 -39.68
N LEU D 260 -13.50 -9.27 -38.95
CA LEU D 260 -12.12 -8.89 -39.27
C LEU D 260 -11.35 -10.04 -39.89
N ALA D 261 -12.02 -11.15 -40.19
CA ALA D 261 -11.32 -12.41 -40.50
C ALA D 261 -10.49 -12.34 -41.78
N ALA D 262 -10.79 -11.41 -42.69
CA ALA D 262 -10.10 -11.36 -43.97
C ALA D 262 -8.86 -10.47 -43.96
N LEU D 263 -8.72 -9.61 -42.96
CA LEU D 263 -7.63 -8.65 -42.97
C LEU D 263 -6.30 -9.35 -42.69
N PRO D 264 -5.19 -8.82 -43.22
CA PRO D 264 -3.87 -9.33 -42.81
C PRO D 264 -3.69 -9.19 -41.31
N THR D 265 -3.24 -10.27 -40.66
CA THR D 265 -3.24 -10.34 -39.20
C THR D 265 -1.89 -10.83 -38.70
N VAL D 266 -1.19 -9.97 -37.95
CA VAL D 266 0.02 -10.37 -37.24
C VAL D 266 -0.45 -10.83 -35.85
N ALA D 267 -0.44 -12.14 -35.63
CA ALA D 267 -1.03 -12.76 -34.45
C ALA D 267 0.08 -13.36 -33.57
N GLU D 268 0.13 -12.91 -32.32
CA GLU D 268 0.97 -13.57 -31.33
C GLU D 268 0.50 -15.00 -31.11
N PRO D 269 1.40 -15.89 -30.66
CA PRO D 269 1.00 -17.31 -30.53
C PRO D 269 -0.23 -17.56 -29.66
N THR D 270 -0.38 -16.82 -28.56
CA THR D 270 -1.51 -17.02 -27.66
C THR D 270 -2.79 -16.34 -28.13
N ALA D 271 -2.77 -15.59 -29.23
CA ALA D 271 -4.01 -14.95 -29.68
C ALA D 271 -4.83 -15.94 -30.51
N PRO D 272 -6.13 -16.06 -30.26
CA PRO D 272 -6.95 -16.89 -31.15
C PRO D 272 -7.05 -16.22 -32.51
N ARG D 273 -6.89 -17.02 -33.56
CA ARG D 273 -7.01 -16.50 -34.92
C ARG D 273 -8.49 -16.31 -35.27
N SER D 274 -8.81 -15.15 -35.84
CA SER D 274 -10.17 -14.91 -36.29
C SER D 274 -10.41 -15.42 -37.70
N GLY D 275 -9.37 -15.53 -38.51
CA GLY D 275 -9.50 -15.84 -39.93
C GLY D 275 -8.31 -16.62 -40.43
N ASP D 276 -7.94 -16.36 -41.69
CA ASP D 276 -7.03 -17.24 -42.41
C ASP D 276 -5.97 -16.50 -43.20
N ASN D 277 -5.77 -15.21 -42.92
CA ASN D 277 -4.87 -14.35 -43.69
C ASN D 277 -3.75 -13.83 -42.80
N PRO D 278 -2.81 -14.70 -42.41
CA PRO D 278 -1.73 -14.26 -41.51
C PRO D 278 -0.74 -13.35 -42.21
N LEU D 279 -0.21 -12.41 -41.45
CA LEU D 279 0.90 -11.58 -41.86
C LEU D 279 2.06 -11.83 -40.92
N HIS D 280 3.20 -12.23 -41.48
CA HIS D 280 4.37 -12.54 -40.67
C HIS D 280 4.87 -11.28 -39.98
N PRO D 281 5.30 -11.37 -38.71
CA PRO D 281 5.85 -10.17 -38.03
C PRO D 281 6.97 -9.48 -38.79
N LEU D 282 7.85 -10.26 -39.45
CA LEU D 282 8.99 -9.66 -40.15
C LEU D 282 8.57 -8.95 -41.45
N ALA D 283 7.37 -9.22 -41.96
CA ALA D 283 6.88 -8.53 -43.15
C ALA D 283 6.35 -7.13 -42.82
N LEU D 284 5.92 -6.92 -41.58
CA LEU D 284 5.30 -5.66 -41.17
C LEU D 284 6.12 -4.41 -41.47
N PRO D 285 7.44 -4.37 -41.21
CA PRO D 285 8.21 -3.14 -41.53
C PRO D 285 8.33 -2.86 -43.02
N LEU D 286 7.97 -3.79 -43.90
CA LEU D 286 8.05 -3.56 -45.34
C LEU D 286 6.70 -3.28 -45.97
N LEU D 287 5.69 -3.05 -45.15
CA LEU D 287 4.40 -2.54 -45.59
C LEU D 287 4.18 -1.17 -44.98
N ARG D 288 3.18 -0.46 -45.50
CA ARG D 288 2.81 0.86 -45.02
C ARG D 288 1.31 0.85 -44.76
N PRO D 289 0.87 0.27 -43.65
CA PRO D 289 -0.56 0.31 -43.32
C PRO D 289 -0.98 1.72 -42.95
N GLN D 290 -2.23 2.03 -43.25
CA GLN D 290 -2.76 3.35 -42.94
C GLN D 290 -3.59 3.36 -41.67
N GLN D 291 -3.90 2.20 -41.11
CA GLN D 291 -4.57 2.12 -39.82
C GLN D 291 -4.40 0.71 -39.27
N VAL D 292 -4.48 0.61 -37.93
CA VAL D 292 -4.23 -0.64 -37.23
C VAL D 292 -5.42 -0.96 -36.33
N ILE D 293 -5.89 -2.19 -36.38
CA ILE D 293 -6.81 -2.70 -35.36
C ILE D 293 -6.01 -3.60 -34.43
N MET D 294 -5.97 -3.23 -33.15
CA MET D 294 -5.19 -3.94 -32.14
C MET D 294 -6.14 -4.73 -31.25
N LEU D 295 -5.95 -6.04 -31.20
CA LEU D 295 -6.81 -6.95 -30.43
C LEU D 295 -6.06 -7.44 -29.20
N GLY D 296 -6.65 -7.25 -28.02
CA GLY D 296 -5.98 -7.69 -26.81
C GLY D 296 -4.71 -6.89 -26.52
N ARG D 297 -3.73 -7.55 -25.92
CA ARG D 297 -2.52 -6.88 -25.42
C ARG D 297 -1.28 -7.39 -26.16
N PRO D 298 -0.79 -6.65 -27.14
CA PRO D 298 0.47 -7.03 -27.80
C PRO D 298 1.68 -6.76 -26.93
N THR D 299 2.57 -7.76 -26.87
CA THR D 299 3.84 -7.61 -26.17
C THR D 299 5.07 -8.00 -26.99
N LEU D 300 4.90 -8.54 -28.19
CA LEU D 300 6.02 -9.06 -28.96
C LEU D 300 6.36 -8.16 -30.14
N HIS D 301 7.66 -8.17 -30.53
CA HIS D 301 8.20 -7.62 -31.79
C HIS D 301 8.31 -6.09 -31.79
N ARG D 302 9.55 -5.61 -31.87
CA ARG D 302 9.81 -4.18 -32.00
C ARG D 302 9.06 -3.53 -33.17
N PRO D 303 8.96 -4.14 -34.36
CA PRO D 303 8.16 -3.52 -35.44
C PRO D 303 6.71 -3.29 -35.05
N VAL D 304 6.13 -4.17 -34.22
CA VAL D 304 4.76 -3.95 -33.75
C VAL D 304 4.71 -2.71 -32.85
N SER D 305 5.61 -2.64 -31.86
CA SER D 305 5.67 -1.47 -31.00
C SER D 305 5.80 -0.18 -31.80
N VAL D 306 6.67 -0.17 -32.82
CA VAL D 306 6.90 1.05 -33.60
C VAL D 306 5.63 1.49 -34.32
N LEU D 307 4.97 0.55 -35.00
CA LEU D 307 3.75 0.88 -35.74
C LEU D 307 2.66 1.43 -34.81
N LEU D 308 2.43 0.78 -33.66
CA LEU D 308 1.40 1.27 -32.74
C LEU D 308 1.71 2.68 -32.24
N ALA D 309 2.97 3.09 -32.23
CA ALA D 309 3.35 4.40 -31.73
C ALA D 309 3.41 5.46 -32.82
N ASP D 310 3.12 5.11 -34.07
CA ASP D 310 3.25 6.03 -35.20
C ASP D 310 2.09 7.02 -35.17
N ALA D 311 2.40 8.28 -34.88
CA ALA D 311 1.39 9.34 -34.80
C ALA D 311 0.55 9.46 -36.07
N GLU D 312 1.07 9.09 -37.23
CA GLU D 312 0.32 9.25 -38.48
C GLU D 312 -0.57 8.05 -38.78
N VAL D 313 -0.67 7.08 -37.89
CA VAL D 313 -1.44 5.87 -38.10
C VAL D 313 -2.56 5.81 -37.06
N PRO D 314 -3.83 5.82 -37.46
CA PRO D 314 -4.92 5.55 -36.50
C PRO D 314 -4.84 4.14 -35.94
N VAL D 315 -4.96 4.03 -34.62
CA VAL D 315 -4.94 2.73 -33.94
C VAL D 315 -6.24 2.58 -33.16
N PHE D 316 -6.95 1.48 -33.42
CA PHE D 316 -8.20 1.15 -32.75
C PHE D 316 -7.93 -0.01 -31.82
N ALA D 317 -8.21 0.16 -30.52
CA ALA D 317 -7.97 -0.89 -29.52
C ALA D 317 -9.27 -1.64 -29.24
N LEU D 318 -9.30 -2.92 -29.57
CA LEU D 318 -10.47 -3.74 -29.27
C LEU D 318 -10.05 -4.80 -28.24
N THR D 319 -10.58 -4.67 -27.03
CA THR D 319 -10.20 -5.52 -25.92
C THR D 319 -11.33 -5.59 -24.91
N THR D 320 -11.34 -6.67 -24.15
CA THR D 320 -12.22 -6.84 -23.01
C THR D 320 -11.56 -6.26 -21.76
N GLY D 321 -12.40 -5.93 -20.78
CA GLY D 321 -11.91 -5.54 -19.49
C GLY D 321 -11.78 -4.04 -19.35
N PRO D 322 -11.36 -3.60 -18.15
CA PRO D 322 -11.41 -2.16 -17.83
C PRO D 322 -10.37 -1.33 -18.56
N ARG D 323 -9.16 -1.83 -18.73
CA ARG D 323 -8.08 -1.01 -19.27
C ARG D 323 -7.81 -1.37 -20.72
N TRP D 324 -7.13 -0.46 -21.43
CA TRP D 324 -6.67 -0.78 -22.78
C TRP D 324 -5.15 -0.63 -22.86
N PRO D 325 -4.50 -1.41 -23.72
CA PRO D 325 -3.05 -1.25 -23.89
C PRO D 325 -2.74 -0.07 -24.81
N ASP D 326 -1.77 0.74 -24.40
CA ASP D 326 -1.29 1.84 -25.23
C ASP D 326 -0.09 2.51 -24.58
N VAL D 327 1.11 2.01 -24.88
CA VAL D 327 2.29 2.58 -24.22
C VAL D 327 2.53 4.00 -24.72
N SER D 328 2.38 4.25 -26.03
CA SER D 328 2.70 5.58 -26.55
C SER D 328 1.61 6.59 -26.25
N GLY D 329 0.41 6.12 -25.94
CA GLY D 329 -0.72 7.01 -25.85
C GLY D 329 -1.21 7.51 -27.19
N ASN D 330 -0.84 6.83 -28.29
CA ASN D 330 -1.17 7.27 -29.64
C ASN D 330 -2.54 6.79 -30.12
N SER D 331 -3.15 5.81 -29.45
CA SER D 331 -4.37 5.19 -29.94
C SER D 331 -5.51 6.20 -30.08
N GLN D 332 -6.37 5.96 -31.06
CA GLN D 332 -7.43 6.90 -31.38
C GLN D 332 -8.75 6.55 -30.70
N ALA D 333 -9.06 5.27 -30.56
CA ALA D 333 -10.30 4.87 -29.91
C ALA D 333 -10.12 3.47 -29.35
N THR D 334 -10.91 3.13 -28.33
CA THR D 334 -10.94 1.79 -27.77
C THR D 334 -12.38 1.35 -27.55
N GLY D 335 -12.62 0.07 -27.73
CA GLY D 335 -13.91 -0.53 -27.46
C GLY D 335 -13.77 -2.03 -27.38
N THR D 336 -14.86 -2.73 -27.70
CA THR D 336 -14.86 -4.19 -27.64
C THR D 336 -15.08 -4.87 -28.99
N ARG D 337 -15.69 -4.19 -29.96
CA ARG D 337 -15.87 -4.76 -31.29
C ARG D 337 -15.88 -3.63 -32.31
N ALA D 338 -15.75 -4.02 -33.57
CA ALA D 338 -15.78 -3.08 -34.68
C ALA D 338 -17.11 -3.24 -35.42
N VAL D 339 -17.66 -2.11 -35.83
CA VAL D 339 -18.74 -2.03 -36.82
C VAL D 339 -18.07 -1.53 -38.10
N THR D 340 -17.99 -2.39 -39.12
CA THR D 340 -17.14 -2.12 -40.27
C THR D 340 -17.96 -1.65 -41.47
N THR D 341 -17.38 -0.71 -42.22
CA THR D 341 -17.83 -0.36 -43.56
C THR D 341 -16.68 -0.58 -44.53
N GLY D 342 -17.03 -0.92 -45.77
CA GLY D 342 -16.02 -1.14 -46.80
C GLY D 342 -15.35 -2.51 -46.69
N ALA D 343 -14.27 -2.64 -47.45
CA ALA D 343 -13.52 -3.88 -47.52
C ALA D 343 -12.12 -3.56 -48.01
N PRO D 344 -11.16 -4.44 -47.78
CA PRO D 344 -9.77 -4.15 -48.19
C PRO D 344 -9.63 -4.10 -49.70
N ARG D 345 -8.83 -3.13 -50.18
CA ARG D 345 -8.38 -3.15 -51.56
C ARG D 345 -7.78 -4.52 -51.88
N PRO D 346 -8.14 -5.13 -53.02
CA PRO D 346 -7.45 -6.39 -53.42
C PRO D 346 -5.94 -6.20 -53.52
N ALA D 347 -5.51 -5.06 -54.05
CA ALA D 347 -4.08 -4.79 -54.18
C ALA D 347 -3.39 -4.80 -52.83
N TRP D 348 -4.08 -4.32 -51.78
CA TRP D 348 -3.50 -4.32 -50.45
C TRP D 348 -3.37 -5.75 -49.90
N LEU D 349 -4.46 -6.52 -49.92
CA LEU D 349 -4.39 -7.92 -49.50
C LEU D 349 -3.31 -8.66 -50.27
N ASP D 350 -3.28 -8.49 -51.59
CA ASP D 350 -2.28 -9.19 -52.40
C ASP D 350 -0.87 -8.70 -52.10
N ARG D 351 -0.71 -7.44 -51.69
CA ARG D 351 0.64 -6.99 -51.35
C ARG D 351 1.07 -7.49 -49.97
N CYS D 352 0.14 -7.57 -49.02
CA CYS D 352 0.45 -8.16 -47.71
C CYS D 352 0.77 -9.65 -47.84
N ALA D 353 0.04 -10.38 -48.68
CA ALA D 353 0.30 -11.81 -48.84
C ALA D 353 1.68 -12.09 -49.46
N ALA D 354 2.17 -11.21 -50.34
CA ALA D 354 3.46 -11.45 -50.96
C ALA D 354 4.61 -11.16 -50.00
N MET D 355 4.47 -10.13 -49.16
CA MET D 355 5.47 -9.92 -48.11
C MET D 355 5.42 -11.02 -47.07
N ASN D 356 4.22 -11.59 -46.84
CA ASN D 356 4.10 -12.73 -45.95
C ASN D 356 4.88 -13.93 -46.48
N ARG D 357 4.77 -14.20 -47.78
CA ARG D 357 5.52 -15.32 -48.36
C ARG D 357 7.02 -15.04 -48.36
N HIS D 358 7.42 -13.81 -48.64
CA HIS D 358 8.85 -13.48 -48.61
C HIS D 358 9.45 -13.66 -47.22
N ALA D 359 8.70 -13.31 -46.16
CA ALA D 359 9.20 -13.51 -44.81
C ALA D 359 9.31 -14.99 -44.49
N ILE D 360 8.25 -15.77 -44.76
CA ILE D 360 8.30 -17.21 -44.53
C ILE D 360 9.50 -17.83 -45.26
N ALA D 361 9.66 -17.49 -46.54
CA ALA D 361 10.77 -18.00 -47.32
C ALA D 361 12.10 -17.59 -46.72
N ALA D 362 12.24 -16.32 -46.34
CA ALA D 362 13.49 -15.84 -45.79
C ALA D 362 13.89 -16.64 -44.54
N VAL D 363 12.91 -16.96 -43.70
CA VAL D 363 13.22 -17.74 -42.49
C VAL D 363 13.61 -19.17 -42.87
N ARG D 364 12.74 -19.85 -43.63
CA ARG D 364 12.99 -21.23 -43.99
C ARG D 364 14.37 -21.40 -44.64
N GLU D 365 14.76 -20.50 -45.54
CA GLU D 365 15.99 -20.68 -46.31
C GLU D 365 17.22 -20.31 -45.48
N GLN D 366 17.19 -19.17 -44.78
CA GLN D 366 18.34 -18.82 -43.95
C GLN D 366 18.51 -19.80 -42.80
N LEU D 367 17.42 -20.38 -42.29
CA LEU D 367 17.56 -21.49 -41.35
C LEU D 367 18.21 -22.71 -42.02
N ALA D 368 17.77 -23.03 -43.25
CA ALA D 368 18.38 -24.14 -43.97
C ALA D 368 19.86 -23.91 -44.19
N ALA D 369 20.24 -22.69 -44.53
CA ALA D 369 21.63 -22.37 -44.82
C ALA D 369 22.45 -22.08 -43.57
N HIS D 370 21.86 -22.13 -42.40
CA HIS D 370 22.67 -21.89 -41.22
C HIS D 370 23.34 -23.18 -40.78
N PRO D 371 24.65 -23.16 -40.49
CA PRO D 371 25.37 -24.39 -40.17
C PRO D 371 25.26 -24.86 -38.72
N LEU D 372 24.54 -24.13 -37.84
CA LEU D 372 24.45 -24.45 -36.42
C LEU D 372 23.01 -24.41 -35.97
N THR D 373 22.61 -25.37 -35.14
CA THR D 373 21.26 -25.36 -34.59
C THR D 373 21.10 -24.23 -33.58
N THR D 374 20.00 -23.49 -33.70
CA THR D 374 19.67 -22.43 -32.76
C THR D 374 18.27 -22.68 -32.23
N GLY D 375 17.87 -21.85 -31.26
CA GLY D 375 16.52 -21.93 -30.74
C GLY D 375 15.48 -21.74 -31.82
N LEU D 376 15.80 -20.96 -32.85
CA LEU D 376 14.86 -20.74 -33.95
C LEU D 376 14.62 -22.03 -34.74
N HIS D 377 15.68 -22.82 -34.97
CA HIS D 377 15.48 -24.15 -35.56
C HIS D 377 14.62 -25.02 -34.67
N VAL D 378 14.86 -24.99 -33.35
CA VAL D 378 14.11 -25.84 -32.44
C VAL D 378 12.64 -25.46 -32.46
N ALA D 379 12.36 -24.15 -32.44
CA ALA D 379 10.99 -23.67 -32.56
C ALA D 379 10.36 -24.09 -33.90
N ALA D 380 11.11 -23.96 -35.00
CA ALA D 380 10.60 -24.43 -36.29
C ALA D 380 10.19 -25.90 -36.25
N ALA D 381 11.01 -26.76 -35.63
CA ALA D 381 10.71 -28.19 -35.56
C ALA D 381 9.48 -28.46 -34.69
N VAL D 382 9.44 -27.89 -33.48
CA VAL D 382 8.25 -28.05 -32.64
C VAL D 382 6.99 -27.65 -33.40
N SER D 383 7.05 -26.57 -34.18
CA SER D 383 5.87 -26.09 -34.90
C SER D 383 5.36 -27.09 -35.91
N HIS D 384 6.26 -27.84 -36.57
CA HIS D 384 5.83 -28.85 -37.53
C HIS D 384 5.25 -30.08 -36.82
N ALA D 385 5.81 -30.45 -35.67
CA ALA D 385 5.37 -31.65 -34.97
C ALA D 385 3.99 -31.49 -34.34
N LEU D 386 3.40 -30.31 -34.35
CA LEU D 386 2.14 -30.07 -33.67
C LEU D 386 0.94 -30.48 -34.53
N ARG D 387 -0.11 -30.92 -33.87
CA ARG D 387 -1.33 -31.31 -34.55
C ARG D 387 -2.54 -30.73 -33.81
N PRO D 388 -3.70 -30.66 -34.47
CA PRO D 388 -4.88 -30.09 -33.81
C PRO D 388 -5.23 -30.81 -32.51
N GLY D 389 -5.74 -30.04 -31.54
CA GLY D 389 -6.05 -30.55 -30.23
C GLY D 389 -4.88 -30.57 -29.27
N ASP D 390 -3.64 -30.38 -29.75
CA ASP D 390 -2.51 -30.22 -28.86
C ASP D 390 -2.64 -28.95 -28.03
N GLN D 391 -1.93 -28.93 -26.90
CA GLN D 391 -1.72 -27.73 -26.10
C GLN D 391 -0.24 -27.39 -26.17
N LEU D 392 0.07 -26.16 -26.58
CA LEU D 392 1.43 -25.66 -26.63
C LEU D 392 1.61 -24.65 -25.50
N VAL D 393 2.72 -24.78 -24.77
CA VAL D 393 3.07 -23.90 -23.65
C VAL D 393 4.42 -23.27 -23.95
N LEU D 394 4.48 -21.94 -23.97
CA LEU D 394 5.67 -21.24 -24.43
C LEU D 394 6.29 -20.46 -23.28
N GLY D 395 7.60 -20.67 -23.07
CA GLY D 395 8.33 -19.79 -22.18
C GLY D 395 8.48 -18.39 -22.75
N ALA D 396 8.83 -17.46 -21.87
CA ALA D 396 9.18 -16.11 -22.29
C ALA D 396 10.50 -16.18 -23.07
N SER D 397 11.08 -15.01 -23.39
CA SER D 397 12.35 -14.90 -24.12
C SER D 397 12.18 -15.35 -25.57
N ASN D 398 13.21 -15.96 -26.16
CA ASN D 398 13.15 -16.31 -27.58
C ASN D 398 12.03 -17.30 -27.92
N PRO D 399 11.73 -18.33 -27.12
CA PRO D 399 10.74 -19.32 -27.59
C PRO D 399 9.40 -18.75 -28.04
N VAL D 400 8.80 -17.84 -27.27
CA VAL D 400 7.47 -17.38 -27.69
C VAL D 400 7.58 -16.57 -28.98
N ARG D 401 8.70 -15.88 -29.16
CA ARG D 401 8.95 -15.11 -30.39
C ARG D 401 9.40 -16.01 -31.54
N ASP D 402 10.29 -16.96 -31.26
CA ASP D 402 10.77 -17.86 -32.32
C ASP D 402 9.63 -18.64 -32.95
N VAL D 403 8.65 -19.05 -32.14
CA VAL D 403 7.50 -19.76 -32.69
C VAL D 403 6.73 -18.86 -33.65
N ALA D 404 6.66 -17.56 -33.34
CA ALA D 404 6.02 -16.64 -34.28
C ALA D 404 6.89 -16.42 -35.51
N LEU D 405 8.23 -16.38 -35.35
CA LEU D 405 9.10 -16.18 -36.50
C LEU D 405 9.03 -17.38 -37.44
N ALA D 406 8.72 -18.56 -36.90
CA ALA D 406 8.61 -19.77 -37.68
C ALA D 406 7.25 -19.93 -38.34
N GLY D 407 6.35 -18.98 -38.14
CA GLY D 407 5.06 -19.02 -38.82
C GLY D 407 4.11 -20.09 -38.35
N LEU D 408 4.21 -20.52 -37.09
CA LEU D 408 3.27 -21.50 -36.57
C LEU D 408 1.82 -21.07 -36.77
N ASP D 409 1.02 -21.98 -37.32
CA ASP D 409 -0.42 -21.80 -37.49
C ASP D 409 -1.09 -22.35 -36.24
N THR D 410 -1.71 -21.46 -35.47
CA THR D 410 -2.23 -21.84 -34.16
C THR D 410 -3.66 -22.34 -34.21
N ARG D 411 -4.26 -22.48 -35.38
CA ARG D 411 -5.67 -22.86 -35.43
C ARG D 411 -5.81 -24.32 -35.02
N GLY D 412 -6.78 -24.59 -34.14
CA GLY D 412 -6.93 -25.91 -33.54
C GLY D 412 -5.99 -26.21 -32.38
N ILE D 413 -5.08 -25.30 -32.06
CA ILE D 413 -4.08 -25.46 -31.01
C ILE D 413 -4.44 -24.52 -29.86
N ARG D 414 -4.28 -24.99 -28.61
CA ARG D 414 -4.30 -24.07 -27.46
C ARG D 414 -2.89 -23.69 -27.09
N VAL D 415 -2.59 -22.40 -27.22
CA VAL D 415 -1.27 -21.89 -26.89
C VAL D 415 -1.39 -21.09 -25.58
N ARG D 416 -0.52 -21.44 -24.63
CA ARG D 416 -0.47 -20.82 -23.31
C ARG D 416 0.90 -20.18 -23.12
N SER D 417 0.92 -18.98 -22.54
CA SER D 417 2.17 -18.33 -22.18
C SER D 417 1.90 -17.30 -21.09
N ASN D 418 2.83 -17.15 -20.16
CA ASN D 418 2.65 -16.23 -19.05
C ASN D 418 3.03 -14.81 -19.47
N ARG D 419 2.29 -14.26 -20.44
CA ARG D 419 2.54 -12.91 -20.97
C ARG D 419 2.10 -11.79 -20.03
N GLY D 420 1.46 -12.10 -18.90
CA GLY D 420 1.03 -11.04 -18.00
C GLY D 420 2.18 -10.11 -17.62
N VAL D 421 3.29 -10.70 -17.21
CA VAL D 421 4.47 -9.92 -16.86
C VAL D 421 5.69 -10.65 -17.42
N ALA D 422 5.45 -11.69 -18.23
CA ALA D 422 6.47 -12.31 -19.08
C ALA D 422 7.68 -12.81 -18.28
N GLY D 423 7.45 -13.34 -17.09
CA GLY D 423 8.55 -13.86 -16.30
C GLY D 423 9.12 -15.13 -16.90
N ILE D 424 10.40 -15.38 -16.64
CA ILE D 424 11.00 -16.68 -16.92
C ILE D 424 10.90 -17.62 -15.73
N ASP D 425 10.22 -17.20 -14.67
CA ASP D 425 10.05 -18.00 -13.47
C ASP D 425 8.76 -18.81 -13.57
N GLY D 426 8.78 -20.01 -12.99
CA GLY D 426 7.59 -20.84 -12.86
C GLY D 426 7.02 -21.48 -14.12
N THR D 427 7.75 -21.50 -15.25
CA THR D 427 7.15 -22.01 -16.48
C THR D 427 7.00 -23.53 -16.47
N VAL D 428 7.84 -24.23 -15.70
CA VAL D 428 7.73 -25.69 -15.64
C VAL D 428 6.42 -26.09 -14.96
N SER D 429 6.15 -25.54 -13.76
CA SER D 429 4.89 -25.85 -13.08
C SER D 429 3.66 -25.33 -13.85
N THR D 430 3.77 -24.17 -14.53
CA THR D 430 2.67 -23.75 -15.41
C THR D 430 2.35 -24.83 -16.46
N ALA D 431 3.38 -25.32 -17.16
CA ALA D 431 3.16 -26.39 -18.15
C ALA D 431 2.55 -27.62 -17.51
N ILE D 432 3.08 -28.03 -16.35
CA ILE D 432 2.58 -29.21 -15.67
C ILE D 432 1.12 -29.02 -15.28
N GLY D 433 0.80 -27.88 -14.68
CA GLY D 433 -0.58 -27.64 -14.29
C GLY D 433 -1.50 -27.51 -15.49
N ALA D 434 -0.99 -26.95 -16.59
CA ALA D 434 -1.82 -26.82 -17.79
C ALA D 434 -2.11 -28.18 -18.40
N ALA D 435 -1.09 -29.04 -18.49
CA ALA D 435 -1.31 -30.42 -18.93
C ALA D 435 -2.33 -31.12 -18.05
N LEU D 436 -2.22 -30.98 -16.73
CA LEU D 436 -3.11 -31.67 -15.81
C LEU D 436 -4.55 -31.21 -15.98
N ALA D 437 -4.76 -29.89 -16.08
CA ALA D 437 -6.13 -29.39 -16.20
C ALA D 437 -6.71 -29.76 -17.55
N TYR D 438 -5.87 -29.73 -18.58
CA TYR D 438 -6.33 -30.00 -19.93
C TYR D 438 -6.68 -31.48 -20.10
N GLU D 439 -5.83 -32.37 -19.59
CA GLU D 439 -6.15 -33.79 -19.61
C GLU D 439 -7.40 -34.07 -18.78
N GLY D 440 -7.52 -33.43 -17.62
CA GLY D 440 -8.70 -33.62 -16.80
C GLY D 440 -9.99 -33.31 -17.52
N ALA D 441 -9.98 -32.25 -18.34
CA ALA D 441 -11.19 -31.92 -19.09
C ALA D 441 -11.48 -32.95 -20.17
N HIS D 442 -10.43 -33.44 -20.83
CA HIS D 442 -10.62 -34.46 -21.85
C HIS D 442 -11.11 -35.77 -21.24
N GLU D 443 -10.56 -36.16 -20.10
CA GLU D 443 -11.05 -37.33 -19.39
C GLU D 443 -12.55 -37.23 -19.16
N ARG D 444 -13.02 -36.06 -18.70
CA ARG D 444 -14.41 -35.92 -18.29
C ARG D 444 -15.37 -36.04 -19.47
N THR D 445 -14.91 -35.74 -20.68
CA THR D 445 -15.73 -36.01 -21.86
C THR D 445 -15.98 -37.50 -22.05
N GLY D 446 -15.29 -38.37 -21.31
CA GLY D 446 -15.45 -39.80 -21.40
C GLY D 446 -14.83 -40.43 -22.63
N SER D 447 -14.23 -39.64 -23.51
CA SER D 447 -13.78 -40.12 -24.81
C SER D 447 -12.77 -41.27 -24.64
N PRO D 448 -12.81 -42.27 -25.51
CA PRO D 448 -11.86 -43.39 -25.37
C PRO D 448 -10.45 -43.02 -25.77
N ASP D 449 -10.28 -41.95 -26.54
CA ASP D 449 -8.98 -41.61 -27.09
C ASP D 449 -7.99 -41.25 -25.98
N SER D 450 -6.70 -41.44 -26.29
CA SER D 450 -5.65 -41.08 -25.36
C SER D 450 -5.71 -39.58 -25.05
N PRO D 451 -5.19 -39.16 -23.89
CA PRO D 451 -5.25 -37.75 -23.53
C PRO D 451 -4.48 -36.91 -24.52
N PRO D 452 -5.01 -35.75 -24.92
CA PRO D 452 -4.29 -34.90 -25.89
C PRO D 452 -2.95 -34.48 -25.33
N ARG D 453 -1.97 -34.35 -26.22
CA ARG D 453 -0.62 -33.99 -25.82
C ARG D 453 -0.56 -32.55 -25.30
N THR D 454 0.35 -32.30 -24.38
CA THR D 454 0.82 -30.96 -24.05
C THR D 454 2.30 -30.91 -24.33
N ILE D 455 2.71 -29.95 -25.14
CA ILE D 455 4.10 -29.77 -25.53
C ILE D 455 4.51 -28.38 -25.09
N ALA D 456 5.53 -28.31 -24.24
CA ALA D 456 6.09 -27.05 -23.79
C ALA D 456 7.39 -26.79 -24.54
N LEU D 457 7.63 -25.53 -24.90
CA LEU D 457 8.92 -25.13 -25.44
C LEU D 457 9.43 -23.99 -24.59
N ILE D 458 10.59 -24.18 -23.94
CA ILE D 458 11.15 -23.20 -23.01
C ILE D 458 12.65 -23.16 -23.19
N GLY D 459 13.25 -22.03 -22.79
CA GLY D 459 14.68 -21.90 -22.91
C GLY D 459 15.39 -22.52 -21.73
N ASP D 460 16.72 -22.58 -21.82
CA ASP D 460 17.49 -23.25 -20.78
C ASP D 460 17.46 -22.48 -19.45
N LEU D 461 17.62 -21.14 -19.49
CA LEU D 461 17.48 -20.34 -18.26
C LEU D 461 16.11 -20.53 -17.64
N THR D 462 15.06 -20.58 -18.47
CA THR D 462 13.70 -20.76 -17.97
C THR D 462 13.56 -22.09 -17.27
N PHE D 463 14.19 -23.14 -17.83
CA PHE D 463 14.16 -24.46 -17.23
C PHE D 463 14.93 -24.51 -15.90
N VAL D 464 16.09 -23.86 -15.82
CA VAL D 464 16.82 -23.89 -14.57
C VAL D 464 16.09 -23.10 -13.50
N HIS D 465 15.46 -22.00 -13.90
CA HIS D 465 14.70 -21.18 -12.96
C HIS D 465 13.68 -22.01 -12.17
N ASP D 466 12.93 -22.88 -12.86
CA ASP D 466 11.85 -23.61 -12.21
C ASP D 466 12.07 -25.12 -12.25
N SER D 467 13.33 -25.57 -12.17
CA SER D 467 13.58 -27.01 -12.16
C SER D 467 12.91 -27.68 -10.96
N SER D 468 12.86 -27.00 -9.81
CA SER D 468 12.16 -27.53 -8.65
C SER D 468 10.73 -27.96 -8.97
N GLY D 469 10.11 -27.38 -10.00
CA GLY D 469 8.78 -27.81 -10.37
C GLY D 469 8.74 -29.24 -10.89
N LEU D 470 9.90 -29.81 -11.23
CA LEU D 470 9.95 -31.18 -11.72
C LEU D 470 9.72 -32.21 -10.63
N LEU D 471 9.80 -31.81 -9.37
CA LEU D 471 9.78 -32.75 -8.23
C LEU D 471 8.34 -32.94 -7.76
N ILE D 472 7.74 -34.08 -8.11
CA ILE D 472 6.35 -34.35 -7.80
C ILE D 472 6.27 -35.69 -7.08
N GLY D 473 5.90 -35.67 -5.80
CA GLY D 473 5.79 -36.89 -5.02
C GLY D 473 4.82 -37.90 -5.62
N PRO D 474 5.06 -39.19 -5.38
CA PRO D 474 4.16 -40.23 -5.94
C PRO D 474 2.72 -40.07 -5.48
N THR D 475 2.48 -39.35 -4.40
CA THR D 475 1.13 -39.14 -3.91
C THR D 475 0.34 -38.09 -4.69
N GLU D 476 0.91 -37.49 -5.73
CA GLU D 476 0.34 -36.30 -6.36
C GLU D 476 0.01 -36.54 -7.82
N PRO D 477 -0.93 -35.77 -8.39
CA PRO D 477 -1.24 -35.93 -9.81
C PRO D 477 -0.04 -35.60 -10.68
N ILE D 478 0.14 -36.39 -11.73
CA ILE D 478 1.25 -36.24 -12.66
C ILE D 478 0.66 -36.27 -14.06
N PRO D 479 1.10 -35.38 -14.96
CA PRO D 479 0.54 -35.39 -16.32
C PRO D 479 0.79 -36.72 -17.00
N ARG D 480 -0.14 -37.10 -17.88
CA ARG D 480 -0.02 -38.34 -18.64
C ARG D 480 0.63 -38.14 -20.00
N SER D 481 0.68 -36.91 -20.52
CA SER D 481 1.12 -36.70 -21.88
C SER D 481 1.76 -35.32 -22.02
N LEU D 482 2.73 -35.01 -21.17
CA LEU D 482 3.41 -33.72 -21.20
C LEU D 482 4.84 -33.92 -21.67
N THR D 483 5.22 -33.20 -22.71
CA THR D 483 6.60 -33.17 -23.16
C THR D 483 7.12 -31.75 -23.04
N ILE D 484 8.20 -31.58 -22.29
CA ILE D 484 8.85 -30.28 -22.18
C ILE D 484 10.07 -30.31 -23.08
N VAL D 485 10.09 -29.43 -24.07
CA VAL D 485 11.24 -29.32 -24.97
C VAL D 485 12.07 -28.14 -24.49
N VAL D 486 13.31 -28.42 -24.10
CA VAL D 486 14.21 -27.40 -23.60
C VAL D 486 15.23 -27.09 -24.69
N SER D 487 15.17 -25.89 -25.24
CA SER D 487 16.14 -25.46 -26.25
C SER D 487 17.29 -24.80 -25.50
N ASN D 488 18.41 -25.51 -25.40
CA ASN D 488 19.47 -25.13 -24.45
C ASN D 488 20.65 -24.56 -25.21
N ASP D 489 20.75 -23.22 -25.22
CA ASP D 489 21.92 -22.54 -25.74
C ASP D 489 22.79 -21.96 -24.64
N ASN D 490 22.71 -22.57 -23.44
CA ASN D 490 23.62 -22.30 -22.33
C ASN D 490 23.71 -20.79 -22.04
N GLY D 491 22.56 -20.14 -22.00
CA GLY D 491 22.51 -18.74 -21.65
C GLY D 491 21.25 -18.07 -22.20
N GLY D 492 21.26 -16.75 -22.11
CA GLY D 492 20.10 -15.96 -22.50
C GLY D 492 20.16 -15.51 -23.94
N GLY D 493 19.58 -16.29 -24.85
CA GLY D 493 19.77 -16.03 -26.27
C GLY D 493 19.17 -14.72 -26.75
N ILE D 494 18.07 -14.28 -26.12
CA ILE D 494 17.38 -13.10 -26.59
C ILE D 494 18.30 -11.87 -26.56
N PHE D 495 19.24 -11.82 -25.62
CA PHE D 495 20.05 -10.62 -25.49
C PHE D 495 21.07 -10.48 -26.62
N GLU D 496 21.37 -11.56 -27.36
CA GLU D 496 22.18 -11.40 -28.56
C GLU D 496 21.51 -10.53 -29.61
N LEU D 497 20.18 -10.41 -29.54
CA LEU D 497 19.41 -9.69 -30.53
C LEU D 497 19.04 -8.28 -30.09
N LEU D 498 19.47 -7.84 -28.91
CA LEU D 498 19.23 -6.48 -28.41
C LEU D 498 20.50 -5.65 -28.58
N GLU D 499 20.44 -4.38 -28.17
CA GLU D 499 21.58 -3.50 -28.33
C GLU D 499 22.80 -4.01 -27.58
N GLN D 500 22.57 -4.63 -26.41
CA GLN D 500 23.68 -5.21 -25.68
C GLN D 500 24.30 -6.39 -26.42
N GLY D 501 23.62 -6.91 -27.43
CA GLY D 501 24.15 -7.95 -28.29
C GLY D 501 25.03 -7.44 -29.41
N ASP D 502 25.17 -6.13 -29.55
CA ASP D 502 26.06 -5.58 -30.57
C ASP D 502 27.48 -6.07 -30.34
N PRO D 503 28.25 -6.32 -31.41
CA PRO D 503 29.61 -6.83 -31.22
C PRO D 503 30.54 -5.91 -30.44
N ARG D 504 30.28 -4.60 -30.38
CA ARG D 504 31.16 -3.72 -29.61
C ARG D 504 31.12 -4.00 -28.11
N PHE D 505 30.18 -4.84 -27.65
CA PHE D 505 30.09 -5.27 -26.26
C PHE D 505 30.53 -6.74 -26.08
N SER D 506 31.26 -7.29 -27.05
CA SER D 506 31.47 -8.74 -27.14
C SER D 506 32.07 -9.32 -25.86
N ASP D 507 33.09 -8.67 -25.33
CA ASP D 507 33.72 -9.18 -24.11
C ASP D 507 32.80 -9.04 -22.91
N VAL D 508 32.05 -7.94 -22.86
CA VAL D 508 31.32 -7.56 -21.65
C VAL D 508 29.97 -8.28 -21.55
N SER D 509 29.25 -8.40 -22.66
CA SER D 509 27.88 -8.91 -22.59
C SER D 509 27.80 -10.39 -22.27
N SER D 510 28.85 -11.16 -22.56
CA SER D 510 28.80 -12.59 -22.34
C SER D 510 28.53 -12.91 -20.87
N ARG D 511 29.14 -12.17 -19.96
CA ARG D 511 28.98 -12.49 -18.55
C ARG D 511 27.67 -11.93 -18.00
N ILE D 512 27.39 -10.63 -18.20
CA ILE D 512 26.23 -9.99 -17.57
C ILE D 512 24.92 -10.14 -18.36
N PHE D 513 24.96 -10.59 -19.62
CA PHE D 513 23.71 -10.89 -20.33
C PHE D 513 23.66 -12.31 -20.88
N GLY D 514 24.78 -12.83 -21.40
CA GLY D 514 24.79 -14.21 -21.84
C GLY D 514 24.50 -15.17 -20.69
N THR D 515 25.07 -14.89 -19.52
CA THR D 515 24.91 -15.65 -18.28
C THR D 515 25.02 -17.17 -18.46
N PRO D 516 26.13 -17.67 -19.03
CA PRO D 516 26.28 -19.12 -19.20
C PRO D 516 26.36 -19.84 -17.86
N HIS D 517 25.96 -21.12 -17.87
CA HIS D 517 25.83 -21.87 -16.63
C HIS D 517 26.37 -23.31 -16.67
N ASP D 518 26.47 -23.95 -17.84
CA ASP D 518 27.03 -25.31 -17.96
C ASP D 518 26.25 -26.35 -17.16
N VAL D 519 24.94 -26.18 -17.01
CA VAL D 519 24.16 -27.17 -16.29
C VAL D 519 24.03 -28.43 -17.14
N ASP D 520 24.16 -29.58 -16.49
CA ASP D 520 23.90 -30.88 -17.10
C ASP D 520 22.42 -31.18 -16.90
N VAL D 521 21.62 -30.86 -17.91
CA VAL D 521 20.19 -31.07 -17.85
C VAL D 521 19.86 -32.53 -17.57
N GLY D 522 20.57 -33.46 -18.23
CA GLY D 522 20.24 -34.87 -18.05
C GLY D 522 20.35 -35.31 -16.61
N ALA D 523 21.42 -34.90 -15.93
CA ALA D 523 21.58 -35.22 -14.52
C ALA D 523 20.42 -34.67 -13.69
N LEU D 524 20.08 -33.40 -13.92
CA LEU D 524 18.98 -32.77 -13.18
C LEU D 524 17.69 -33.55 -13.35
N CYS D 525 17.40 -33.98 -14.57
CA CYS D 525 16.22 -34.80 -14.81
C CYS D 525 16.33 -36.14 -14.10
N ARG D 526 17.51 -36.76 -14.14
CA ARG D 526 17.68 -38.02 -13.44
C ARG D 526 17.44 -37.83 -11.94
N ALA D 527 17.95 -36.74 -11.38
CA ALA D 527 17.82 -36.51 -9.94
C ALA D 527 16.36 -36.53 -9.52
N TYR D 528 15.47 -36.03 -10.38
CA TYR D 528 14.06 -35.97 -10.05
C TYR D 528 13.26 -37.15 -10.60
N HIS D 529 13.94 -38.16 -11.16
CA HIS D 529 13.29 -39.33 -11.74
C HIS D 529 12.33 -38.92 -12.86
N VAL D 530 12.80 -38.06 -13.73
CA VAL D 530 12.04 -37.57 -14.86
C VAL D 530 12.70 -38.10 -16.13
N GLU D 531 11.93 -38.81 -16.96
CA GLU D 531 12.45 -39.32 -18.23
C GLU D 531 13.00 -38.19 -19.07
N SER D 532 14.22 -38.37 -19.58
CA SER D 532 14.94 -37.32 -20.29
C SER D 532 15.69 -37.91 -21.47
N ARG D 533 15.88 -37.10 -22.51
CA ARG D 533 16.60 -37.50 -23.71
C ARG D 533 17.21 -36.26 -24.35
N GLN D 534 18.47 -36.35 -24.75
CA GLN D 534 19.13 -35.29 -25.52
C GLN D 534 19.17 -35.70 -26.97
N ILE D 535 18.61 -34.86 -27.85
CA ILE D 535 18.45 -35.19 -29.26
C ILE D 535 18.82 -34.00 -30.11
N GLU D 536 19.06 -34.26 -31.39
CA GLU D 536 19.35 -33.22 -32.36
C GLU D 536 18.06 -32.75 -33.01
N VAL D 537 18.12 -31.55 -33.61
CA VAL D 537 16.89 -30.86 -33.99
C VAL D 537 16.06 -31.69 -34.97
N ASP D 538 16.71 -32.43 -35.86
CA ASP D 538 15.96 -33.22 -36.84
C ASP D 538 15.34 -34.47 -36.24
N GLU D 539 15.83 -34.95 -35.09
CA GLU D 539 15.14 -36.03 -34.39
C GLU D 539 13.99 -35.53 -33.53
N LEU D 540 13.82 -34.20 -33.39
CA LEU D 540 12.84 -33.69 -32.44
C LEU D 540 11.43 -34.10 -32.84
N GLY D 541 11.06 -33.87 -34.09
CA GLY D 541 9.77 -34.26 -34.63
C GLY D 541 9.45 -35.73 -34.39
N PRO D 542 10.31 -36.64 -34.89
CA PRO D 542 10.07 -38.07 -34.68
C PRO D 542 9.90 -38.47 -33.23
N THR D 543 10.79 -38.01 -32.36
CA THR D 543 10.68 -38.28 -30.92
C THR D 543 9.34 -37.81 -30.38
N LEU D 544 8.87 -36.61 -30.78
CA LEU D 544 7.61 -36.14 -30.24
C LEU D 544 6.41 -36.89 -30.79
N ASP D 545 6.53 -37.45 -32.01
CA ASP D 545 5.45 -38.28 -32.55
C ASP D 545 5.30 -39.56 -31.76
N GLN D 546 6.40 -40.13 -31.28
CA GLN D 546 6.34 -41.37 -30.52
C GLN D 546 6.00 -41.05 -29.07
N PRO D 547 4.89 -41.55 -28.54
CA PRO D 547 4.56 -41.27 -27.13
C PRO D 547 5.60 -41.85 -26.18
N GLY D 548 5.60 -41.31 -24.95
CA GLY D 548 6.51 -41.74 -23.91
C GLY D 548 5.87 -41.73 -22.53
N ALA D 549 6.71 -41.71 -21.49
CA ALA D 549 6.20 -41.57 -20.13
C ALA D 549 5.35 -40.31 -20.01
N GLY D 550 4.46 -40.32 -19.01
CA GLY D 550 3.52 -39.23 -18.84
C GLY D 550 4.18 -37.87 -18.88
N MET D 551 5.42 -37.78 -18.42
CA MET D 551 6.14 -36.52 -18.28
C MET D 551 7.57 -36.78 -18.70
N ARG D 552 8.11 -35.91 -19.55
CA ARG D 552 9.46 -36.12 -20.04
C ARG D 552 10.04 -34.81 -20.57
N VAL D 553 11.36 -34.72 -20.51
CA VAL D 553 12.10 -33.56 -20.98
C VAL D 553 12.94 -33.97 -22.20
N LEU D 554 12.75 -33.26 -23.33
CA LEU D 554 13.60 -33.41 -24.52
C LEU D 554 14.51 -32.20 -24.63
N GLU D 555 15.81 -32.41 -24.45
CA GLU D 555 16.79 -31.34 -24.57
C GLU D 555 17.43 -31.34 -25.95
N VAL D 556 17.47 -30.17 -26.58
CA VAL D 556 18.17 -29.96 -27.84
C VAL D 556 19.22 -28.89 -27.61
N LYS D 557 20.48 -29.25 -27.79
CA LYS D 557 21.56 -28.27 -27.67
C LYS D 557 21.48 -27.26 -28.81
N ALA D 558 21.71 -26.00 -28.49
CA ALA D 558 21.69 -24.95 -29.48
C ALA D 558 22.84 -24.02 -29.23
N ASP D 559 23.10 -23.16 -30.20
CA ASP D 559 24.15 -22.16 -30.17
C ASP D 559 23.51 -20.79 -30.22
N ARG D 560 24.02 -19.85 -29.43
CA ARG D 560 23.58 -18.47 -29.51
C ARG D 560 24.67 -17.52 -30.00
N SER D 561 25.92 -17.97 -30.11
CA SER D 561 27.00 -17.12 -30.62
C SER D 561 26.74 -16.68 -32.05
N SER D 562 26.00 -17.47 -32.83
CA SER D 562 25.71 -17.12 -34.21
C SER D 562 24.30 -16.55 -34.40
N LEU D 563 23.58 -16.30 -33.30
CA LEU D 563 22.16 -15.98 -33.39
C LEU D 563 21.94 -14.59 -34.01
N ARG D 564 22.71 -13.58 -33.57
CA ARG D 564 22.58 -12.26 -34.16
C ARG D 564 22.89 -12.28 -35.66
N GLN D 565 23.79 -13.15 -36.10
CA GLN D 565 24.07 -13.25 -37.52
CA GLN D 565 24.09 -13.27 -37.52
C GLN D 565 22.91 -13.90 -38.26
N LEU D 566 22.43 -15.03 -37.75
CA LEU D 566 21.25 -15.67 -38.34
C LEU D 566 20.11 -14.69 -38.54
N HIS D 567 19.77 -13.93 -37.50
CA HIS D 567 18.69 -12.95 -37.63
C HIS D 567 19.05 -11.87 -38.62
N ALA D 568 20.33 -11.49 -38.67
CA ALA D 568 20.76 -10.52 -39.68
C ALA D 568 20.65 -11.12 -41.09
N ALA D 569 20.92 -12.42 -41.23
CA ALA D 569 20.79 -13.03 -42.55
C ALA D 569 19.34 -13.14 -42.98
N ILE D 570 18.43 -13.38 -42.02
CA ILE D 570 17.00 -13.45 -42.33
C ILE D 570 16.49 -12.09 -42.78
N LYS D 571 16.92 -11.03 -42.10
CA LYS D 571 16.52 -9.68 -42.47
C LYS D 571 17.02 -9.33 -43.86
N ALA D 572 18.27 -9.69 -44.17
CA ALA D 572 18.84 -9.37 -45.47
C ALA D 572 18.20 -10.16 -46.60
N ALA D 573 17.66 -11.34 -46.31
CA ALA D 573 16.95 -12.15 -47.29
C ALA D 573 15.50 -11.75 -47.42
N LEU D 574 15.04 -10.80 -46.62
CA LEU D 574 13.66 -10.37 -46.71
C LEU D 574 13.40 -9.77 -48.08
MG MG E . 16.33 -34.98 6.08
C FMT F . 22.79 14.42 -16.89
O1 FMT F . 22.71 13.20 -17.03
O2 FMT F . 22.27 15.24 -17.66
C FMT G . 28.06 -15.53 15.62
O1 FMT G . 27.44 -15.08 14.66
O2 FMT G . 28.62 -16.65 15.65
C FMT H . 27.09 -45.17 16.72
O1 FMT H . 26.46 -44.85 15.72
O2 FMT H . 27.02 -44.60 17.81
C FMT I . 13.93 -7.38 -19.44
O1 FMT I . 14.85 -8.18 -19.66
O2 FMT I . 14.10 -6.18 -19.23
P1 DPO J . 15.59 -31.46 6.17
O1 DPO J . 14.21 -30.94 6.54
O2 DPO J . 16.40 -30.41 5.45
O3 DPO J . 15.60 -32.80 5.45
O4 DPO J . 16.30 -31.66 7.62
P2 DPO J . 16.47 -33.04 8.46
O5 DPO J . 16.04 -34.19 7.58
O6 DPO J . 15.57 -32.81 9.67
O7 DPO J . 17.94 -33.08 8.78
C FMT K . 7.13 20.61 -23.43
O1 FMT K . 6.91 20.23 -22.27
O2 FMT K . 8.14 20.32 -24.10
C FMT L . -33.33 10.30 -9.11
O1 FMT L . -34.26 11.03 -8.70
O2 FMT L . -32.12 10.48 -8.89
C FMT M . 1.70 25.13 -1.45
O1 FMT M . 1.83 24.46 -2.46
O2 FMT M . 0.69 25.82 -1.32
C1 GOL N . -43.56 5.30 -2.29
O1 GOL N . -43.83 5.60 -0.93
C2 GOL N . -42.49 4.21 -2.38
O2 GOL N . -42.45 3.44 -1.19
C3 GOL N . -42.78 3.24 -3.51
O3 GOL N . -42.74 3.78 -4.81
O21 TOG O . -3.23 35.23 4.80
P2 TOG O . -2.18 34.44 5.57
O22 TOG O . -1.72 35.08 6.85
O23 TOG O . -1.08 33.97 4.66
O11 TOG O . -2.87 33.10 6.15
P1 TOG O . -4.33 32.54 5.75
O12 TOG O . -4.66 31.54 6.82
O13 TOG O . -5.35 33.64 5.56
O5G TOG O . -4.14 31.86 4.30
C5B TOG O . -3.37 30.67 4.14
C5A TOG O . -3.07 30.46 2.65
C5 TOG O . -2.37 29.14 2.36
S1 TOG O . -0.73 29.00 2.95
C2 TOG O . -0.72 27.42 2.23
C4 TOG O . -2.81 27.96 1.60
C4A TOG O . -4.17 27.84 0.96
N3 TOG O . -1.83 27.01 1.57
C35 TOG O . -1.96 25.72 0.90
C5' TOG O . -2.76 24.72 1.72
C6' TOG O . -3.98 24.25 1.27
N1' TOG O . -4.65 23.36 2.01
C4' TOG O . -2.28 24.24 3.03
N4' TOG O . -1.09 24.66 3.50
N3' TOG O . -3.04 23.35 3.73
C2' TOG O . -4.22 22.93 3.21
C2A TOG O . -5.07 21.95 3.97
O4 TOG O . 4.67 26.18 4.72
C51 TOG O . 3.48 26.54 4.78
O3 TOG O . 3.03 27.26 5.71
C41 TOG O . 2.51 26.08 3.70
C3 TOG O . 1.49 27.17 3.39
C21 TOG O . 0.66 26.80 2.19
O5 TOG O . 1.16 27.31 1.06
MG MG P . -5.11 35.58 5.36
C FMT Q . 9.38 24.61 22.17
O1 FMT Q . 10.01 25.61 21.77
O2 FMT Q . 9.06 23.62 21.48
C FMT R . 7.08 20.07 25.88
O1 FMT R . 7.47 20.03 24.70
O2 FMT R . 6.59 21.07 26.42
O21 TOG S . 17.98 -18.19 -24.51
P2 TOG S . 16.50 -17.91 -24.72
O22 TOG S . 15.79 -18.78 -25.72
O23 TOG S . 16.27 -16.43 -24.96
O11 TOG S . 15.71 -18.34 -23.36
P1 TOG S . 16.38 -18.62 -21.90
O12 TOG S . 15.29 -19.18 -21.03
O13 TOG S . 17.64 -19.44 -21.99
O5G TOG S . 16.83 -17.17 -21.37
C5B TOG S . 15.87 -16.23 -20.83
C5A TOG S . 16.59 -14.90 -20.62
C5 TOG S . 15.68 -13.78 -20.14
S1 TOG S . 14.43 -13.27 -21.21
C2 TOG S . 13.96 -12.08 -20.00
C4 TOG S . 15.73 -13.02 -18.93
C4A TOG S . 16.75 -13.29 -17.86
N3 TOG S . 14.73 -12.05 -18.89
C35 TOG S . 14.50 -11.14 -17.78
C5' TOG S . 13.79 -11.85 -16.65
C6' TOG S . 14.44 -12.06 -15.46
N1' TOG S . 13.83 -12.69 -14.46
C4' TOG S . 12.43 -12.40 -16.76
N4' TOG S . 11.70 -12.26 -17.89
N3' TOG S . 11.88 -13.03 -15.71
C2' TOG S . 12.58 -13.17 -14.57
C2A TOG S . 11.97 -13.88 -13.39
O4 TOG S . 8.92 -10.36 -23.11
C51 TOG S . 9.74 -11.18 -22.63
O3 TOG S . 9.68 -12.41 -22.90
C41 TOG S . 10.81 -10.63 -21.71
C3 TOG S . 11.90 -11.66 -21.41
C21 TOG S . 12.92 -11.09 -20.45
O5 TOG S . 13.72 -10.29 -21.15
MG MG T . 18.83 -19.80 -23.63
C FMT U . 1.48 -15.02 -38.16
O1 FMT U . 2.49 -15.69 -38.46
O2 FMT U . 1.44 -13.77 -38.06
C ACT V . -5.87 -19.79 -27.27
O ACT V . -4.82 -20.14 -27.89
OXT ACT V . -5.76 -19.39 -26.08
CH3 ACT V . -7.22 -19.85 -27.92
C ACT W . 25.42 -26.96 -30.96
O ACT W . 24.98 -26.29 -31.92
OXT ACT W . 25.81 -26.34 -29.94
CH3 ACT W . 25.47 -28.47 -31.03
C ACT X . -20.20 -28.78 -11.01
O ACT X . -21.25 -28.67 -10.34
OXT ACT X . -19.48 -29.77 -10.71
CH3 ACT X . -19.84 -27.80 -12.09
#